data_7AO8
#
_entry.id   7AO8
#
_cell.length_a   1.00
_cell.length_b   1.00
_cell.length_c   1.00
_cell.angle_alpha   90.00
_cell.angle_beta   90.00
_cell.angle_gamma   90.00
#
_symmetry.space_group_name_H-M   'P 1'
#
loop_
_entity.id
_entity.type
_entity.pdbx_description
1 polymer 'Methyl-CpG-binding domain protein 2'
2 polymer 'Metastasis-associated protein MTA1'
3 polymer 'Histone deacetylase 1'
4 non-polymer 'INOSITOL HEXAKISPHOSPHATE'
5 non-polymer 'ZINC ION'
6 non-polymer 'POTASSIUM ION'
#
loop_
_entity_poly.entity_id
_entity_poly.type
_entity_poly.pdbx_seq_one_letter_code
_entity_poly.pdbx_strand_id
1 'polypeptide(L)'
;MRAHPGGGRCCPEQEEGESAAGGSGAGGDSAIEQGGQGSALAPSPVSGVRREGARGGGRGRGRWKQAGRGGGVCGRGRGR
GRGRGRGRGRGRGRGRPPSGGSGLGGDGGGCGGGGSGGGGAPRREPVPFPSGSAGPGPRGPRATESGKRMDCPALPPGWK
KEEVIRKSGLSAGKSDVYYFSPSGKKFRSKPQLARYLGNTVDLSSFDFRTGKMMPSKLQKNKQRLRNDPLNQNKGKPDLN
TTLPIRQTASIFKQPVTKVTNHPSNKVKSDPQRMNEQPRQLFWEKRLQGLSASDVTEQIIKTMELPKGLQGVGPGSNDET
LLSAVASALHTSSAPITGQVSAAVEKNPAVWLNTSQPLCKAFIVTDEDIRKQEERVQQVRKKLEEALMADILSRAADTEE
MDIEMDSGDEA
;
C
2 'polypeptide(L)'
;MAANMYRVGDYVYFENSSSNPYLIRRIEELNKTANGNVEAKVVCFYRRRDISSTLIALADKHATLSVCYKAGPGADNGEE
GEIEEEMENPEMVDLPEKLKHQLRHRELFLSRQLESLPATHIRGKCSVTLLNETESLKSYLEREDFFFYSLVYDPQQKTL
LADKGEIRVGNRYQADITDLLKEGEEDGRDQSRLETQVWEAHNPLTDKQIDQFLVVARSVGTFARALDCSSSVRQPSLHM
SAAAASRDITLFHAMDTLHKNIYDISKAISALVPQGGPVLCRDEMEEWSASEANLFEEALEKYGKDFTDIQQDFLPWKSL
TSIIEYYYMWKTTDRYVQQKRLKAAEAESKLKQVYIPNYNKPNPNQISVNNVKAGVVNGTGAPGQSPGAGRACESCYTTQ
SYQWYSWGPPNMQCRLCASCWTYWKKYGGLKMPTRLDGERPGPNRSNMSPHGLPARSSGSPKFAMKTRQAFYLHTTKLTR
IARRLCREILRPWHAARHPYLPINSAAIKAECTARLPEASQSPLVLKQAVRKPLEAVLRYLETHPRPPKPDPVKSVSSVL
SSLTPAKVAPVINNGSPTILGKRSYEQHNGVDGNMKKRLLMPSRGLANHGQARHMGPSRNLLLNGKSYPTKVRLIRGGSL
PPVKRRRMNWIDAPDDVFYMATEETRKIRKLLSSSETKRAARRPYKPIALRQSQALPPRPPPPAPVNDEPIVIED
;
D,A
3 'polypeptide(L)'
;MAQTQGTRRKVCYYYDGDVGNYYYGQGHPMKPHRIRMTHNLLLNYGLYRKMEIYRPHKANAEEMTKYHSDDYIKFLRSIR
PDNMSEYSKQMQRFNVGEDCPVFDGLFEFCQLSTGGSVASAVKLNKQQTDIAVNWAGGLHHAKKSEASGFCYVNDIVLAI
LELLKYHQRVLYIDIDIHHGDGVEEAFYTTDRVMTVSFHKYGEYFPGTGDLRDIGAGKGKYYAVNYPLRDGIDDESYEAI
FKPVMSKVMEMFQPSAVVLQCGSDSLSGDRLGCFNLTIKGHAKCVEFVKSFNLPMLMLGGGGYTIRNVARCWTYETAVAL
DTEIPNELPYNDYFEYFGPDFKLHISPSNMTNQNTNEYLEKIKQRLFENLRMLPHAPGVQMQAIPEDAIPEESGDEDEDD
PDKRISICSSDKRIACEEEFSDSEEEGEGGRKNSSNFKKAKRVKTEDEKEKDPEEKKEVTEEEKTKEEKPEAKGVKEEVK
LA
;
E,B
#
loop_
_chem_comp.id
_chem_comp.type
_chem_comp.name
_chem_comp.formula
IHP non-polymer 'INOSITOL HEXAKISPHOSPHATE' 'C6 H18 O24 P6'
K non-polymer 'POTASSIUM ION' 'K 1'
ZN non-polymer 'ZINC ION' 'Zn 2'
#
# COMPACT_ATOMS: atom_id res chain seq x y z
N ARG A 149 -31.30 -33.06 -7.91
CA ARG A 149 -32.74 -32.93 -7.64
C ARG A 149 -33.00 -31.99 -6.46
N MET A 150 -33.50 -30.80 -6.73
CA MET A 150 -33.65 -29.75 -5.71
C MET A 150 -35.11 -29.67 -5.35
N ASP A 151 -35.39 -29.55 -4.08
CA ASP A 151 -36.75 -29.18 -3.69
C ASP A 151 -37.22 -27.92 -4.40
N CYS A 152 -38.47 -27.91 -4.84
CA CYS A 152 -39.04 -26.73 -5.46
C CYS A 152 -40.07 -26.19 -4.44
N PRO A 153 -39.68 -25.19 -3.64
CA PRO A 153 -40.56 -24.78 -2.52
C PRO A 153 -41.93 -24.29 -2.93
N ALA A 154 -42.07 -23.68 -4.10
CA ALA A 154 -43.41 -23.22 -4.53
C ALA A 154 -44.38 -24.31 -5.01
N LEU A 155 -43.93 -25.55 -5.20
CA LEU A 155 -44.82 -26.65 -5.54
C LEU A 155 -45.14 -27.37 -4.21
N PRO A 156 -46.12 -28.30 -4.19
CA PRO A 156 -46.48 -28.99 -2.93
C PRO A 156 -45.30 -29.82 -2.40
N PRO A 157 -45.39 -30.35 -1.17
CA PRO A 157 -44.23 -30.98 -0.54
C PRO A 157 -43.76 -32.14 -1.33
N GLY A 158 -42.44 -32.28 -1.47
CA GLY A 158 -41.87 -33.44 -2.10
C GLY A 158 -41.55 -33.25 -3.56
N TRP A 159 -42.06 -32.20 -4.21
CA TRP A 159 -41.81 -31.95 -5.63
C TRP A 159 -40.41 -31.45 -5.78
N LYS A 160 -39.69 -31.91 -6.82
CA LYS A 160 -38.30 -31.50 -7.04
C LYS A 160 -38.10 -31.09 -8.49
N LYS A 161 -37.06 -30.27 -8.74
CA LYS A 161 -36.66 -29.74 -10.07
C LYS A 161 -35.18 -30.10 -10.29
N GLU A 162 -34.84 -30.42 -11.55
CA GLU A 162 -33.48 -30.66 -11.93
C GLU A 162 -33.25 -30.03 -13.27
N GLU A 163 -32.10 -29.39 -13.39
CA GLU A 163 -31.67 -28.77 -14.62
C GLU A 163 -30.48 -29.58 -15.16
N VAL A 164 -30.49 -29.92 -16.45
CA VAL A 164 -29.46 -30.80 -17.09
C VAL A 164 -28.93 -30.05 -18.27
N ILE A 165 -27.64 -29.92 -18.29
CA ILE A 165 -26.91 -29.30 -19.39
C ILE A 165 -26.74 -30.33 -20.52
N ARG A 166 -27.08 -29.93 -21.75
CA ARG A 166 -26.84 -30.74 -22.94
C ARG A 166 -25.34 -30.80 -23.25
N LYS A 167 -24.82 -32.01 -23.47
CA LYS A 167 -23.37 -32.23 -23.55
C LYS A 167 -22.84 -32.17 -24.97
N SER A 168 -23.73 -32.33 -25.96
CA SER A 168 -23.32 -32.36 -27.40
C SER A 168 -24.44 -31.95 -28.37
N GLY A 169 -24.05 -31.77 -29.63
CA GLY A 169 -24.94 -31.43 -30.74
C GLY A 169 -25.31 -29.97 -30.94
N LEU A 170 -26.30 -29.76 -31.79
CA LEU A 170 -26.96 -28.45 -32.05
C LEU A 170 -27.18 -27.53 -30.87
N SER A 171 -27.64 -28.07 -29.75
CA SER A 171 -27.81 -27.21 -28.61
C SER A 171 -26.89 -27.63 -27.47
N ALA A 172 -25.67 -28.10 -27.76
CA ALA A 172 -24.66 -28.29 -26.70
C ALA A 172 -24.57 -27.03 -25.84
N GLY A 173 -24.64 -27.19 -24.52
CA GLY A 173 -24.48 -26.05 -23.61
C GLY A 173 -25.78 -25.43 -23.12
N LYS A 174 -26.84 -25.56 -23.89
CA LYS A 174 -28.19 -25.25 -23.41
C LYS A 174 -28.65 -26.26 -22.35
N SER A 175 -29.71 -25.96 -21.62
CA SER A 175 -30.20 -26.89 -20.62
C SER A 175 -31.67 -27.27 -20.81
N ASP A 176 -32.05 -28.35 -20.15
CA ASP A 176 -33.41 -28.79 -20.13
C ASP A 176 -33.80 -28.84 -18.62
N VAL A 177 -35.04 -28.53 -18.35
CA VAL A 177 -35.56 -28.54 -16.96
C VAL A 177 -36.60 -29.63 -16.79
N TYR A 178 -36.47 -30.41 -15.70
CA TYR A 178 -37.35 -31.49 -15.40
C TYR A 178 -37.86 -31.33 -13.95
N TYR A 179 -39.11 -31.77 -13.77
CA TYR A 179 -39.72 -31.87 -12.45
C TYR A 179 -40.03 -33.33 -12.12
N PHE A 180 -39.98 -33.65 -10.81
CA PHE A 180 -40.32 -34.98 -10.32
C PHE A 180 -41.38 -34.90 -9.23
N SER A 181 -42.46 -35.66 -9.35
CA SER A 181 -43.47 -35.79 -8.30
C SER A 181 -42.84 -36.42 -7.04
N PRO A 182 -43.57 -36.39 -5.96
CA PRO A 182 -43.06 -37.09 -4.77
C PRO A 182 -42.74 -38.58 -4.97
N SER A 183 -43.52 -39.28 -5.79
CA SER A 183 -43.22 -40.68 -6.11
C SER A 183 -42.09 -40.85 -7.11
N GLY A 184 -41.67 -39.78 -7.75
CA GLY A 184 -40.57 -39.89 -8.72
C GLY A 184 -40.96 -39.85 -10.18
N LYS A 185 -42.22 -39.54 -10.49
CA LYS A 185 -42.67 -39.39 -11.90
C LYS A 185 -42.03 -38.15 -12.49
N LYS A 186 -41.55 -38.22 -13.74
CA LYS A 186 -40.81 -37.15 -14.37
C LYS A 186 -41.68 -36.32 -15.30
N PHE A 187 -41.59 -34.98 -15.25
CA PHE A 187 -42.38 -34.10 -16.12
C PHE A 187 -41.40 -33.19 -16.90
N ARG A 188 -41.73 -32.91 -18.14
CA ARG A 188 -40.81 -32.19 -19.05
C ARG A 188 -41.40 -30.91 -19.61
N SER A 189 -42.64 -30.53 -19.23
CA SER A 189 -43.13 -29.22 -19.68
C SER A 189 -44.22 -28.68 -18.71
N LYS A 190 -44.47 -27.37 -18.84
CA LYS A 190 -45.46 -26.72 -18.02
C LYS A 190 -46.86 -27.31 -18.23
N PRO A 191 -47.33 -27.43 -19.48
CA PRO A 191 -48.66 -28.02 -19.70
C PRO A 191 -48.79 -29.48 -19.22
N GLN A 192 -47.72 -30.25 -19.28
CA GLN A 192 -47.74 -31.61 -18.74
C GLN A 192 -47.87 -31.58 -17.21
N LEU A 193 -47.07 -30.71 -16.57
CA LEU A 193 -47.16 -30.57 -15.13
C LEU A 193 -48.56 -30.04 -14.70
N ALA A 194 -49.10 -29.06 -15.45
CA ALA A 194 -50.42 -28.46 -15.08
C ALA A 194 -51.57 -29.45 -15.24
N ARG A 195 -51.47 -30.32 -16.26
CA ARG A 195 -52.46 -31.38 -16.50
C ARG A 195 -52.43 -32.37 -15.36
N TYR A 196 -51.24 -32.68 -14.86
CA TYR A 196 -51.13 -33.67 -13.78
C TYR A 196 -51.73 -33.12 -12.46
N LEU A 197 -51.32 -31.92 -12.09
CA LEU A 197 -51.75 -31.28 -10.81
C LEU A 197 -53.22 -30.80 -10.80
N GLY A 198 -53.72 -30.40 -11.95
CA GLY A 198 -55.08 -29.96 -12.06
C GLY A 198 -55.35 -28.79 -11.16
N ASN A 199 -56.51 -28.77 -10.52
CA ASN A 199 -56.86 -27.62 -9.72
C ASN A 199 -56.21 -27.60 -8.33
N THR A 200 -55.25 -28.48 -8.04
CA THR A 200 -54.64 -28.50 -6.71
C THR A 200 -53.60 -27.37 -6.61
N VAL A 201 -53.19 -26.78 -7.73
CA VAL A 201 -52.24 -25.66 -7.73
C VAL A 201 -52.65 -24.75 -8.88
N ASP A 202 -52.40 -23.44 -8.79
CA ASP A 202 -52.54 -22.51 -9.91
C ASP A 202 -51.14 -22.16 -10.45
N LEU A 203 -50.84 -22.62 -11.65
CA LEU A 203 -49.52 -22.44 -12.24
C LEU A 203 -49.46 -21.29 -13.23
N SER A 204 -50.50 -20.44 -13.33
CA SER A 204 -50.50 -19.32 -14.30
C SER A 204 -49.25 -18.49 -14.28
N SER A 205 -48.83 -18.11 -13.09
CA SER A 205 -47.66 -17.25 -12.91
C SER A 205 -46.34 -18.05 -12.62
N PHE A 206 -46.36 -19.38 -12.76
CA PHE A 206 -45.21 -20.26 -12.41
C PHE A 206 -44.23 -20.28 -13.56
N ASP A 207 -43.00 -19.90 -13.28
CA ASP A 207 -41.94 -19.89 -14.29
C ASP A 207 -41.27 -21.27 -14.32
N PHE A 208 -41.65 -22.10 -15.29
CA PHE A 208 -41.20 -23.50 -15.36
C PHE A 208 -39.67 -23.58 -15.30
N ARG A 209 -38.99 -22.75 -16.05
CA ARG A 209 -37.57 -22.78 -16.03
C ARG A 209 -36.90 -22.50 -14.68
N THR A 210 -37.37 -21.50 -13.94
CA THR A 210 -36.72 -21.14 -12.67
C THR A 210 -37.37 -21.81 -11.45
N GLY A 211 -38.59 -22.31 -11.60
CA GLY A 211 -39.30 -22.91 -10.51
C GLY A 211 -39.83 -21.90 -9.51
N LYS A 212 -40.11 -20.68 -9.96
CA LYS A 212 -40.57 -19.60 -9.11
C LYS A 212 -41.88 -19.05 -9.69
N GLY B 9 77.26 -28.79 26.75
CA GLY B 9 76.36 -27.69 26.99
C GLY B 9 77.06 -26.39 27.31
N ASP B 10 78.37 -26.45 27.62
CA ASP B 10 79.21 -25.30 27.86
C ASP B 10 79.50 -24.56 26.54
N TYR B 11 79.91 -23.29 26.66
CA TYR B 11 80.21 -22.43 25.54
C TYR B 11 81.67 -22.10 25.59
N VAL B 12 82.34 -22.12 24.43
CA VAL B 12 83.77 -21.97 24.36
C VAL B 12 84.23 -21.06 23.25
N TYR B 13 85.44 -20.52 23.45
CA TYR B 13 86.15 -19.65 22.54
C TYR B 13 87.23 -20.43 21.83
N PHE B 14 87.02 -20.62 20.52
CA PHE B 14 87.86 -21.35 19.62
C PHE B 14 88.89 -20.44 19.01
N GLU B 15 89.96 -21.00 18.43
CA GLU B 15 90.88 -20.28 17.58
C GLU B 15 90.21 -19.53 16.46
N ASN B 16 90.58 -18.27 16.28
CA ASN B 16 90.27 -17.57 15.08
C ASN B 16 91.57 -17.61 14.30
N SER B 17 91.61 -18.33 13.17
CA SER B 17 92.85 -18.56 12.43
C SER B 17 93.34 -17.34 11.67
N SER B 18 92.45 -16.37 11.38
CA SER B 18 92.79 -15.14 10.65
C SER B 18 93.50 -14.08 11.49
N SER B 19 93.52 -14.21 12.85
CA SER B 19 94.05 -13.26 13.86
C SER B 19 92.94 -12.53 14.63
N ASN B 20 91.77 -12.39 13.98
CA ASN B 20 90.51 -11.78 14.42
C ASN B 20 89.90 -12.26 15.79
N PRO B 21 88.76 -11.79 16.34
CA PRO B 21 88.19 -12.29 17.60
C PRO B 21 87.83 -13.76 17.65
N TYR B 22 87.82 -14.45 18.78
CA TYR B 22 87.53 -15.87 18.81
C TYR B 22 86.15 -16.28 18.30
N LEU B 23 86.06 -17.45 17.63
CA LEU B 23 84.78 -18.02 17.25
C LEU B 23 84.17 -18.70 18.46
N ILE B 24 82.86 -18.52 18.64
CA ILE B 24 82.15 -19.01 19.80
C ILE B 24 81.36 -20.18 19.38
N ARG B 25 81.34 -21.22 20.22
CA ARG B 25 80.57 -22.39 19.90
C ARG B 25 80.00 -23.00 21.17
N ARG B 26 78.91 -23.77 21.05
CA ARG B 26 78.33 -24.57 22.11
C ARG B 26 78.81 -26.00 21.94
N ILE B 27 79.27 -26.64 23.02
CA ILE B 27 79.76 -28.00 22.99
C ILE B 27 78.60 -28.99 23.08
N GLU B 28 78.33 -29.73 21.99
CA GLU B 28 77.30 -30.75 21.98
C GLU B 28 77.80 -32.09 22.46
N GLU B 29 79.04 -32.45 22.08
CA GLU B 29 79.62 -33.70 22.51
C GLU B 29 81.13 -33.53 22.60
N LEU B 30 81.75 -34.09 23.65
CA LEU B 30 83.19 -34.10 23.83
C LEU B 30 83.62 -35.53 23.59
N ASN B 31 84.54 -35.77 22.64
CA ASN B 31 84.93 -37.10 22.22
C ASN B 31 86.42 -37.28 22.33
N LYS B 32 86.85 -38.46 22.79
CA LYS B 32 88.25 -38.80 22.81
C LYS B 32 88.38 -40.05 21.97
N THR B 33 89.35 -40.08 21.04
CA THR B 33 89.58 -41.24 20.21
C THR B 33 90.53 -42.20 20.93
N ALA B 34 90.82 -43.37 20.33
CA ALA B 34 91.69 -44.41 20.87
C ALA B 34 93.13 -43.99 21.18
N ASN B 35 93.70 -43.03 20.42
CA ASN B 35 95.06 -42.55 20.59
C ASN B 35 95.07 -41.37 21.59
N GLY B 36 93.95 -41.12 22.32
CA GLY B 36 93.85 -40.19 23.45
C GLY B 36 93.69 -38.74 23.09
N ASN B 37 93.70 -38.44 21.79
CA ASN B 37 93.36 -37.18 21.11
C ASN B 37 91.94 -36.83 21.42
N VAL B 38 91.70 -35.55 21.71
CA VAL B 38 90.40 -35.10 22.12
C VAL B 38 89.89 -34.13 21.08
N GLU B 39 88.67 -34.40 20.61
CA GLU B 39 87.95 -33.67 19.59
C GLU B 39 86.62 -33.28 20.16
N ALA B 40 86.02 -32.18 19.67
CA ALA B 40 84.74 -31.75 20.18
C ALA B 40 83.79 -31.47 19.05
N LYS B 41 82.52 -31.85 19.23
CA LYS B 41 81.43 -31.57 18.34
C LYS B 41 80.76 -30.33 18.84
N VAL B 42 80.58 -29.34 17.97
CA VAL B 42 80.21 -28.01 18.38
C VAL B 42 79.25 -27.31 17.42
N VAL B 43 78.18 -26.72 17.98
CA VAL B 43 77.20 -25.92 17.25
C VAL B 43 77.72 -24.50 17.21
N CYS B 44 77.71 -23.87 16.02
CA CYS B 44 78.33 -22.57 15.84
C CYS B 44 77.48 -21.41 16.31
N PHE B 45 78.11 -20.41 16.98
CA PHE B 45 77.51 -19.13 17.24
C PHE B 45 78.03 -18.18 16.23
N TYR B 46 77.11 -17.58 15.50
CA TYR B 46 77.45 -16.70 14.44
C TYR B 46 77.50 -15.26 14.93
N ARG B 47 78.50 -14.47 14.47
CA ARG B 47 78.51 -13.03 14.60
C ARG B 47 77.60 -12.41 13.61
N ARG B 48 77.02 -11.24 13.93
CA ARG B 48 76.10 -10.48 13.09
C ARG B 48 76.52 -10.17 11.66
N ARG B 49 77.83 -9.90 11.45
CA ARG B 49 78.44 -9.77 10.16
C ARG B 49 78.41 -11.08 9.42
N ASP B 50 78.73 -12.18 10.13
CA ASP B 50 78.92 -13.49 9.52
C ASP B 50 77.63 -14.13 9.02
N ILE B 51 76.53 -13.69 9.60
CA ILE B 51 75.14 -13.88 9.28
C ILE B 51 74.85 -13.16 8.06
N SER B 52 75.23 -13.88 7.00
CA SER B 52 75.07 -13.38 5.69
C SER B 52 74.20 -14.26 4.87
N HIS B 101 72.34 0.28 14.45
CA HIS B 101 72.15 -1.10 14.79
C HIS B 101 71.27 -1.34 16.00
N GLN B 102 70.44 -2.41 15.90
CA GLN B 102 69.73 -2.99 17.03
C GLN B 102 70.54 -4.13 17.58
N LEU B 103 71.48 -4.69 16.77
CA LEU B 103 72.38 -5.69 17.26
C LEU B 103 73.43 -5.09 18.13
N ARG B 104 73.37 -5.40 19.41
CA ARG B 104 74.42 -5.11 20.35
C ARG B 104 75.80 -5.64 19.96
N HIS B 105 76.85 -5.17 20.67
CA HIS B 105 78.22 -5.56 20.44
C HIS B 105 78.51 -7.05 20.57
N ARG B 106 77.79 -7.69 21.52
CA ARG B 106 77.98 -9.05 21.95
C ARG B 106 76.85 -9.99 21.53
N GLU B 107 76.05 -9.61 20.51
CA GLU B 107 75.06 -10.49 19.89
C GLU B 107 75.68 -11.70 19.27
N LEU B 108 75.08 -12.86 19.54
CA LEU B 108 75.44 -14.08 18.89
C LEU B 108 74.22 -14.86 18.57
N PHE B 109 74.23 -15.50 17.39
CA PHE B 109 73.07 -16.23 16.93
C PHE B 109 73.36 -17.70 16.88
N LEU B 110 72.43 -18.46 17.45
CA LEU B 110 72.50 -19.90 17.51
C LEU B 110 72.19 -20.47 16.15
N SER B 111 73.16 -21.12 15.50
CA SER B 111 72.95 -21.61 14.16
C SER B 111 72.57 -23.07 14.12
N ARG B 112 72.14 -23.54 12.93
CA ARG B 112 72.00 -24.95 12.65
C ARG B 112 73.26 -25.51 11.99
N GLN B 113 74.39 -24.77 12.04
CA GLN B 113 75.67 -25.21 11.51
C GLN B 113 76.41 -25.99 12.56
N LEU B 114 76.80 -27.24 12.24
CA LEU B 114 77.45 -28.14 13.15
C LEU B 114 78.81 -28.50 12.59
N GLU B 115 79.89 -28.40 13.41
CA GLU B 115 81.24 -28.71 12.99
C GLU B 115 81.94 -29.49 14.10
N SER B 116 83.07 -30.15 13.77
CA SER B 116 83.86 -30.92 14.73
C SER B 116 85.29 -30.50 14.59
N LEU B 117 85.96 -30.13 15.70
CA LEU B 117 87.33 -29.66 15.66
C LEU B 117 88.07 -30.14 16.89
N PRO B 118 89.38 -30.41 16.85
CA PRO B 118 90.17 -30.80 18.02
C PRO B 118 90.11 -29.87 19.23
N ALA B 119 90.34 -30.41 20.44
CA ALA B 119 90.23 -29.66 21.68
C ALA B 119 91.30 -28.58 21.90
N THR B 120 92.42 -28.65 21.17
CA THR B 120 93.50 -27.66 21.18
C THR B 120 93.05 -26.31 20.66
N HIS B 121 92.03 -26.32 19.77
CA HIS B 121 91.37 -25.14 19.26
C HIS B 121 90.71 -24.30 20.34
N ILE B 122 90.21 -24.92 21.42
CA ILE B 122 89.65 -24.19 22.55
C ILE B 122 90.72 -23.37 23.28
N ARG B 123 90.54 -22.03 23.31
CA ARG B 123 91.41 -21.13 24.04
C ARG B 123 90.77 -20.63 25.33
N GLY B 124 89.42 -20.62 25.43
CA GLY B 124 88.79 -20.20 26.68
C GLY B 124 87.35 -20.62 26.78
N LYS B 125 86.78 -20.59 27.99
CA LYS B 125 85.38 -20.86 28.25
C LYS B 125 84.62 -19.57 28.42
N CYS B 126 83.33 -19.54 28.07
CA CYS B 126 82.55 -18.33 28.11
C CYS B 126 81.14 -18.61 28.56
N SER B 127 80.35 -17.54 28.68
CA SER B 127 78.93 -17.62 28.94
C SER B 127 78.22 -16.89 27.84
N VAL B 128 77.26 -17.58 27.20
CA VAL B 128 76.36 -16.98 26.27
C VAL B 128 75.03 -17.09 27.00
N THR B 129 74.53 -15.99 27.55
CA THR B 129 73.35 -15.91 28.39
C THR B 129 72.10 -15.73 27.54
N LEU B 130 70.90 -15.86 28.16
CA LEU B 130 69.68 -15.31 27.62
C LEU B 130 69.68 -13.78 27.60
N LEU B 131 68.85 -13.13 26.75
CA LEU B 131 68.81 -11.67 26.64
C LEU B 131 68.52 -10.96 27.97
N ASN B 132 67.53 -11.47 28.73
CA ASN B 132 67.18 -10.99 30.06
C ASN B 132 68.32 -11.00 31.07
N GLU B 133 69.07 -12.13 31.14
CA GLU B 133 70.25 -12.27 31.95
C GLU B 133 71.38 -11.35 31.53
N THR B 134 71.60 -11.09 30.23
CA THR B 134 72.57 -10.04 29.81
C THR B 134 72.26 -8.66 30.21
N GLU B 135 70.99 -8.28 30.06
CA GLU B 135 70.57 -6.96 30.44
C GLU B 135 70.60 -6.74 31.94
N SER B 136 70.47 -7.84 32.73
CA SER B 136 70.53 -7.79 34.17
C SER B 136 71.94 -7.73 34.73
N LEU B 137 72.97 -8.00 33.91
CA LEU B 137 74.35 -7.98 34.36
C LEU B 137 74.78 -6.63 34.89
N LYS B 138 75.45 -6.64 36.05
CA LYS B 138 75.92 -5.42 36.66
C LYS B 138 77.18 -4.92 36.00
N SER B 139 77.43 -3.60 36.05
CA SER B 139 78.58 -2.91 35.46
C SER B 139 79.95 -3.49 35.80
N TYR B 140 80.14 -3.92 37.06
CA TYR B 140 81.34 -4.60 37.53
C TYR B 140 81.52 -5.99 36.93
N LEU B 141 80.41 -6.74 36.76
CA LEU B 141 80.44 -8.11 36.30
C LEU B 141 80.41 -8.18 34.78
N GLU B 142 80.37 -7.02 34.10
CA GLU B 142 80.56 -6.89 32.68
C GLU B 142 81.96 -7.34 32.28
N ARG B 143 82.06 -8.27 31.32
CA ARG B 143 83.32 -8.87 30.95
C ARG B 143 83.33 -9.15 29.47
N GLU B 144 84.54 -9.43 28.95
CA GLU B 144 84.86 -9.95 27.65
C GLU B 144 84.24 -11.32 27.39
N ASP B 145 84.15 -12.13 28.46
CA ASP B 145 83.57 -13.46 28.48
C ASP B 145 82.06 -13.55 28.33
N PHE B 146 81.32 -12.47 28.65
CA PHE B 146 79.86 -12.49 28.56
C PHE B 146 79.36 -12.07 27.19
N PHE B 147 78.53 -12.94 26.60
CA PHE B 147 77.83 -12.77 25.34
C PHE B 147 76.38 -13.10 25.54
N PHE B 148 75.54 -12.90 24.51
CA PHE B 148 74.14 -13.23 24.62
C PHE B 148 73.56 -13.71 23.32
N TYR B 149 72.42 -14.39 23.40
CA TYR B 149 71.70 -14.81 22.23
C TYR B 149 70.22 -14.57 22.44
N SER B 150 69.51 -14.22 21.34
CA SER B 150 68.07 -14.15 21.36
C SER B 150 67.46 -14.65 20.06
N LEU B 151 68.31 -15.08 19.08
CA LEU B 151 67.87 -15.51 17.79
C LEU B 151 68.55 -16.81 17.41
N VAL B 152 67.77 -17.66 16.73
CA VAL B 152 68.21 -18.85 16.03
C VAL B 152 68.29 -18.44 14.58
N TYR B 153 69.39 -18.77 13.90
CA TYR B 153 69.65 -18.38 12.54
C TYR B 153 69.87 -19.65 11.74
N ASP B 154 69.10 -19.89 10.65
CA ASP B 154 69.40 -20.96 9.73
C ASP B 154 70.54 -20.48 8.80
N PRO B 155 71.77 -21.03 8.84
CA PRO B 155 72.90 -20.60 8.02
C PRO B 155 72.73 -20.93 6.57
N GLN B 156 72.00 -21.99 6.23
CA GLN B 156 71.80 -22.41 4.86
C GLN B 156 70.82 -21.54 4.16
N GLN B 157 69.64 -21.31 4.77
CA GLN B 157 68.64 -20.51 4.11
C GLN B 157 68.92 -19.02 4.14
N LYS B 158 69.24 -18.51 5.36
CA LYS B 158 69.41 -17.14 5.84
C LYS B 158 68.30 -16.70 6.80
N THR B 159 67.39 -17.61 7.23
CA THR B 159 66.20 -17.24 8.01
C THR B 159 66.50 -17.02 9.48
N LEU B 160 65.64 -16.22 10.17
CA LEU B 160 65.77 -15.94 11.58
C LEU B 160 64.57 -16.52 12.30
N ALA B 162 63.02 -16.63 16.73
CA ALA B 162 61.61 -16.34 16.45
C ALA B 162 61.38 -15.22 15.43
N ASP B 163 60.17 -15.16 14.85
CA ASP B 163 59.65 -14.14 13.95
C ASP B 163 59.51 -12.73 14.60
N GLY B 165 61.74 6.29 6.86
CA GLY B 165 61.40 5.88 8.25
C GLY B 165 62.03 6.81 9.26
N GLU B 166 61.62 8.07 9.21
CA GLU B 166 62.20 9.10 10.06
C GLU B 166 61.19 10.21 10.29
N ILE B 167 61.16 10.73 11.52
CA ILE B 167 60.24 11.82 11.86
C ILE B 167 61.00 13.15 11.88
N ARG B 168 60.42 14.16 11.23
CA ARG B 168 61.12 15.41 10.97
C ARG B 168 60.64 16.54 11.89
N VAL B 169 61.50 17.55 12.09
CA VAL B 169 61.19 18.75 12.88
C VAL B 169 61.43 20.00 12.05
N GLY B 170 60.63 21.06 12.27
CA GLY B 170 60.80 22.31 11.53
C GLY B 170 59.51 22.95 11.09
N ASN B 171 59.60 24.17 10.58
CA ASN B 171 58.43 24.94 10.17
C ASN B 171 57.67 24.25 9.06
N ARG B 172 58.38 23.40 8.32
CA ARG B 172 57.81 22.76 7.15
C ARG B 172 57.26 21.37 7.49
N TYR B 173 57.16 21.06 8.77
CA TYR B 173 56.67 19.75 9.26
C TYR B 173 55.57 19.85 10.31
N GLN B 174 55.84 20.61 11.37
CA GLN B 174 54.87 20.80 12.43
C GLN B 174 53.76 21.76 11.99
N ALA B 175 52.62 21.69 12.66
CA ALA B 175 51.51 22.61 12.47
C ALA B 175 51.66 23.81 13.39
N ASP B 176 51.22 24.97 12.93
CA ASP B 176 51.14 26.15 13.80
C ASP B 176 49.98 25.91 14.77
N ILE B 177 50.25 25.92 16.08
CA ILE B 177 49.23 25.56 17.06
C ILE B 177 48.22 26.70 17.28
N THR B 178 46.93 26.37 17.13
CA THR B 178 45.88 27.39 17.22
C THR B 178 45.59 27.78 18.64
N ASP B 179 45.73 29.08 18.90
CA ASP B 179 45.65 29.60 20.26
C ASP B 179 44.24 29.50 20.81
N LEU B 180 44.17 29.24 22.11
CA LEU B 180 42.90 29.11 22.79
C LEU B 180 42.21 30.48 22.75
N LEU B 181 40.91 30.45 22.46
CA LEU B 181 40.12 31.67 22.36
C LEU B 181 39.90 32.26 23.73
N LYS B 182 39.94 33.58 23.81
CA LYS B 182 39.59 34.31 25.01
C LYS B 182 38.12 34.02 25.41
N GLU B 183 37.79 34.24 26.68
CA GLU B 183 36.42 34.07 27.17
C GLU B 183 35.46 35.03 26.47
N GLY B 184 35.99 36.14 25.98
CA GLY B 184 35.25 37.10 25.16
C GLY B 184 35.27 36.82 23.66
N GLU B 185 36.38 36.24 23.17
CA GLU B 185 36.52 35.94 21.74
C GLU B 185 35.56 34.82 21.30
N GLU B 186 35.11 34.89 20.05
CA GLU B 186 34.23 33.86 19.45
C GLU B 186 34.86 33.24 18.18
N ASP B 187 34.72 31.93 18.02
CA ASP B 187 35.40 31.15 16.96
C ASP B 187 35.08 31.57 15.53
N GLY B 188 33.93 32.20 15.33
CA GLY B 188 33.49 32.65 14.01
C GLY B 188 33.44 31.51 13.00
N ARG B 189 32.50 30.58 13.21
CA ARG B 189 32.31 29.45 12.28
C ARG B 189 30.84 29.24 11.94
N ASP B 190 30.50 29.48 10.66
CA ASP B 190 29.14 29.33 10.15
C ASP B 190 28.78 27.86 9.99
N GLN B 191 27.88 27.36 10.84
CA GLN B 191 27.56 25.93 10.88
C GLN B 191 26.77 25.43 9.69
N SER B 192 26.05 26.30 9.01
CA SER B 192 25.31 25.90 7.82
C SER B 192 26.23 25.67 6.62
N ARG B 193 27.38 26.34 6.60
CA ARG B 193 28.38 26.11 5.56
C ARG B 193 29.11 24.79 5.79
N LEU B 194 28.95 24.18 6.97
CA LEU B 194 29.69 22.97 7.35
C LEU B 194 28.87 21.69 7.36
N GLU B 195 27.57 21.78 7.66
CA GLU B 195 26.74 20.60 7.76
C GLU B 195 25.29 20.91 7.41
N THR B 196 24.53 19.88 7.08
CA THR B 196 23.08 20.01 6.96
C THR B 196 22.41 18.74 7.44
N GLN B 197 21.57 18.88 8.47
CA GLN B 197 21.05 17.73 9.22
C GLN B 197 20.07 16.90 8.39
N VAL B 198 20.10 15.60 8.62
CA VAL B 198 19.35 14.62 7.82
C VAL B 198 18.46 13.71 8.67
N TRP B 199 18.71 13.68 9.96
CA TRP B 199 17.85 12.94 10.89
C TRP B 199 18.09 13.40 12.32
N GLU B 200 17.03 13.91 12.96
CA GLU B 200 17.07 14.23 14.37
C GLU B 200 16.78 12.93 15.14
N ALA B 201 17.50 12.73 16.24
CA ALA B 201 17.42 11.50 17.03
C ALA B 201 16.37 11.56 18.12
N HIS B 202 15.95 12.77 18.46
CA HIS B 202 14.89 12.95 19.43
C HIS B 202 13.62 13.39 18.71
N ASN B 203 12.83 12.41 18.32
CA ASN B 203 11.59 12.62 17.57
C ASN B 203 10.37 12.37 18.41
N PRO B 204 9.28 13.10 18.11
CA PRO B 204 8.00 12.76 18.74
C PRO B 204 7.50 11.36 18.39
N LEU B 205 8.18 10.66 17.47
CA LEU B 205 7.77 9.33 17.00
C LEU B 205 8.42 8.23 17.80
N THR B 206 7.76 7.08 17.79
CA THR B 206 8.25 5.86 18.44
C THR B 206 8.80 4.89 17.40
N ASP B 207 9.65 3.98 17.85
CA ASP B 207 10.20 2.96 16.95
C ASP B 207 9.12 2.29 16.11
N LYS B 208 8.00 1.98 16.74
CA LYS B 208 6.93 1.28 16.06
C LYS B 208 6.47 2.08 14.84
N GLN B 209 6.19 3.37 15.07
CA GLN B 209 5.69 4.29 14.02
C GLN B 209 6.65 4.50 12.88
N ILE B 210 7.95 4.59 13.21
CA ILE B 210 8.97 4.73 12.19
C ILE B 210 9.01 3.42 11.41
N ASP B 211 9.09 2.31 12.13
CA ASP B 211 9.04 0.98 11.51
C ASP B 211 7.86 0.88 10.55
N GLN B 212 6.69 1.24 11.07
CA GLN B 212 5.45 1.22 10.29
C GLN B 212 5.58 2.09 9.04
N PHE B 213 6.09 3.29 9.21
CA PHE B 213 6.25 4.17 8.08
C PHE B 213 7.14 3.53 7.05
N LEU B 214 8.22 2.91 7.50
CA LEU B 214 9.12 2.22 6.57
C LEU B 214 8.40 1.15 5.74
N VAL B 215 7.48 0.42 6.37
CA VAL B 215 6.69 -0.59 5.65
C VAL B 215 5.87 0.13 4.60
N VAL B 216 5.24 1.22 5.00
CA VAL B 216 4.42 1.97 4.08
C VAL B 216 5.25 2.48 2.90
N ALA B 217 6.42 3.07 3.19
CA ALA B 217 7.32 3.57 2.16
C ALA B 217 7.70 2.49 1.17
N ARG B 218 7.84 1.27 1.69
CA ARG B 218 8.08 0.11 0.85
C ARG B 218 6.89 -0.29 -0.01
N SER B 219 5.70 -0.22 0.56
CA SER B 219 4.51 -0.64 -0.15
C SER B 219 4.24 0.27 -1.35
N VAL B 220 4.30 1.59 -1.10
CA VAL B 220 4.13 2.62 -2.14
C VAL B 220 5.06 2.26 -3.30
N GLY B 221 6.33 2.08 -2.97
CA GLY B 221 7.38 1.78 -3.91
C GLY B 221 7.04 0.60 -4.80
N THR B 222 6.44 -0.43 -4.22
CA THR B 222 6.07 -1.65 -4.98
C THR B 222 4.89 -1.34 -5.88
N PHE B 223 3.92 -0.62 -5.32
CA PHE B 223 2.75 -0.17 -6.06
C PHE B 223 3.12 0.86 -7.13
N ALA B 224 4.17 1.63 -6.89
CA ALA B 224 4.69 2.57 -7.88
C ALA B 224 5.18 1.83 -9.09
N ARG B 225 6.03 0.81 -8.87
CA ARG B 225 6.61 0.09 -10.00
C ARG B 225 5.67 -0.95 -10.58
N ALA B 226 4.51 -1.13 -9.96
CA ALA B 226 3.40 -1.86 -10.58
C ALA B 226 2.72 -1.01 -11.67
N LEU B 227 2.73 0.30 -11.49
CA LEU B 227 2.19 1.23 -12.49
C LEU B 227 3.24 1.64 -13.56
N ASP B 228 4.17 0.73 -13.91
CA ASP B 228 5.11 0.96 -15.03
C ASP B 228 6.12 2.07 -14.71
N SER B 237 7.60 -11.56 -10.71
CA SER B 237 7.92 -10.14 -10.60
C SER B 237 7.32 -9.45 -9.36
N LEU B 238 6.25 -10.03 -8.78
CA LEU B 238 5.70 -9.48 -7.55
C LEU B 238 6.76 -9.46 -6.45
N HIS B 239 7.25 -10.63 -6.05
CA HIS B 239 8.32 -10.70 -5.06
C HIS B 239 9.50 -9.80 -5.49
N MET B 240 9.84 -9.81 -6.79
CA MET B 240 10.96 -9.02 -7.32
C MET B 240 10.79 -7.52 -7.13
N SER B 241 9.60 -7.02 -7.43
CA SER B 241 9.29 -5.60 -7.24
C SER B 241 9.31 -5.19 -5.76
N ALA B 242 8.83 -6.09 -4.91
CA ALA B 242 8.81 -5.86 -3.45
C ALA B 242 10.22 -5.80 -2.88
N ALA B 243 11.08 -6.68 -3.37
CA ALA B 243 12.46 -6.69 -2.92
C ALA B 243 13.15 -5.46 -3.43
N ALA B 244 12.88 -5.12 -4.69
CA ALA B 244 13.36 -3.89 -5.31
C ALA B 244 12.99 -2.68 -4.49
N ALA B 245 11.72 -2.64 -4.08
CA ALA B 245 11.23 -1.55 -3.25
C ALA B 245 11.72 -1.60 -1.81
N SER B 246 12.22 -2.76 -1.39
CA SER B 246 12.73 -2.93 -0.03
C SER B 246 14.21 -2.60 0.10
N ARG B 247 14.88 -2.25 -0.99
CA ARG B 247 16.31 -1.95 -0.92
C ARG B 247 16.57 -0.64 -0.17
N ASP B 248 17.82 -0.40 0.17
CA ASP B 248 18.17 0.62 1.15
C ASP B 248 17.83 2.02 0.68
N ILE B 249 18.06 2.29 -0.61
CA ILE B 249 17.78 3.60 -1.20
C ILE B 249 16.37 4.10 -0.89
N THR B 250 15.41 3.20 -1.00
CA THR B 250 14.02 3.49 -0.67
C THR B 250 13.87 3.81 0.81
N LEU B 251 14.51 3.00 1.66
CA LEU B 251 14.49 3.23 3.10
C LEU B 251 15.12 4.57 3.44
N PHE B 252 16.35 4.79 2.98
CA PHE B 252 16.99 6.06 3.25
C PHE B 252 16.05 7.19 2.85
N HIS B 253 15.46 7.10 1.66
CA HIS B 253 14.55 8.14 1.18
C HIS B 253 13.37 8.29 2.12
N ALA B 254 12.97 7.18 2.74
CA ALA B 254 11.87 7.18 3.73
C ALA B 254 12.22 7.88 5.04
N MET B 255 13.46 7.73 5.47
CA MET B 255 13.93 8.44 6.66
C MET B 255 14.14 9.95 6.42
N ASP B 256 14.45 10.35 5.19
CA ASP B 256 14.55 11.78 4.86
C ASP B 256 13.18 12.40 4.73
N THR B 257 12.27 11.68 4.09
CA THR B 257 10.91 12.17 3.91
C THR B 257 10.29 12.49 5.26
N LEU B 258 10.62 11.67 6.27
CA LEU B 258 10.14 11.92 7.60
C LEU B 258 10.72 13.24 8.12
N HIS B 259 12.04 13.33 8.12
CA HIS B 259 12.74 14.50 8.67
C HIS B 259 12.41 15.83 7.96
N LYS B 260 12.33 15.78 6.63
CA LYS B 260 11.93 16.95 5.86
C LYS B 260 10.53 17.40 6.24
N ASN B 261 9.65 16.46 6.58
CA ASN B 261 8.29 16.82 6.95
C ASN B 261 8.11 16.99 8.47
N ILE B 262 9.21 17.20 9.19
CA ILE B 262 9.19 17.52 10.63
C ILE B 262 8.59 16.39 11.48
N TYR B 263 8.82 15.15 11.04
CA TYR B 263 8.31 13.97 11.73
C TYR B 263 6.79 13.95 11.93
N ASP B 264 6.09 14.56 10.97
CA ASP B 264 4.65 14.49 10.89
C ASP B 264 4.29 13.37 9.92
N ILE B 265 3.81 12.26 10.48
CA ILE B 265 3.47 11.07 9.69
C ILE B 265 2.49 11.41 8.59
N SER B 266 1.42 12.10 8.97
CA SER B 266 0.39 12.50 8.05
C SER B 266 0.86 13.40 6.92
N LYS B 267 1.80 14.28 7.22
CA LYS B 267 2.35 15.19 6.22
C LYS B 267 3.33 14.43 5.32
N ALA B 268 4.09 13.53 5.94
CA ALA B 268 5.14 12.80 5.25
C ALA B 268 4.54 11.83 4.26
N ILE B 269 3.42 11.23 4.61
CA ILE B 269 2.77 10.32 3.69
C ILE B 269 2.31 11.02 2.40
N SER B 270 1.86 12.28 2.50
CA SER B 270 1.54 13.11 1.30
C SER B 270 2.74 13.22 0.38
N ALA B 271 3.90 13.45 1.00
CA ALA B 271 5.13 13.56 0.25
C ALA B 271 5.35 12.32 -0.62
N LEU B 272 5.05 11.14 -0.07
CA LEU B 272 5.19 9.86 -0.78
C LEU B 272 4.19 9.63 -1.93
N VAL B 273 3.05 10.32 -1.85
CA VAL B 273 2.01 10.20 -2.86
C VAL B 273 1.57 11.59 -3.33
N PRO B 274 2.50 12.39 -3.83
CA PRO B 274 2.33 13.83 -4.03
C PRO B 274 0.96 14.33 -4.50
N GLN B 275 0.43 13.66 -5.52
CA GLN B 275 -0.80 14.11 -6.14
C GLN B 275 -1.65 12.90 -6.50
N GLY B 276 -1.69 11.97 -5.56
CA GLY B 276 -2.29 10.66 -5.80
C GLY B 276 -1.37 9.69 -6.50
N GLY B 277 -0.17 10.13 -6.88
CA GLY B 277 0.77 9.29 -7.61
C GLY B 277 1.92 8.94 -6.70
N PRO B 278 2.38 7.67 -6.71
CA PRO B 278 3.47 7.25 -5.83
C PRO B 278 4.85 7.68 -6.33
N VAL B 279 5.89 7.50 -5.52
CA VAL B 279 7.26 7.84 -5.94
C VAL B 279 8.16 6.61 -6.05
N LEU B 280 9.06 6.65 -7.03
CA LEU B 280 9.98 5.55 -7.32
C LEU B 280 11.42 5.97 -7.04
N CYS B 281 12.09 5.18 -6.21
CA CYS B 281 13.52 5.34 -6.00
C CYS B 281 14.18 4.05 -6.47
N ARG B 282 15.08 4.20 -7.44
CA ARG B 282 15.77 3.06 -7.98
C ARG B 282 17.27 3.38 -7.92
N ASP B 283 18.01 2.50 -7.27
CA ASP B 283 19.46 2.53 -7.30
C ASP B 283 20.03 2.12 -8.66
N GLU B 284 21.30 2.40 -8.87
CA GLU B 284 21.92 2.12 -10.15
C GLU B 284 21.73 0.66 -10.54
N MET B 285 21.69 -0.24 -9.56
CA MET B 285 21.47 -1.66 -9.85
C MET B 285 20.21 -1.83 -10.66
N GLU B 286 19.10 -1.44 -10.07
CA GLU B 286 17.79 -1.60 -10.70
C GLU B 286 17.58 -0.72 -11.95
N GLU B 287 18.19 0.46 -11.95
CA GLU B 287 17.93 1.49 -12.95
C GLU B 287 18.49 1.25 -14.32
N TRP B 288 19.62 0.54 -14.39
CA TRP B 288 20.34 0.30 -15.65
C TRP B 288 19.50 -0.56 -16.58
N SER B 289 19.64 -0.39 -17.89
CA SER B 289 18.90 -1.22 -18.83
C SER B 289 19.53 -2.62 -18.95
N ALA B 290 18.78 -3.54 -19.55
CA ALA B 290 19.23 -4.92 -19.68
C ALA B 290 20.53 -4.90 -20.43
N SER B 291 20.58 -4.06 -21.47
CA SER B 291 21.71 -3.97 -22.40
C SER B 291 22.92 -3.23 -21.80
N GLU B 292 22.67 -2.26 -20.92
CA GLU B 292 23.75 -1.68 -20.13
C GLU B 292 24.37 -2.70 -19.18
N ALA B 293 23.52 -3.44 -18.46
CA ALA B 293 23.97 -4.54 -17.60
C ALA B 293 24.85 -5.53 -18.37
N ASN B 294 24.41 -5.82 -19.59
CA ASN B 294 25.10 -6.71 -20.48
C ASN B 294 26.48 -6.14 -20.81
N LEU B 295 26.49 -4.87 -21.20
CA LEU B 295 27.74 -4.18 -21.51
C LEU B 295 28.72 -4.28 -20.38
N PHE B 296 28.24 -4.06 -19.17
CA PHE B 296 29.07 -4.14 -17.99
C PHE B 296 29.75 -5.50 -17.79
N GLU B 297 29.02 -6.58 -18.01
CA GLU B 297 29.58 -7.92 -17.83
C GLU B 297 30.55 -8.30 -18.90
N GLU B 298 30.52 -7.58 -20.03
CA GLU B 298 31.52 -7.76 -21.08
C GLU B 298 32.76 -6.95 -20.77
N ALA B 299 32.56 -5.74 -20.27
CA ALA B 299 33.64 -4.82 -19.99
C ALA B 299 34.48 -5.29 -18.81
N LEU B 300 33.82 -5.84 -17.79
CA LEU B 300 34.50 -6.40 -16.62
C LEU B 300 35.34 -7.60 -17.07
N GLU B 301 34.67 -8.63 -17.61
CA GLU B 301 35.34 -9.87 -18.04
C GLU B 301 36.44 -9.56 -19.05
N LYS B 302 36.40 -8.38 -19.67
CA LYS B 302 37.45 -8.00 -20.58
C LYS B 302 38.49 -7.03 -20.05
N TYR B 303 38.11 -6.06 -19.23
CA TYR B 303 39.10 -5.12 -18.67
C TYR B 303 39.30 -5.26 -17.17
N GLY B 304 38.77 -6.32 -16.58
CA GLY B 304 38.82 -6.48 -15.14
C GLY B 304 38.21 -5.27 -14.47
N LYS B 305 38.80 -4.83 -13.36
CA LYS B 305 38.21 -3.79 -12.52
C LYS B 305 38.82 -2.43 -12.86
N ASP B 306 38.99 -2.15 -14.15
CA ASP B 306 39.52 -0.86 -14.58
C ASP B 306 38.38 0.04 -15.02
N PHE B 307 37.74 0.69 -14.06
CA PHE B 307 36.43 1.31 -14.31
C PHE B 307 36.44 2.59 -15.15
N THR B 308 37.58 3.27 -15.30
CA THR B 308 37.62 4.41 -16.24
C THR B 308 37.62 3.92 -17.67
N ASP B 309 38.38 2.88 -17.97
CA ASP B 309 38.39 2.31 -19.31
C ASP B 309 37.10 1.59 -19.60
N ILE B 310 36.49 0.99 -18.58
CA ILE B 310 35.20 0.29 -18.73
C ILE B 310 34.14 1.29 -19.20
N GLN B 311 34.20 2.51 -18.71
CA GLN B 311 33.32 3.55 -19.19
C GLN B 311 33.73 4.01 -20.59
N GLN B 312 34.96 4.50 -20.72
CA GLN B 312 35.45 5.07 -21.98
C GLN B 312 35.07 4.21 -23.18
N ASP B 313 35.36 2.91 -23.08
CA ASP B 313 35.14 1.99 -24.17
C ASP B 313 33.79 1.27 -24.16
N PHE B 314 33.14 1.09 -23.00
CA PHE B 314 31.90 0.30 -22.96
C PHE B 314 30.62 1.04 -22.53
N LEU B 315 30.74 1.90 -21.51
CA LEU B 315 29.59 2.67 -21.00
C LEU B 315 29.94 4.16 -20.85
N PRO B 316 30.25 4.82 -21.99
CA PRO B 316 30.77 6.20 -21.93
C PRO B 316 29.71 7.24 -21.59
N TRP B 317 28.44 6.87 -21.70
CA TRP B 317 27.34 7.79 -21.37
C TRP B 317 27.03 7.80 -19.89
N LYS B 318 27.55 6.84 -19.14
CA LYS B 318 27.35 6.78 -17.68
C LYS B 318 28.47 7.50 -16.98
N SER B 319 28.19 8.05 -15.80
CA SER B 319 29.23 8.71 -15.02
C SER B 319 30.02 7.69 -14.21
N LEU B 320 31.33 7.88 -14.14
CA LEU B 320 32.19 6.92 -13.46
C LEU B 320 31.58 6.50 -12.14
N THR B 321 31.14 7.46 -11.34
CA THR B 321 30.74 7.14 -9.97
C THR B 321 29.46 6.32 -9.95
N SER B 322 28.64 6.39 -10.99
CA SER B 322 27.48 5.49 -11.07
C SER B 322 27.91 4.06 -11.41
N ILE B 323 28.97 3.93 -12.19
CA ILE B 323 29.47 2.62 -12.54
C ILE B 323 30.08 1.95 -11.30
N ILE B 324 30.71 2.73 -10.44
CA ILE B 324 31.27 2.19 -9.19
C ILE B 324 30.14 1.64 -8.34
N GLU B 325 29.16 2.49 -8.03
CA GLU B 325 27.98 2.11 -7.22
C GLU B 325 27.29 0.87 -7.77
N TYR B 326 27.21 0.80 -9.09
CA TYR B 326 26.67 -0.37 -9.74
C TYR B 326 27.55 -1.59 -9.46
N TYR B 327 28.85 -1.45 -9.71
CA TYR B 327 29.77 -2.55 -9.52
C TYR B 327 29.47 -3.28 -8.19
N TYR B 328 29.56 -2.54 -7.10
CA TYR B 328 29.48 -3.13 -5.78
C TYR B 328 28.14 -3.81 -5.59
N MET B 329 27.09 -3.20 -6.10
CA MET B 329 25.76 -3.78 -6.00
C MET B 329 25.66 -5.07 -6.82
N TRP B 330 26.38 -5.07 -7.92
CA TRP B 330 26.36 -6.21 -8.83
C TRP B 330 27.13 -7.39 -8.24
N LYS B 331 28.19 -7.12 -7.49
CA LYS B 331 28.96 -8.18 -6.83
C LYS B 331 28.13 -9.13 -5.94
N THR B 332 26.94 -8.71 -5.52
CA THR B 332 26.08 -9.56 -4.71
C THR B 332 25.06 -10.28 -5.56
N THR B 333 25.13 -10.07 -6.86
CA THR B 333 24.17 -10.64 -7.78
C THR B 333 24.07 -12.15 -7.54
N ASP B 334 22.86 -12.68 -7.75
CA ASP B 334 22.60 -14.10 -7.62
C ASP B 334 23.25 -14.87 -8.78
N ARG B 335 22.80 -14.57 -10.00
CA ARG B 335 23.40 -15.10 -11.24
C ARG B 335 24.93 -14.93 -11.28
N TYR B 336 25.44 -14.03 -10.44
CA TYR B 336 26.86 -13.86 -10.22
C TYR B 336 27.46 -14.92 -9.28
N VAL B 337 28.29 -15.77 -9.86
CA VAL B 337 29.00 -16.78 -9.10
C VAL B 337 30.41 -16.85 -9.67
N GLN B 338 31.28 -16.07 -9.04
CA GLN B 338 32.71 -16.21 -9.28
C GLN B 338 33.31 -17.25 -8.32
N GLN B 339 32.69 -17.42 -7.14
CA GLN B 339 33.13 -18.45 -6.17
C GLN B 339 32.62 -19.85 -6.51
N LYS B 340 33.18 -20.85 -5.84
CA LYS B 340 32.79 -22.25 -6.00
C LYS B 340 32.77 -22.92 -4.62
N GLY C 9 -64.21 7.73 -49.09
CA GLY C 9 -63.75 8.09 -47.76
C GLY C 9 -64.85 8.17 -46.75
N ASP C 10 -66.12 8.19 -47.20
CA ASP C 10 -67.29 8.17 -46.35
C ASP C 10 -67.49 6.79 -45.74
N TYR C 11 -68.27 6.73 -44.64
CA TYR C 11 -68.56 5.52 -43.92
C TYR C 11 -70.03 5.24 -44.04
N VAL C 12 -70.39 3.96 -44.27
CA VAL C 12 -71.75 3.58 -44.57
C VAL C 12 -72.20 2.35 -43.82
N TYR C 13 -73.52 2.25 -43.67
CA TYR C 13 -74.24 1.17 -43.05
C TYR C 13 -74.86 0.28 -44.12
N PHE C 14 -74.31 -0.94 -44.24
CA PHE C 14 -74.69 -1.94 -45.19
C PHE C 14 -75.77 -2.81 -44.63
N GLU C 15 -76.48 -3.58 -45.50
CA GLU C 15 -77.36 -4.63 -45.08
C GLU C 15 -76.69 -5.63 -44.17
N ASN C 16 -77.38 -5.97 -43.07
CA ASN C 16 -77.04 -7.13 -42.31
C ASN C 16 -78.06 -8.16 -42.74
N SER C 17 -77.63 -9.22 -43.44
CA SER C 17 -78.55 -10.19 -44.03
C SER C 17 -79.20 -11.12 -43.01
N SER C 18 -78.60 -11.27 -41.81
CA SER C 18 -79.10 -12.13 -40.74
C SER C 18 -80.27 -11.54 -39.94
N SER C 19 -80.55 -10.21 -40.08
CA SER C 19 -81.54 -9.39 -39.34
C SER C 19 -80.89 -8.46 -38.32
N ASN C 20 -79.70 -8.86 -37.81
CA ASN C 20 -78.81 -8.20 -36.86
C ASN C 20 -78.41 -6.70 -37.14
N PRO C 21 -77.61 -5.95 -36.35
CA PRO C 21 -77.20 -4.57 -36.65
C PRO C 21 -76.46 -4.35 -37.94
N TYR C 22 -76.49 -3.20 -38.61
CA TYR C 22 -75.81 -3.02 -39.87
C TYR C 22 -74.29 -3.20 -39.84
N LEU C 23 -73.71 -3.75 -40.92
CA LEU C 23 -72.27 -3.82 -41.09
C LEU C 23 -71.78 -2.46 -41.54
N ILE C 24 -70.65 -2.03 -40.98
CA ILE C 24 -70.11 -0.71 -41.23
C ILE C 24 -68.93 -0.88 -42.12
N ARG C 25 -68.78 0.01 -43.10
CA ARG C 25 -67.66 -0.05 -43.98
C ARG C 25 -67.23 1.34 -44.40
N ARG C 26 -65.95 1.50 -44.80
CA ARG C 26 -65.42 2.71 -45.39
C ARG C 26 -65.40 2.53 -46.88
N ILE C 27 -65.88 3.54 -47.64
CA ILE C 27 -65.93 3.50 -49.09
C ILE C 27 -64.59 3.88 -49.68
N GLU C 28 -63.87 2.92 -50.30
CA GLU C 28 -62.62 3.21 -50.96
C GLU C 28 -62.79 3.65 -52.40
N GLU C 29 -63.74 3.04 -53.12
CA GLU C 29 -64.02 3.42 -54.47
C GLU C 29 -65.49 3.18 -54.77
N LEU C 30 -66.14 4.12 -55.49
CA LEU C 30 -67.50 3.98 -55.94
C LEU C 30 -67.44 3.75 -57.44
N ASN C 31 -68.01 2.64 -57.94
CA ASN C 31 -67.89 2.24 -59.32
C ASN C 31 -69.24 2.05 -59.94
N LYS C 32 -69.40 2.48 -61.20
CA LYS C 32 -70.60 2.23 -61.95
C LYS C 32 -70.17 1.45 -63.17
N THR C 33 -70.85 0.34 -63.49
CA THR C 33 -70.54 -0.43 -64.67
C THR C 33 -71.29 0.13 -65.88
N ALA C 34 -71.09 -0.44 -67.08
CA ALA C 34 -71.71 -0.03 -68.33
C ALA C 34 -73.25 -0.07 -68.37
N ASN C 35 -73.89 -0.99 -67.61
CA ASN C 35 -75.33 -1.14 -67.58
C ASN C 35 -75.91 -0.24 -66.46
N GLY C 36 -75.10 0.69 -65.88
CA GLY C 36 -75.54 1.76 -64.97
C GLY C 36 -75.73 1.35 -63.53
N ASN C 37 -75.54 0.05 -63.25
CA ASN C 37 -75.45 -0.62 -61.95
C ASN C 37 -74.30 -0.03 -61.18
N VAL C 38 -74.52 0.22 -59.89
CA VAL C 38 -73.54 0.86 -59.07
C VAL C 38 -73.11 -0.11 -58.00
N GLU C 39 -71.80 -0.29 -57.87
CA GLU C 39 -71.13 -1.18 -56.97
C GLU C 39 -70.12 -0.37 -56.18
N ALA C 40 -69.78 -0.79 -54.96
CA ALA C 40 -68.83 -0.06 -54.16
C ALA C 40 -67.79 -0.98 -53.59
N LYS C 41 -66.53 -0.50 -53.58
CA LYS C 41 -65.41 -1.17 -52.99
C LYS C 41 -65.26 -0.61 -51.60
N VAL C 42 -65.20 -1.50 -50.60
CA VAL C 42 -65.32 -1.11 -49.22
C VAL C 42 -64.43 -1.88 -48.26
N VAL C 43 -63.73 -1.15 -47.38
CA VAL C 43 -62.90 -1.70 -46.32
C VAL C 43 -63.80 -1.94 -45.14
N CYS C 44 -63.70 -3.14 -44.51
CA CYS C 44 -64.63 -3.54 -43.47
C CYS C 44 -64.29 -2.97 -42.10
N PHE C 45 -65.31 -2.52 -41.34
CA PHE C 45 -65.18 -2.22 -39.94
C PHE C 45 -65.73 -3.38 -39.20
N TYR C 46 -64.88 -3.94 -38.35
CA TYR C 46 -65.24 -5.10 -37.60
C TYR C 46 -65.81 -4.72 -36.24
N ARG C 47 -66.87 -5.43 -35.80
CA ARG C 47 -67.34 -5.40 -34.42
C ARG C 47 -66.45 -6.22 -33.55
N ARG C 48 -66.33 -5.87 -32.27
CA ARG C 48 -65.51 -6.53 -31.27
C ARG C 48 -65.68 -8.04 -31.09
N ARG C 49 -66.92 -8.53 -31.22
CA ARG C 49 -67.24 -9.93 -31.29
C ARG C 49 -66.67 -10.56 -32.53
N ASP C 50 -66.79 -9.87 -33.68
CA ASP C 50 -66.46 -10.42 -34.98
C ASP C 50 -64.96 -10.60 -35.20
N ILE C 51 -64.19 -9.83 -34.45
CA ILE C 51 -62.78 -9.83 -34.22
C ILE C 51 -62.44 -11.01 -33.43
N SER C 52 -62.35 -12.06 -34.23
CA SER C 52 -62.06 -13.34 -33.71
C SER C 52 -60.82 -13.90 -34.28
N HIS C 101 -65.49 -5.12 -19.86
CA HIS C 101 -64.98 -4.66 -21.13
C HIS C 101 -64.35 -3.27 -21.10
N GLN C 102 -63.25 -3.12 -21.86
CA GLN C 102 -62.67 -1.84 -22.20
C GLN C 102 -63.21 -1.40 -23.55
N LEU C 103 -63.73 -2.35 -24.35
CA LEU C 103 -64.39 -2.00 -25.58
C LEU C 103 -65.74 -1.42 -25.33
N ARG C 104 -65.87 -0.12 -25.60
CA ARG C 104 -67.14 0.55 -25.65
C ARG C 104 -68.18 -0.08 -26.57
N HIS C 105 -69.44 0.36 -26.43
CA HIS C 105 -70.57 -0.14 -27.23
C HIS C 105 -70.41 0.04 -28.73
N ARG C 106 -69.77 1.15 -29.13
CA ARG C 106 -69.64 1.62 -30.48
C ARG C 106 -68.22 1.52 -31.04
N GLU C 107 -67.36 0.66 -30.43
CA GLU C 107 -66.05 0.32 -30.97
C GLU C 107 -66.13 -0.34 -32.31
N LEU C 108 -65.28 0.12 -33.23
CA LEU C 108 -65.12 -0.50 -34.51
C LEU C 108 -63.67 -0.51 -34.88
N PHE C 109 -63.24 -1.62 -35.49
CA PHE C 109 -61.84 -1.78 -35.84
C PHE C 109 -61.67 -1.79 -37.33
N LEU C 110 -60.71 -0.98 -37.77
CA LEU C 110 -60.36 -0.84 -39.16
C LEU C 110 -59.61 -2.07 -39.62
N SER C 111 -60.17 -2.87 -40.53
CA SER C 111 -59.53 -4.10 -40.92
C SER C 111 -58.74 -3.96 -42.20
N ARG C 112 -57.94 -5.00 -42.52
CA ARG C 112 -57.33 -5.15 -43.83
C ARG C 112 -58.20 -6.02 -44.74
N GLN C 113 -59.48 -6.26 -44.37
CA GLN C 113 -60.42 -7.03 -45.17
C GLN C 113 -61.11 -6.10 -46.15
N LEU C 114 -61.02 -6.41 -47.45
CA LEU C 114 -61.56 -5.61 -48.52
C LEU C 114 -62.60 -6.41 -49.27
N GLU C 115 -63.81 -5.85 -49.49
CA GLU C 115 -64.89 -6.53 -50.20
C GLU C 115 -65.55 -5.54 -51.15
N SER C 116 -66.33 -6.05 -52.12
CA SER C 116 -67.05 -5.24 -53.10
C SER C 116 -68.48 -5.70 -53.12
N LEU C 117 -69.45 -4.79 -52.98
CA LEU C 117 -70.85 -5.16 -52.94
C LEU C 117 -71.68 -4.07 -53.62
N PRO C 118 -72.80 -4.37 -54.28
CA PRO C 118 -73.68 -3.37 -54.89
C PRO C 118 -74.17 -2.24 -53.99
N ALA C 119 -74.49 -1.06 -54.57
CA ALA C 119 -74.89 0.11 -53.83
C ALA C 119 -76.24 0.03 -53.12
N THR C 120 -77.11 -0.91 -53.53
CA THR C 120 -78.41 -1.21 -52.91
C THR C 120 -78.27 -1.71 -51.49
N HIS C 121 -77.12 -2.36 -51.19
CA HIS C 121 -76.74 -2.79 -49.86
C HIS C 121 -76.62 -1.65 -48.86
N ILE C 122 -76.21 -0.45 -49.30
CA ILE C 122 -76.15 0.72 -48.44
C ILE C 122 -77.55 1.15 -47.98
N ARG C 123 -77.79 1.13 -46.66
CA ARG C 123 -79.02 1.60 -46.06
C ARG C 123 -78.86 2.96 -45.39
N GLY C 124 -77.63 3.36 -44.98
CA GLY C 124 -77.44 4.68 -44.39
C GLY C 124 -76.00 5.10 -44.36
N LYS C 125 -75.76 6.40 -44.15
CA LYS C 125 -74.43 6.96 -43.99
C LYS C 125 -74.14 7.21 -42.53
N CYS C 126 -72.87 7.13 -42.11
CA CYS C 126 -72.51 7.27 -40.72
C CYS C 126 -71.22 8.02 -40.56
N SER C 127 -70.83 8.22 -39.29
CA SER C 127 -69.55 8.79 -38.95
C SER C 127 -68.85 7.82 -38.04
N VAL C 128 -67.62 7.44 -38.41
CA VAL C 128 -66.74 6.69 -37.56
C VAL C 128 -65.64 7.69 -37.27
N THR C 129 -65.63 8.26 -36.06
CA THR C 129 -64.74 9.32 -35.63
C THR C 129 -63.44 8.75 -35.08
N LEU C 130 -62.42 9.60 -34.85
CA LEU C 130 -61.32 9.31 -33.95
C LEU C 130 -61.78 9.18 -32.50
N LEU C 131 -61.01 8.49 -31.63
CA LEU C 131 -61.37 8.31 -30.22
C LEU C 131 -61.62 9.60 -29.45
N ASN C 132 -60.71 10.60 -29.64
CA ASN C 132 -60.82 11.94 -29.08
C ASN C 132 -62.10 12.69 -29.44
N GLU C 133 -62.48 12.66 -30.73
CA GLU C 133 -63.72 13.21 -31.23
C GLU C 133 -64.95 12.51 -30.70
N THR C 134 -64.94 11.17 -30.51
CA THR C 134 -66.06 10.49 -29.82
C THR C 134 -66.25 10.86 -28.40
N GLU C 135 -65.16 10.96 -27.65
CA GLU C 135 -65.25 11.33 -26.26
C GLU C 135 -65.67 12.77 -26.07
N SER C 136 -65.41 13.63 -27.07
CA SER C 136 -65.78 15.03 -27.04
C SER C 136 -67.24 15.28 -27.41
N LEU C 137 -67.93 14.27 -27.99
CA LEU C 137 -69.33 14.42 -28.39
C LEU C 137 -70.24 14.75 -27.23
N LYS C 138 -71.12 15.74 -27.45
CA LYS C 138 -72.04 16.16 -26.42
C LYS C 138 -73.21 15.21 -26.34
N SER C 139 -73.86 15.13 -25.14
CA SER C 139 -74.99 14.26 -24.83
C SER C 139 -76.17 14.34 -25.80
N TYR C 140 -76.51 15.55 -26.27
CA TYR C 140 -77.52 15.81 -27.28
C TYR C 140 -77.15 15.28 -28.66
N LEU C 141 -75.85 15.39 -29.04
CA LEU C 141 -75.37 15.03 -30.36
C LEU C 141 -75.00 13.56 -30.41
N GLU C 142 -75.16 12.83 -29.29
CA GLU C 142 -75.06 11.40 -29.21
C GLU C 142 -76.13 10.74 -30.07
N ARG C 143 -75.73 9.84 -30.99
CA ARG C 143 -76.65 9.26 -31.94
C ARG C 143 -76.25 7.83 -32.21
N GLU C 144 -77.17 7.07 -32.84
CA GLU C 144 -77.03 5.78 -33.44
C GLU C 144 -75.99 5.75 -34.55
N ASP C 145 -75.90 6.87 -35.29
CA ASP C 145 -74.98 7.09 -36.39
C ASP C 145 -73.51 7.27 -36.01
N PHE C 146 -73.21 7.66 -34.76
CA PHE C 146 -71.83 7.89 -34.34
C PHE C 146 -71.19 6.63 -33.79
N PHE C 147 -70.03 6.29 -34.37
CA PHE C 147 -69.15 5.20 -33.98
C PHE C 147 -67.75 5.72 -33.87
N PHE C 148 -66.80 4.87 -33.42
CA PHE C 148 -65.43 5.30 -33.31
C PHE C 148 -64.47 4.19 -33.59
N TYR C 149 -63.22 4.55 -33.90
CA TYR C 149 -62.16 3.59 -34.07
C TYR C 149 -60.90 4.08 -33.40
N SER C 150 -60.11 3.15 -32.85
CA SER C 150 -58.79 3.46 -32.35
C SER C 150 -57.79 2.36 -32.65
N LEU C 151 -58.24 1.26 -33.30
CA LEU C 151 -57.42 0.11 -33.58
C LEU C 151 -57.58 -0.32 -35.02
N VAL C 152 -56.46 -0.75 -35.61
CA VAL C 152 -56.35 -1.45 -36.87
C VAL C 152 -56.23 -2.91 -36.49
N TYR C 153 -57.00 -3.79 -37.14
CA TYR C 153 -57.06 -5.19 -36.85
C TYR C 153 -56.72 -5.95 -38.12
N ASP C 154 -55.69 -6.82 -38.12
CA ASP C 154 -55.45 -7.72 -39.23
C ASP C 154 -56.44 -8.90 -39.11
N PRO C 155 -57.43 -9.07 -40.00
CA PRO C 155 -58.42 -10.14 -39.93
C PRO C 155 -57.86 -11.50 -40.19
N GLN C 156 -56.79 -11.61 -40.99
CA GLN C 156 -56.18 -12.87 -41.32
C GLN C 156 -55.37 -13.41 -40.19
N GLN C 157 -54.47 -12.57 -39.62
CA GLN C 157 -53.63 -13.06 -38.56
C GLN C 157 -54.34 -13.18 -37.22
N LYS C 158 -55.06 -12.10 -36.83
CA LYS C 158 -55.72 -11.77 -35.58
C LYS C 158 -55.03 -10.61 -34.83
N THR C 159 -54.01 -9.95 -35.41
CA THR C 159 -53.18 -8.96 -34.71
C THR C 159 -53.85 -7.60 -34.59
N LEU C 160 -53.44 -6.80 -33.58
CA LEU C 160 -53.97 -5.47 -33.35
C LEU C 160 -52.84 -4.48 -33.53
N ALA C 162 -52.33 0.18 -33.18
CA ALA C 162 -51.06 0.19 -32.48
C ALA C 162 -50.95 -0.83 -31.34
N ASP C 163 -49.71 -1.14 -30.91
CA ASP C 163 -49.34 -1.99 -29.79
C ASP C 163 -49.75 -1.41 -28.40
N GLY C 165 -57.43 -6.94 -8.76
CA GLY C 165 -57.35 -5.52 -9.16
C GLY C 165 -58.39 -4.68 -8.47
N GLU C 166 -58.29 -4.61 -7.15
CA GLU C 166 -59.28 -3.92 -6.33
C GLU C 166 -58.65 -3.43 -5.04
N ILE C 167 -59.03 -2.23 -4.61
CA ILE C 167 -58.50 -1.69 -3.37
C ILE C 167 -59.54 -1.84 -2.25
N ARG C 168 -59.09 -2.31 -1.10
CA ARG C 168 -59.98 -2.72 -0.02
C ARG C 168 -60.00 -1.70 1.13
N VAL C 169 -61.11 -1.71 1.88
CA VAL C 169 -61.29 -0.86 3.08
C VAL C 169 -61.62 -1.71 4.30
N GLY C 170 -61.18 -1.29 5.48
CA GLY C 170 -61.46 -2.03 6.71
C GLY C 170 -60.28 -2.16 7.66
N ASN C 171 -60.56 -2.66 8.86
CA ASN C 171 -59.53 -2.78 9.91
C ASN C 171 -58.40 -3.68 9.48
N ARG C 172 -58.69 -4.56 8.54
CA ARG C 172 -57.74 -5.58 8.12
C ARG C 172 -56.96 -5.13 6.88
N TYR C 173 -57.10 -3.85 6.51
CA TYR C 173 -56.43 -3.28 5.33
C TYR C 173 -55.66 -1.99 5.61
N GLN C 174 -56.33 -1.03 6.22
CA GLN C 174 -55.71 0.24 6.55
C GLN C 174 -54.80 0.08 7.78
N ALA C 175 -53.86 1.00 7.92
CA ALA C 175 -52.99 1.09 9.08
C ALA C 175 -53.63 1.96 10.15
N ASP C 176 -53.39 1.63 11.41
CA ASP C 176 -53.78 2.51 12.52
C ASP C 176 -52.86 3.73 12.49
N ILE C 177 -53.42 4.92 12.35
CA ILE C 177 -52.60 6.12 12.18
C ILE C 177 -51.97 6.58 13.50
N THR C 178 -50.64 6.74 13.49
CA THR C 178 -49.90 7.09 14.70
C THR C 178 -50.06 8.54 15.08
N ASP C 179 -50.57 8.79 16.28
CA ASP C 179 -50.93 10.12 16.71
C ASP C 179 -49.70 10.99 16.90
N LEU C 180 -49.86 12.26 16.58
CA LEU C 180 -48.80 13.24 16.70
C LEU C 180 -48.45 13.36 18.19
N LEU C 181 -47.16 13.38 18.49
CA LEU C 181 -46.69 13.49 19.86
C LEU C 181 -46.94 14.89 20.39
N LYS C 182 -47.30 14.96 21.66
CA LYS C 182 -47.43 16.23 22.37
C LYS C 182 -46.07 16.95 22.40
N GLU C 183 -46.10 18.27 22.60
CA GLU C 183 -44.87 19.07 22.73
C GLU C 183 -44.04 18.63 23.92
N GLY C 184 -44.69 18.04 24.92
CA GLY C 184 -44.03 17.43 26.07
C GLY C 184 -43.65 15.96 25.89
N GLU C 185 -44.43 15.22 25.11
CA GLU C 185 -44.16 13.79 24.87
C GLU C 185 -42.89 13.59 24.03
N GLU C 186 -42.20 12.47 24.28
CA GLU C 186 -40.98 12.09 23.52
C GLU C 186 -41.14 10.71 22.87
N ASP C 187 -40.65 10.58 21.63
CA ASP C 187 -40.87 9.38 20.79
C ASP C 187 -40.33 8.06 21.37
N GLY C 188 -39.35 8.15 22.26
CA GLY C 188 -38.74 6.99 22.88
C GLY C 188 -38.19 6.01 21.85
N ARG C 189 -37.14 6.42 21.15
CA ARG C 189 -36.46 5.56 20.16
C ARG C 189 -34.95 5.58 20.32
N ASP C 190 -34.40 4.42 20.70
CA ASP C 190 -32.96 4.25 20.91
C ASP C 190 -32.23 4.17 19.57
N GLN C 191 -31.45 5.20 19.25
CA GLN C 191 -30.83 5.31 17.93
C GLN C 191 -29.69 4.33 17.69
N SER C 192 -29.05 3.86 18.76
CA SER C 192 -27.98 2.86 18.61
C SER C 192 -28.52 1.49 18.25
N ARG C 193 -29.76 1.20 18.64
CA ARG C 193 -30.41 -0.05 18.26
C ARG C 193 -30.84 -0.03 16.78
N LEU C 194 -30.82 1.15 16.16
CA LEU C 194 -31.32 1.35 14.79
C LEU C 194 -30.23 1.53 13.73
N GLU C 195 -29.10 2.14 14.11
CA GLU C 195 -28.06 2.43 13.14
C GLU C 195 -26.69 2.43 13.80
N THR C 196 -25.63 2.29 12.99
CA THR C 196 -24.27 2.52 13.47
C THR C 196 -23.44 3.14 12.35
N GLN C 197 -22.93 4.34 12.62
CA GLN C 197 -22.34 5.17 11.58
C GLN C 197 -21.02 4.61 11.05
N VAL C 198 -20.79 4.80 9.75
CA VAL C 198 -19.67 4.21 9.03
C VAL C 198 -18.81 5.22 8.29
N TRP C 199 -19.32 6.43 8.12
CA TRP C 199 -18.56 7.51 7.54
C TRP C 199 -19.22 8.87 7.84
N GLU C 200 -18.49 9.74 8.54
CA GLU C 200 -18.93 11.10 8.74
C GLU C 200 -18.53 11.91 7.51
N ALA C 201 -19.41 12.80 7.08
CA ALA C 201 -19.22 13.57 5.84
C ALA C 201 -18.49 14.88 6.08
N HIS C 202 -18.46 15.33 7.33
CA HIS C 202 -17.73 16.53 7.67
C HIS C 202 -16.48 16.14 8.45
N ASN C 203 -15.40 15.93 7.70
CA ASN C 203 -14.12 15.51 8.23
C ASN C 203 -13.10 16.61 8.23
N PRO C 204 -12.18 16.59 9.20
CA PRO C 204 -11.04 17.50 9.13
C PRO C 204 -10.14 17.26 7.90
N LEU C 205 -10.40 16.21 7.12
CA LEU C 205 -9.60 15.84 5.96
C LEU C 205 -10.13 16.45 4.69
N THR C 206 -9.22 16.59 3.73
CA THR C 206 -9.55 17.10 2.39
C THR C 206 -9.59 15.95 1.40
N ASP C 207 -10.28 16.16 0.28
CA ASP C 207 -10.35 15.17 -0.78
C ASP C 207 -8.98 14.59 -1.13
N LYS C 208 -7.99 15.47 -1.21
CA LYS C 208 -6.65 15.06 -1.60
C LYS C 208 -6.14 13.99 -0.64
N GLN C 209 -6.22 14.29 0.67
CA GLN C 209 -5.74 13.40 1.74
C GLN C 209 -6.44 12.06 1.80
N ILE C 210 -7.74 12.08 1.57
CA ILE C 210 -8.51 10.84 1.53
C ILE C 210 -8.05 10.06 0.31
N ASP C 211 -8.03 10.74 -0.84
CA ASP C 211 -7.53 10.13 -2.06
C ASP C 211 -6.18 9.49 -1.84
N GLN C 212 -5.27 10.27 -1.26
CA GLN C 212 -3.92 9.81 -0.94
C GLN C 212 -3.97 8.57 -0.04
N PHE C 213 -4.77 8.63 1.00
CA PHE C 213 -4.87 7.49 1.88
C PHE C 213 -5.32 6.28 1.12
N LEU C 214 -6.29 6.45 0.24
CA LEU C 214 -6.77 5.33 -0.57
C LEU C 214 -5.64 4.69 -1.40
N VAL C 215 -4.74 5.51 -1.93
CA VAL C 215 -3.59 4.99 -2.68
C VAL C 215 -2.74 4.17 -1.73
N VAL C 216 -2.51 4.73 -0.55
CA VAL C 216 -1.69 4.03 0.43
C VAL C 216 -2.33 2.69 0.82
N ALA C 217 -3.63 2.70 1.10
CA ALA C 217 -4.38 1.48 1.45
C ALA C 217 -4.25 0.42 0.36
N ARG C 218 -4.21 0.89 -0.88
CA ARG C 218 -3.97 0.00 -2.01
C ARG C 218 -2.54 -0.54 -2.07
N SER C 219 -1.57 0.29 -1.76
CA SER C 219 -0.19 -0.13 -1.85
C SER C 219 0.13 -1.21 -0.83
N VAL C 220 -0.31 -0.97 0.42
CA VAL C 220 -0.14 -1.93 1.53
C VAL C 220 -0.66 -3.28 1.05
N GLY C 221 -1.90 -3.26 0.56
CA GLY C 221 -2.60 -4.43 0.08
C GLY C 221 -1.80 -5.23 -0.92
N THR C 222 -1.12 -4.53 -1.83
CA THR C 222 -0.31 -5.18 -2.87
C THR C 222 0.95 -5.78 -2.24
N PHE C 223 1.56 -5.00 -1.35
CA PHE C 223 2.72 -5.43 -0.60
C PHE C 223 2.37 -6.56 0.38
N ALA C 224 1.15 -6.56 0.88
CA ALA C 224 0.65 -7.64 1.74
C ALA C 224 0.65 -8.95 0.96
N ARG C 225 0.04 -8.93 -0.22
CA ARG C 225 -0.07 -10.17 -0.99
C ARG C 225 1.20 -10.52 -1.74
N ALA C 226 2.20 -9.65 -1.67
CA ALA C 226 3.56 -10.00 -2.10
C ALA C 226 4.25 -10.88 -1.05
N LEU C 227 3.89 -10.69 0.21
CA LEU C 227 4.39 -11.53 1.31
C LEU C 227 3.56 -12.81 1.52
N ASP C 228 2.97 -13.38 0.46
CA ASP C 228 2.29 -14.70 0.54
C ASP C 228 1.01 -14.63 1.37
N SER C 237 1.95 -11.20 -12.47
CA SER C 237 1.27 -11.16 -11.18
C SER C 237 1.40 -9.80 -10.45
N LEU C 238 2.40 -9.01 -10.80
CA LEU C 238 2.51 -7.66 -10.22
C LEU C 238 1.25 -6.85 -10.52
N HIS C 239 0.98 -6.58 -11.80
CA HIS C 239 -0.24 -5.88 -12.17
C HIS C 239 -1.47 -6.58 -11.54
N MET C 240 -1.49 -7.91 -11.55
CA MET C 240 -2.61 -8.70 -11.00
C MET C 240 -2.86 -8.46 -9.52
N SER C 241 -1.79 -8.46 -8.74
CA SER C 241 -1.87 -8.19 -7.31
C SER C 241 -2.33 -6.76 -7.00
N ALA C 242 -1.86 -5.82 -7.82
CA ALA C 242 -2.23 -4.40 -7.69
C ALA C 242 -3.70 -4.18 -8.00
N ALA C 243 -4.19 -4.86 -9.02
CA ALA C 243 -5.59 -4.77 -9.38
C ALA C 243 -6.42 -5.40 -8.30
N ALA C 244 -5.96 -6.56 -7.82
CA ALA C 244 -6.57 -7.28 -6.71
C ALA C 244 -6.69 -6.38 -5.50
N ALA C 245 -5.60 -5.68 -5.20
CA ALA C 245 -5.60 -4.74 -4.08
C ALA C 245 -6.37 -3.46 -4.34
N SER C 246 -6.67 -3.19 -5.60
CA SER C 246 -7.42 -1.99 -5.96
C SER C 246 -8.92 -2.21 -6.00
N ARG C 247 -9.38 -3.42 -5.75
CA ARG C 247 -10.82 -3.69 -5.78
C ARG C 247 -11.55 -3.02 -4.62
N ASP C 248 -12.87 -2.98 -4.71
CA ASP C 248 -13.67 -2.11 -3.86
C ASP C 248 -13.58 -2.48 -2.38
N ILE C 249 -13.56 -3.78 -2.10
CA ILE C 249 -13.48 -4.28 -0.72
C ILE C 249 -12.34 -3.63 0.07
N THR C 250 -11.18 -3.50 -0.57
CA THR C 250 -10.02 -2.87 0.01
C THR C 250 -10.30 -1.39 0.25
N LEU C 251 -10.91 -0.73 -0.74
CA LEU C 251 -11.27 0.69 -0.60
C LEU C 251 -12.28 0.88 0.53
N PHE C 252 -13.37 0.14 0.49
CA PHE C 252 -14.35 0.26 1.56
C PHE C 252 -13.63 0.10 2.92
N HIS C 253 -12.79 -0.91 3.03
CA HIS C 253 -12.06 -1.14 4.27
C HIS C 253 -11.21 0.04 4.63
N ALA C 254 -10.70 0.73 3.61
CA ALA C 254 -9.90 1.95 3.80
C ALA C 254 -10.70 3.15 4.30
N MET C 255 -11.93 3.27 3.85
CA MET C 255 -12.81 4.31 4.35
C MET C 255 -13.31 4.05 5.79
N ASP C 256 -13.42 2.79 6.18
CA ASP C 256 -13.78 2.45 7.57
C ASP C 256 -12.60 2.65 8.49
N THR C 257 -11.43 2.24 8.05
CA THR C 257 -10.22 2.39 8.85
C THR C 257 -10.02 3.87 9.21
N LEU C 258 -10.37 4.75 8.28
CA LEU C 258 -10.29 6.18 8.54
C LEU C 258 -11.27 6.55 9.65
N HIS C 259 -12.53 6.23 9.44
CA HIS C 259 -13.59 6.60 10.39
C HIS C 259 -13.45 6.00 11.79
N LYS C 260 -13.05 4.73 11.86
CA LYS C 260 -12.76 4.10 13.13
C LYS C 260 -11.64 4.80 13.86
N ASN C 261 -10.67 5.33 13.14
CA ASN C 261 -9.56 6.03 13.77
C ASN C 261 -9.78 7.54 13.88
N ILE C 262 -11.04 7.98 13.78
CA ILE C 262 -11.42 9.39 14.00
C ILE C 262 -10.78 10.34 12.99
N TYR C 263 -10.61 9.86 11.76
CA TYR C 263 -10.00 10.64 10.67
C TYR C 263 -8.60 11.19 11.00
N ASP C 264 -7.87 10.42 11.82
CA ASP C 264 -6.48 10.70 12.09
C ASP C 264 -5.64 9.84 11.14
N ILE C 265 -5.05 10.48 10.14
CA ILE C 265 -4.27 9.79 9.11
C ILE C 265 -3.18 8.95 9.75
N SER C 266 -2.43 9.59 10.63
CA SER C 266 -1.32 8.94 11.32
C SER C 266 -1.72 7.74 12.16
N LYS C 267 -2.90 7.81 12.78
CA LYS C 267 -3.39 6.71 13.60
C LYS C 267 -3.93 5.60 12.70
N ALA C 268 -4.59 6.02 11.62
CA ALA C 268 -5.24 5.09 10.70
C ALA C 268 -4.21 4.26 9.96
N ILE C 269 -3.09 4.86 9.62
CA ILE C 269 -2.05 4.12 8.95
C ILE C 269 -1.48 2.99 9.81
N SER C 270 -1.39 3.20 11.13
CA SER C 270 -1.00 2.12 12.09
C SER C 270 -1.95 0.95 11.98
N ALA C 271 -3.24 1.26 11.90
CA ALA C 271 -4.26 0.25 11.76
C ALA C 271 -3.97 -0.66 10.58
N LEU C 272 -3.52 -0.07 9.46
CA LEU C 272 -3.20 -0.81 8.24
C LEU C 272 -1.93 -1.68 8.32
N VAL C 273 -1.03 -1.32 9.25
CA VAL C 273 0.21 -2.05 9.43
C VAL C 273 0.40 -2.39 10.91
N PRO C 274 -0.56 -3.12 11.51
CA PRO C 274 -0.69 -3.23 12.96
C PRO C 274 0.59 -3.37 13.79
N GLN C 275 1.48 -4.24 13.33
CA GLN C 275 2.68 -4.55 14.08
C GLN C 275 3.85 -4.70 13.13
N GLY C 276 3.89 -3.78 12.18
CA GLY C 276 4.83 -3.88 11.06
C GLY C 276 4.35 -4.79 9.94
N GLY C 277 3.20 -5.43 10.12
CA GLY C 277 2.69 -6.38 9.13
C GLY C 277 1.48 -5.78 8.47
N PRO C 278 1.34 -5.91 7.14
CA PRO C 278 0.21 -5.32 6.43
C PRO C 278 -1.07 -6.13 6.56
N VAL C 279 -2.20 -5.59 6.09
CA VAL C 279 -3.48 -6.33 6.13
C VAL C 279 -3.99 -6.66 4.74
N LEU C 280 -4.64 -7.83 4.63
CA LEU C 280 -5.18 -8.34 3.37
C LEU C 280 -6.70 -8.40 3.43
N CYS C 281 -7.33 -7.76 2.45
CA CYS C 281 -8.76 -7.90 2.26
C CYS C 281 -8.97 -8.53 0.89
N ARG C 282 -9.63 -9.68 0.90
CA ARG C 282 -9.89 -10.38 -0.34
C ARG C 282 -11.38 -10.68 -0.38
N ASP C 283 -12.03 -10.23 -1.45
CA ASP C 283 -13.40 -10.61 -1.75
C ASP C 283 -13.52 -12.06 -2.19
N GLU C 284 -14.74 -12.57 -2.20
CA GLU C 284 -14.97 -13.97 -2.52
C GLU C 284 -14.34 -14.32 -3.87
N MET C 285 -14.32 -13.37 -4.81
CA MET C 285 -13.71 -13.60 -6.12
C MET C 285 -12.29 -14.09 -5.92
N GLU C 286 -11.46 -13.24 -5.34
CA GLU C 286 -10.04 -13.53 -5.15
C GLU C 286 -9.78 -14.70 -4.17
N GLU C 287 -10.64 -14.84 -3.16
CA GLU C 287 -10.41 -15.73 -2.03
C GLU C 287 -10.56 -17.21 -2.31
N TRP C 288 -11.44 -17.56 -3.25
CA TRP C 288 -11.78 -18.95 -3.57
C TRP C 288 -10.57 -19.65 -4.15
N SER C 289 -10.42 -20.95 -3.94
CA SER C 289 -9.31 -21.70 -4.51
C SER C 289 -9.55 -21.98 -5.99
N ALA C 290 -8.48 -22.39 -6.68
CA ALA C 290 -8.55 -22.64 -8.11
C ALA C 290 -9.62 -23.68 -8.35
N SER C 291 -9.61 -24.70 -7.48
CA SER C 291 -10.49 -25.85 -7.59
C SER C 291 -11.94 -25.56 -7.19
N GLU C 292 -12.14 -24.64 -6.26
CA GLU C 292 -13.48 -24.12 -5.98
C GLU C 292 -14.04 -23.36 -7.19
N ALA C 293 -13.23 -22.47 -7.75
CA ALA C 293 -13.58 -21.74 -8.98
C ALA C 293 -14.00 -22.71 -10.09
N ASN C 294 -13.24 -23.79 -10.18
CA ASN C 294 -13.47 -24.83 -11.15
C ASN C 294 -14.84 -25.48 -10.89
N LEU C 295 -15.06 -25.84 -9.64
CA LEU C 295 -16.32 -26.44 -9.24
C LEU C 295 -17.50 -25.58 -9.64
N PHE C 296 -17.37 -24.28 -9.40
CA PHE C 296 -18.41 -23.35 -9.75
C PHE C 296 -18.77 -23.33 -11.23
N GLU C 297 -17.77 -23.38 -12.09
CA GLU C 297 -18.02 -23.35 -13.54
C GLU C 297 -18.60 -24.62 -14.06
N GLU C 298 -18.48 -25.69 -13.28
CA GLU C 298 -19.14 -26.96 -13.61
C GLU C 298 -20.58 -26.96 -13.13
N ALA C 299 -20.78 -26.41 -11.94
CA ALA C 299 -22.10 -26.38 -11.33
C ALA C 299 -23.04 -25.45 -12.04
N LEU C 300 -22.53 -24.30 -12.50
CA LEU C 300 -23.31 -23.33 -13.27
C LEU C 300 -23.71 -23.98 -14.61
N GLU C 301 -22.71 -24.35 -15.41
CA GLU C 301 -22.95 -24.95 -16.75
C GLU C 301 -23.83 -26.19 -16.63
N LYS C 302 -23.92 -26.76 -15.43
CA LYS C 302 -24.79 -27.90 -15.25
C LYS C 302 -26.14 -27.62 -14.59
N TYR C 303 -26.19 -26.73 -13.60
CA TYR C 303 -27.47 -26.40 -12.96
C TYR C 303 -27.98 -25.00 -13.23
N GLY C 304 -27.36 -24.32 -14.19
CA GLY C 304 -27.69 -22.92 -14.44
C GLY C 304 -27.57 -22.12 -13.16
N LYS C 305 -28.49 -21.18 -12.95
CA LYS C 305 -28.38 -20.21 -11.86
C LYS C 305 -29.19 -20.68 -10.65
N ASP C 306 -29.12 -21.96 -10.34
CA ASP C 306 -29.84 -22.50 -9.18
C ASP C 306 -28.87 -22.66 -8.02
N PHE C 307 -28.65 -21.56 -7.30
CA PHE C 307 -27.51 -21.48 -6.38
C PHE C 307 -27.62 -22.29 -5.09
N THR C 308 -28.83 -22.70 -4.69
CA THR C 308 -28.92 -23.61 -3.52
C THR C 308 -28.47 -25.02 -3.90
N ASP C 309 -28.88 -25.49 -5.07
CA ASP C 309 -28.43 -26.79 -5.53
C ASP C 309 -26.97 -26.78 -5.92
N ILE C 310 -26.50 -25.64 -6.44
CA ILE C 310 -25.08 -25.49 -6.80
C ILE C 310 -24.20 -25.69 -5.55
N GLN C 311 -24.69 -25.21 -4.42
CA GLN C 311 -23.97 -25.45 -3.17
C GLN C 311 -24.15 -26.91 -2.73
N GLN C 312 -25.40 -27.33 -2.53
CA GLN C 312 -25.70 -28.66 -2.00
C GLN C 312 -24.86 -29.74 -2.69
N ASP C 313 -24.85 -29.73 -4.00
CA ASP C 313 -24.18 -30.74 -4.78
C ASP C 313 -22.73 -30.42 -5.17
N PHE C 314 -22.35 -29.14 -5.27
CA PHE C 314 -20.99 -28.81 -5.76
C PHE C 314 -20.06 -28.08 -4.77
N LEU C 315 -20.61 -27.11 -4.03
CA LEU C 315 -19.83 -26.33 -3.05
C LEU C 315 -20.55 -26.27 -1.70
N PRO C 316 -20.74 -27.43 -1.04
CA PRO C 316 -21.56 -27.48 0.16
C PRO C 316 -20.90 -26.89 1.40
N TRP C 317 -19.59 -26.71 1.34
CA TRP C 317 -18.86 -26.11 2.46
C TRP C 317 -18.90 -24.61 2.46
N LYS C 318 -19.33 -23.99 1.35
CA LYS C 318 -19.47 -22.54 1.24
C LYS C 318 -20.86 -22.12 1.63
N SER C 319 -21.00 -20.90 2.15
CA SER C 319 -22.32 -20.39 2.50
C SER C 319 -23.00 -19.80 1.28
N LEU C 320 -24.30 -20.04 1.16
CA LEU C 320 -25.04 -19.60 -0.02
C LEU C 320 -24.66 -18.17 -0.38
N THR C 321 -24.67 -17.28 0.62
CA THR C 321 -24.52 -15.85 0.31
C THR C 321 -23.13 -15.53 -0.20
N SER C 322 -22.13 -16.36 0.12
CA SER C 322 -20.80 -16.16 -0.47
C SER C 322 -20.79 -16.61 -1.94
N ILE C 323 -21.57 -17.63 -2.27
CA ILE C 323 -21.66 -18.10 -3.62
C ILE C 323 -22.36 -17.04 -4.49
N ILE C 324 -23.34 -16.35 -3.94
CA ILE C 324 -24.02 -15.27 -4.67
C ILE C 324 -23.01 -14.18 -5.00
N GLU C 325 -22.36 -13.64 -3.97
CA GLU C 325 -21.34 -12.58 -4.11
C GLU C 325 -20.29 -12.95 -5.13
N TYR C 326 -19.88 -14.22 -5.09
CA TYR C 326 -18.94 -14.72 -6.07
C TYR C 326 -19.55 -14.68 -7.47
N TYR C 327 -20.76 -15.24 -7.62
CA TYR C 327 -21.40 -15.26 -8.91
C TYR C 327 -21.25 -13.91 -9.64
N TYR C 328 -21.76 -12.88 -9.01
CA TYR C 328 -21.85 -11.58 -9.65
C TYR C 328 -20.46 -11.08 -10.01
N MET C 329 -19.50 -11.31 -9.13
CA MET C 329 -18.13 -10.90 -9.42
C MET C 329 -17.54 -11.70 -10.58
N TRP C 330 -17.96 -12.94 -10.68
CA TRP C 330 -17.46 -13.82 -11.71
C TRP C 330 -18.04 -13.45 -13.08
N LYS C 331 -19.28 -12.96 -13.11
CA LYS C 331 -19.90 -12.51 -14.36
C LYS C 331 -19.10 -11.47 -15.16
N THR C 332 -18.17 -10.77 -14.50
CA THR C 332 -17.35 -9.78 -15.19
C THR C 332 -16.03 -10.37 -15.59
N THR C 333 -15.84 -11.65 -15.31
CA THR C 333 -14.58 -12.31 -15.60
C THR C 333 -14.18 -12.06 -17.03
N ASP C 334 -12.87 -11.99 -17.26
CA ASP C 334 -12.30 -11.81 -18.59
C ASP C 334 -12.47 -13.10 -19.41
N ARG C 335 -11.84 -14.17 -18.94
CA ARG C 335 -11.99 -15.52 -19.52
C ARG C 335 -13.46 -15.93 -19.69
N TYR C 336 -14.35 -15.23 -19.00
CA TYR C 336 -15.79 -15.36 -19.18
C TYR C 336 -16.32 -14.59 -20.40
N VAL C 337 -16.77 -15.36 -21.39
CA VAL C 337 -17.37 -14.79 -22.58
C VAL C 337 -18.54 -15.69 -22.94
N GLN C 338 -19.69 -15.29 -22.41
CA GLN C 338 -20.95 -15.86 -22.86
C GLN C 338 -21.50 -15.08 -24.07
N GLN C 339 -21.15 -13.78 -24.18
CA GLN C 339 -21.55 -12.96 -25.33
C GLN C 339 -20.64 -13.18 -26.56
N LYS C 340 -21.09 -12.67 -27.70
CA LYS C 340 -20.35 -12.73 -28.96
C LYS C 340 -20.47 -11.40 -29.70
N ARG D 8 22.62 8.91 29.01
CA ARG D 8 23.44 8.24 27.93
C ARG D 8 23.91 9.21 26.84
N ARG D 9 25.18 9.08 26.48
CA ARG D 9 25.88 10.09 25.67
C ARG D 9 25.13 10.33 24.37
N LYS D 10 25.18 11.57 23.86
CA LYS D 10 24.57 11.92 22.57
C LYS D 10 25.59 11.80 21.45
N VAL D 11 25.20 11.15 20.35
CA VAL D 11 26.11 10.86 19.25
C VAL D 11 25.71 11.55 17.93
N CYS D 12 26.69 12.11 17.22
CA CYS D 12 26.46 12.73 15.92
C CYS D 12 27.23 12.02 14.84
N TYR D 13 26.54 11.62 13.79
CA TYR D 13 27.14 10.79 12.78
C TYR D 13 27.20 11.56 11.49
N TYR D 14 28.39 11.59 10.87
CA TYR D 14 28.60 12.33 9.62
C TYR D 14 28.85 11.41 8.45
N TYR D 15 28.12 11.63 7.34
CA TYR D 15 28.20 10.75 6.16
C TYR D 15 27.73 11.47 4.90
N ASP D 16 28.48 11.30 3.80
CA ASP D 16 28.03 11.77 2.48
C ASP D 16 28.00 10.60 1.54
N GLY D 17 26.82 10.35 1.00
CA GLY D 17 26.54 9.21 0.13
C GLY D 17 27.56 8.97 -0.95
N ASP D 18 28.17 10.05 -1.44
CA ASP D 18 29.16 9.96 -2.53
C ASP D 18 30.43 9.17 -2.15
N VAL D 19 30.77 9.18 -0.87
CA VAL D 19 32.05 8.64 -0.34
C VAL D 19 32.32 7.17 -0.66
N GLY D 20 31.27 6.35 -0.68
CA GLY D 20 31.43 4.96 -1.07
C GLY D 20 31.80 4.76 -2.53
N ASN D 21 31.51 5.77 -3.36
CA ASN D 21 31.61 5.66 -4.83
C ASN D 21 32.92 6.12 -5.42
N TYR D 22 33.72 6.87 -4.65
CA TYR D 22 35.07 7.23 -5.08
C TYR D 22 35.98 6.00 -5.02
N TYR D 23 36.86 5.88 -6.00
CA TYR D 23 37.60 4.65 -6.23
C TYR D 23 39.09 4.94 -6.40
N TYR D 24 39.91 4.19 -5.68
CA TYR D 24 41.37 4.44 -5.63
C TYR D 24 42.11 3.89 -6.83
N GLY D 25 41.64 2.79 -7.37
CA GLY D 25 42.23 2.25 -8.57
C GLY D 25 42.28 0.75 -8.56
N GLN D 26 42.33 0.17 -9.74
CA GLN D 26 42.42 -1.26 -9.86
C GLN D 26 43.58 -1.78 -9.03
N GLY D 27 43.34 -2.85 -8.30
CA GLY D 27 44.37 -3.54 -7.52
C GLY D 27 44.76 -2.85 -6.23
N HIS D 28 44.14 -1.71 -5.94
CA HIS D 28 44.43 -0.92 -4.73
C HIS D 28 43.61 -1.37 -3.52
N PRO D 29 44.25 -1.49 -2.35
CA PRO D 29 43.57 -2.07 -1.18
C PRO D 29 42.59 -1.12 -0.48
N MET D 30 42.95 0.13 -0.38
CA MET D 30 42.05 1.13 0.17
C MET D 30 40.79 1.22 -0.66
N LYS D 31 39.66 0.88 -0.06
CA LYS D 31 38.39 0.89 -0.77
C LYS D 31 37.33 1.67 0.00
N PRO D 32 37.06 2.92 -0.41
CA PRO D 32 36.15 3.79 0.35
C PRO D 32 34.76 3.17 0.53
N HIS D 33 34.42 2.20 -0.31
CA HIS D 33 33.12 1.59 -0.27
C HIS D 33 32.75 0.98 1.07
N ARG D 34 33.76 0.66 1.87
CA ARG D 34 33.56 0.05 3.18
C ARG D 34 32.76 0.94 4.16
N ILE D 35 32.80 2.26 3.93
CA ILE D 35 32.04 3.23 4.75
C ILE D 35 30.55 3.17 4.41
N ARG D 36 30.27 3.03 3.12
CA ARG D 36 28.90 2.84 2.65
C ARG D 36 28.33 1.55 3.20
N MET D 37 29.16 0.52 3.32
CA MET D 37 28.72 -0.77 3.87
C MET D 37 28.31 -0.67 5.33
N THR D 38 29.13 0.08 6.07
CA THR D 38 28.87 0.42 7.46
C THR D 38 27.58 1.22 7.57
N HIS D 39 27.54 2.36 6.89
CA HIS D 39 26.37 3.21 6.84
C HIS D 39 25.12 2.35 6.72
N ASN D 40 25.11 1.48 5.71
CA ASN D 40 23.96 0.66 5.42
C ASN D 40 23.62 -0.33 6.53
N LEU D 41 24.63 -0.88 7.20
CA LEU D 41 24.36 -1.78 8.31
C LEU D 41 23.72 -1.00 9.43
N LEU D 42 24.31 0.13 9.75
CA LEU D 42 23.79 1.03 10.79
C LEU D 42 22.29 1.30 10.62
N LEU D 43 21.85 1.53 9.37
CA LEU D 43 20.44 1.77 9.09
C LEU D 43 19.60 0.55 9.40
N ASN D 44 20.07 -0.59 8.96
CA ASN D 44 19.35 -1.84 9.16
C ASN D 44 19.50 -2.47 10.54
N TYR D 45 20.53 -2.10 11.29
CA TYR D 45 20.60 -2.51 12.68
C TYR D 45 19.78 -1.56 13.54
N GLY D 46 19.19 -0.52 12.96
CA GLY D 46 18.31 0.42 13.67
C GLY D 46 19.05 1.48 14.48
N LEU D 47 20.35 1.57 14.26
CA LEU D 47 21.21 2.47 15.04
C LEU D 47 21.13 3.88 14.44
N TYR D 48 21.15 3.96 13.10
CA TYR D 48 20.98 5.21 12.35
C TYR D 48 19.91 6.07 13.01
N ARG D 49 18.73 5.45 13.11
CA ARG D 49 17.60 5.99 13.83
C ARG D 49 18.01 6.76 15.09
N LYS D 50 18.88 6.15 15.90
CA LYS D 50 19.18 6.63 17.26
C LYS D 50 20.26 7.70 17.40
N MET D 51 20.79 8.21 16.31
CA MET D 51 21.80 9.26 16.44
C MET D 51 21.57 10.39 15.44
N GLU D 52 22.16 11.53 15.71
CA GLU D 52 21.94 12.72 14.89
C GLU D 52 22.78 12.66 13.60
N ILE D 53 22.10 12.52 12.45
CA ILE D 53 22.78 12.28 11.17
C ILE D 53 22.99 13.56 10.33
N TYR D 54 24.26 13.89 10.06
CA TYR D 54 24.61 15.11 9.32
C TYR D 54 25.34 14.79 8.02
N ARG D 55 24.96 15.49 6.95
CA ARG D 55 25.73 15.51 5.69
C ARG D 55 26.73 16.63 5.84
N PRO D 56 28.02 16.32 5.68
CA PRO D 56 29.06 17.33 5.75
C PRO D 56 29.25 18.04 4.42
N HIS D 57 29.14 19.36 4.45
CA HIS D 57 29.47 20.16 3.30
C HIS D 57 30.95 19.95 3.02
N LYS D 58 31.35 20.28 1.80
CA LYS D 58 32.71 20.10 1.30
C LYS D 58 33.66 21.09 1.98
N ALA D 59 34.78 20.59 2.51
CA ALA D 59 35.78 21.47 3.09
C ALA D 59 36.56 22.11 1.97
N ASN D 60 36.66 23.44 1.98
CA ASN D 60 37.37 24.16 0.93
C ASN D 60 38.85 24.33 1.28
N ALA D 61 39.64 24.62 0.26
CA ALA D 61 41.09 24.85 0.39
C ALA D 61 41.42 25.81 1.53
N GLU D 62 40.50 26.75 1.78
CA GLU D 62 40.57 27.71 2.90
C GLU D 62 41.00 27.08 4.23
N GLU D 63 40.27 26.04 4.63
CA GLU D 63 40.50 25.38 5.93
C GLU D 63 41.48 24.19 5.87
N MET D 64 41.65 23.57 4.70
CA MET D 64 42.72 22.58 4.51
C MET D 64 44.14 23.19 4.60
N THR D 65 44.28 24.48 4.23
CA THR D 65 45.56 25.20 4.29
C THR D 65 45.82 25.76 5.68
N LYS D 66 44.84 25.65 6.58
CA LYS D 66 45.06 25.96 7.99
C LYS D 66 46.19 25.08 8.60
N TYR D 67 46.50 23.94 7.95
CA TYR D 67 47.68 23.14 8.29
C TYR D 67 48.59 22.92 7.07
N HIS D 68 48.00 22.57 5.93
CA HIS D 68 48.80 22.23 4.75
C HIS D 68 49.29 23.43 3.94
N SER D 69 50.27 23.14 3.07
CA SER D 69 50.91 24.12 2.19
C SER D 69 49.88 24.77 1.27
N ASP D 70 50.00 26.08 1.06
CA ASP D 70 49.11 26.78 0.15
C ASP D 70 49.26 26.22 -1.27
N ASP D 71 50.40 25.61 -1.55
CA ASP D 71 50.71 25.07 -2.88
C ASP D 71 50.68 23.54 -2.96
N TYR D 72 50.43 22.88 -1.84
CA TYR D 72 50.21 21.44 -1.81
C TYR D 72 48.74 21.17 -2.09
N ILE D 73 47.88 21.92 -1.41
CA ILE D 73 46.44 21.88 -1.63
C ILE D 73 46.17 22.40 -3.04
N LYS D 74 46.80 23.50 -3.41
CA LYS D 74 46.69 24.04 -4.77
C LYS D 74 46.92 22.93 -5.78
N PHE D 75 48.02 22.19 -5.59
CA PHE D 75 48.33 21.05 -6.43
C PHE D 75 47.20 20.03 -6.49
N LEU D 76 46.62 19.69 -5.33
CA LEU D 76 45.52 18.70 -5.21
C LEU D 76 44.24 19.19 -5.87
N ARG D 77 43.93 20.46 -5.66
CA ARG D 77 42.75 21.06 -6.26
C ARG D 77 42.88 20.94 -7.76
N SER D 78 44.10 21.12 -8.26
CA SER D 78 44.36 21.18 -9.70
C SER D 78 44.52 19.80 -10.37
N ILE D 79 45.36 18.94 -9.80
CA ILE D 79 45.70 17.64 -10.44
C ILE D 79 44.47 16.87 -10.87
N ARG D 80 44.61 16.17 -11.99
CA ARG D 80 43.60 15.24 -12.50
C ARG D 80 44.35 14.07 -13.15
N PRO D 81 43.60 13.04 -13.61
CA PRO D 81 44.18 12.03 -14.52
C PRO D 81 44.37 12.56 -15.96
N ASP D 82 43.75 13.68 -16.29
CA ASP D 82 43.96 14.34 -17.57
C ASP D 82 45.40 14.83 -17.57
N ASN D 83 45.65 15.85 -16.74
CA ASN D 83 46.93 16.56 -16.71
C ASN D 83 47.96 15.81 -15.87
N MET D 84 47.90 14.48 -15.92
CA MET D 84 48.76 13.64 -15.11
C MET D 84 50.19 13.62 -15.63
N SER D 85 50.35 13.56 -16.95
CA SER D 85 51.70 13.61 -17.53
C SER D 85 52.30 15.03 -17.59
N GLU D 86 51.45 16.07 -17.55
CA GLU D 86 51.90 17.47 -17.48
C GLU D 86 52.51 17.85 -16.11
N TYR D 87 51.96 17.29 -15.02
CA TYR D 87 52.35 17.65 -13.64
C TYR D 87 53.50 16.84 -13.05
N SER D 88 53.85 15.72 -13.67
CA SER D 88 54.72 14.70 -13.09
C SER D 88 55.90 15.24 -12.26
N LYS D 89 56.39 16.42 -12.64
CA LYS D 89 57.34 17.19 -11.84
C LYS D 89 56.88 17.27 -10.38
N GLN D 90 55.75 17.94 -10.18
CA GLN D 90 55.14 18.10 -8.85
C GLN D 90 54.63 16.79 -8.23
N MET D 91 54.25 15.83 -9.05
CA MET D 91 53.81 14.56 -8.53
C MET D 91 54.88 13.90 -7.64
N GLN D 92 56.14 13.95 -8.06
CA GLN D 92 57.21 13.32 -7.31
C GLN D 92 57.55 14.06 -6.01
N ARG D 93 57.52 15.38 -6.06
CA ARG D 93 57.74 16.20 -4.87
C ARG D 93 56.68 15.95 -3.79
N PHE D 94 55.48 15.50 -4.19
CA PHE D 94 54.34 15.34 -3.28
C PHE D 94 53.91 13.90 -2.99
N ASN D 95 54.64 12.91 -3.52
CA ASN D 95 54.42 11.51 -3.16
C ASN D 95 53.20 10.83 -3.81
N VAL D 96 52.64 11.41 -4.86
CA VAL D 96 51.43 10.86 -5.47
C VAL D 96 51.72 9.82 -6.56
N GLY D 97 51.61 8.54 -6.22
CA GLY D 97 51.91 7.48 -7.20
C GLY D 97 51.77 6.05 -6.70
N GLU D 98 52.88 5.32 -6.65
CA GLU D 98 52.89 3.86 -6.48
C GLU D 98 51.78 3.29 -5.59
N ASP D 99 51.75 3.73 -4.33
CA ASP D 99 50.69 3.32 -3.42
C ASP D 99 49.77 4.48 -3.01
N CYS D 100 49.94 5.68 -3.56
CA CYS D 100 48.90 6.72 -3.43
C CYS D 100 48.45 7.22 -4.80
N PRO D 101 47.56 6.47 -5.49
CA PRO D 101 47.33 6.86 -6.88
C PRO D 101 46.66 8.20 -7.02
N VAL D 102 46.69 8.72 -8.24
CA VAL D 102 45.80 9.80 -8.65
C VAL D 102 44.53 9.04 -9.07
N PHE D 103 43.37 9.65 -8.91
CA PHE D 103 42.12 9.01 -9.34
C PHE D 103 40.99 10.01 -9.40
N ASP D 104 40.02 9.73 -10.26
CA ASP D 104 38.97 10.72 -10.55
C ASP D 104 38.11 10.98 -9.31
N GLY D 105 38.05 12.26 -8.92
CA GLY D 105 37.30 12.69 -7.75
C GLY D 105 38.16 12.86 -6.50
N LEU D 106 39.42 12.46 -6.57
CA LEU D 106 40.33 12.52 -5.43
C LEU D 106 40.12 13.72 -4.52
N PHE D 107 40.11 14.93 -5.07
CA PHE D 107 39.96 16.11 -4.22
C PHE D 107 38.57 16.19 -3.58
N GLU D 108 37.55 15.73 -4.30
CA GLU D 108 36.22 15.64 -3.74
C GLU D 108 36.26 14.73 -2.52
N PHE D 109 36.90 13.58 -2.66
CA PHE D 109 37.05 12.62 -1.57
C PHE D 109 37.66 13.25 -0.31
N CYS D 110 38.74 14.00 -0.50
CA CYS D 110 39.40 14.66 0.61
C CYS D 110 38.49 15.67 1.30
N GLN D 111 37.71 16.39 0.51
CA GLN D 111 36.87 17.43 1.05
C GLN D 111 35.81 16.84 1.98
N LEU D 112 35.30 15.66 1.64
CA LEU D 112 34.27 15.02 2.43
C LEU D 112 34.85 14.44 3.73
N SER D 113 36.00 13.81 3.61
CA SER D 113 36.66 13.24 4.77
C SER D 113 37.03 14.33 5.78
N THR D 114 37.53 15.45 5.26
CA THR D 114 37.96 16.57 6.09
C THR D 114 36.76 17.34 6.63
N GLY D 115 35.73 17.50 5.80
CA GLY D 115 34.53 18.20 6.22
C GLY D 115 33.84 17.52 7.40
N GLY D 116 33.81 16.19 7.35
CA GLY D 116 33.21 15.40 8.41
C GLY D 116 33.88 15.57 9.76
N SER D 117 35.20 15.51 9.75
CA SER D 117 36.00 15.66 10.95
C SER D 117 35.92 17.08 11.54
N VAL D 118 35.96 18.09 10.67
CA VAL D 118 35.96 19.51 11.10
C VAL D 118 34.61 19.92 11.64
N ALA D 119 33.57 19.60 10.89
CA ALA D 119 32.21 19.88 11.29
C ALA D 119 31.98 19.31 12.67
N SER D 120 32.42 18.07 12.88
CA SER D 120 32.21 17.38 14.15
C SER D 120 33.00 18.01 15.29
N ALA D 121 34.25 18.36 15.03
CA ALA D 121 35.06 19.11 16.00
C ALA D 121 34.34 20.37 16.47
N VAL D 122 33.81 21.13 15.53
CA VAL D 122 33.04 22.31 15.86
C VAL D 122 31.90 21.89 16.79
N LYS D 123 31.12 20.93 16.32
CA LYS D 123 30.02 20.36 17.08
C LYS D 123 30.43 20.03 18.53
N LEU D 124 31.64 19.51 18.69
CA LEU D 124 32.15 19.20 20.03
C LEU D 124 32.50 20.47 20.80
N ASN D 125 33.15 21.41 20.12
CA ASN D 125 33.49 22.70 20.73
C ASN D 125 32.24 23.45 21.10
N LYS D 126 31.27 23.48 20.19
CA LYS D 126 29.99 24.13 20.46
C LYS D 126 29.19 23.42 21.55
N GLN D 127 29.71 22.29 22.04
CA GLN D 127 29.17 21.63 23.24
C GLN D 127 27.75 21.11 23.02
N GLN D 128 27.42 20.79 21.76
CA GLN D 128 26.10 20.32 21.37
C GLN D 128 26.15 18.83 20.95
N THR D 129 27.22 18.14 21.36
CA THR D 129 27.26 16.68 21.30
C THR D 129 28.21 16.19 22.38
N ASP D 130 28.19 14.90 22.67
CA ASP D 130 29.20 14.27 23.51
C ASP D 130 30.17 13.48 22.66
N ILE D 131 29.61 12.75 21.69
CA ILE D 131 30.41 11.98 20.76
C ILE D 131 30.04 12.38 19.36
N ALA D 132 31.00 12.32 18.49
CA ALA D 132 30.81 12.61 17.10
C ALA D 132 31.62 11.61 16.29
N VAL D 133 31.00 11.06 15.25
CA VAL D 133 31.55 9.95 14.49
C VAL D 133 31.65 10.28 13.00
N ASN D 134 32.84 10.07 12.43
CA ASN D 134 33.06 10.24 11.01
C ASN D 134 33.99 9.15 10.49
N TRP D 135 33.41 8.06 10.00
CA TRP D 135 34.19 6.91 9.55
C TRP D 135 35.03 7.18 8.30
N ALA D 136 34.61 8.16 7.51
CA ALA D 136 35.37 8.57 6.32
C ALA D 136 36.72 9.09 6.71
N GLY D 137 36.75 9.87 7.79
CA GLY D 137 37.97 10.48 8.28
C GLY D 137 38.95 9.46 8.85
N GLY D 138 39.89 10.00 9.62
CA GLY D 138 40.94 9.22 10.29
C GLY D 138 42.23 9.02 9.51
N LEU D 139 42.36 9.70 8.38
CA LEU D 139 43.47 9.44 7.45
C LEU D 139 44.79 10.07 7.94
N HIS D 140 45.54 9.25 8.66
CA HIS D 140 46.55 9.73 9.61
C HIS D 140 48.04 9.74 9.15
N HIS D 141 48.32 9.29 7.92
CA HIS D 141 49.69 9.26 7.39
C HIS D 141 50.08 10.52 6.61
N ALA D 142 49.10 11.37 6.33
CA ALA D 142 49.33 12.56 5.57
C ALA D 142 50.32 13.51 6.27
N LYS D 143 51.09 14.25 5.48
CA LYS D 143 52.03 15.23 6.00
C LYS D 143 51.67 16.60 5.47
N LYS D 144 52.33 17.60 6.03
CA LYS D 144 52.06 19.01 5.71
C LYS D 144 52.19 19.30 4.20
N SER D 145 53.23 18.75 3.58
CA SER D 145 53.56 19.07 2.21
C SER D 145 53.67 17.85 1.30
N GLU D 146 53.10 16.72 1.73
CA GLU D 146 53.09 15.51 0.90
C GLU D 146 52.06 14.48 1.36
N ALA D 147 51.54 13.74 0.39
CA ALA D 147 50.65 12.62 0.67
C ALA D 147 51.48 11.42 1.11
N SER D 148 50.88 10.50 1.85
CA SER D 148 51.57 9.26 2.28
C SER D 148 50.62 8.22 2.82
N GLY D 149 50.90 6.94 2.54
CA GLY D 149 50.05 5.85 3.01
C GLY D 149 48.56 6.06 2.80
N PHE D 150 48.19 6.27 1.54
CA PHE D 150 46.79 6.42 1.15
C PHE D 150 46.12 7.67 1.66
N CYS D 151 46.84 8.48 2.43
CA CYS D 151 46.28 9.69 3.02
C CYS D 151 46.78 10.91 2.23
N TYR D 152 45.86 11.81 1.87
CA TYR D 152 46.20 13.00 1.11
C TYR D 152 46.08 14.23 2.00
N VAL D 153 44.95 14.35 2.69
CA VAL D 153 44.74 15.41 3.68
C VAL D 153 44.63 14.77 5.06
N ASN D 154 45.31 15.34 6.04
CA ASN D 154 45.22 14.87 7.42
C ASN D 154 44.11 15.57 8.16
N ASP D 155 42.92 15.02 7.98
CA ASP D 155 41.71 15.56 8.58
C ASP D 155 41.84 15.62 10.09
N ILE D 156 42.68 14.76 10.64
CA ILE D 156 42.82 14.62 12.08
C ILE D 156 43.45 15.86 12.68
N VAL D 157 44.56 16.26 12.09
CA VAL D 157 45.25 17.45 12.53
C VAL D 157 44.27 18.63 12.52
N LEU D 158 43.67 18.88 11.36
CA LEU D 158 42.72 20.00 11.16
C LEU D 158 41.61 19.98 12.20
N ALA D 159 41.10 18.78 12.45
CA ALA D 159 40.09 18.57 13.47
C ALA D 159 40.63 19.02 14.82
N ILE D 160 41.82 18.53 15.15
CA ILE D 160 42.44 18.84 16.43
C ILE D 160 42.71 20.35 16.58
N LEU D 161 43.14 20.98 15.49
CA LEU D 161 43.44 22.40 15.48
C LEU D 161 42.22 23.25 15.86
N GLU D 162 41.05 22.81 15.43
CA GLU D 162 39.81 23.47 15.81
C GLU D 162 39.49 23.24 17.28
N LEU D 163 39.76 22.04 17.77
CA LEU D 163 39.47 21.72 19.17
C LEU D 163 40.33 22.53 20.13
N LEU D 164 41.57 22.78 19.74
CA LEU D 164 42.48 23.58 20.54
C LEU D 164 41.93 24.99 20.83
N LYS D 165 40.99 25.43 20.00
CA LYS D 165 40.35 26.73 20.20
C LYS D 165 39.54 26.76 21.50
N TYR D 166 39.05 25.62 21.95
CA TYR D 166 38.30 25.53 23.21
C TYR D 166 38.91 24.59 24.24
N HIS D 167 39.85 23.75 23.83
CA HIS D 167 40.41 22.73 24.71
C HIS D 167 41.91 22.92 24.86
N GLN D 168 42.35 23.08 26.12
CA GLN D 168 43.75 23.26 26.46
C GLN D 168 44.60 22.05 26.05
N ARG D 169 44.12 20.88 26.44
CA ARG D 169 44.80 19.62 26.18
C ARG D 169 43.91 18.66 25.41
N VAL D 170 44.41 18.26 24.23
CA VAL D 170 43.71 17.33 23.35
C VAL D 170 44.49 16.04 23.29
N LEU D 171 43.87 14.93 23.65
CA LEU D 171 44.52 13.64 23.60
C LEU D 171 44.23 12.99 22.27
N TYR D 172 45.25 12.45 21.62
CA TYR D 172 45.01 11.69 20.42
C TYR D 172 45.42 10.23 20.55
N ILE D 173 44.45 9.33 20.48
CA ILE D 173 44.70 7.89 20.57
C ILE D 173 44.53 7.23 19.20
N ASP D 174 45.42 6.30 18.88
CA ASP D 174 45.51 5.72 17.55
C ASP D 174 45.68 4.19 17.67
N ILE D 175 44.63 3.44 17.33
CA ILE D 175 44.60 1.96 17.42
C ILE D 175 45.09 1.27 16.15
N ASP D 176 45.00 2.00 15.04
CA ASP D 176 45.38 1.52 13.72
C ASP D 176 46.65 0.71 13.88
N ILE D 177 46.76 -0.38 13.13
CA ILE D 177 47.98 -1.15 13.15
C ILE D 177 49.21 -0.34 12.73
N HIS D 178 49.04 0.63 11.81
CA HIS D 178 50.16 1.47 11.35
C HIS D 178 50.37 2.69 12.26
N HIS D 179 51.63 3.01 12.56
CA HIS D 179 51.98 4.15 13.43
C HIS D 179 51.49 5.50 12.88
N GLY D 180 50.76 6.23 13.70
CA GLY D 180 50.11 7.49 13.31
C GLY D 180 51.08 8.64 13.26
N ASP D 181 52.02 8.54 12.32
CA ASP D 181 53.12 9.49 12.17
C ASP D 181 52.71 10.89 11.65
N GLY D 182 51.61 10.96 10.91
CA GLY D 182 51.12 12.23 10.43
C GLY D 182 50.67 13.08 11.59
N VAL D 183 49.85 12.49 12.44
CA VAL D 183 49.31 13.25 13.55
C VAL D 183 50.42 13.50 14.55
N GLU D 184 51.40 12.61 14.60
CA GLU D 184 52.52 12.78 15.51
C GLU D 184 53.41 13.93 15.07
N GLU D 185 53.88 13.86 13.83
CA GLU D 185 54.80 14.86 13.30
C GLU D 185 54.24 16.28 13.32
N ALA D 186 52.94 16.40 13.06
CA ALA D 186 52.27 17.69 13.05
C ALA D 186 52.26 18.35 14.44
N PHE D 187 52.26 17.55 15.48
CA PHE D 187 52.19 18.06 16.86
C PHE D 187 53.44 17.69 17.66
N TYR D 188 54.53 17.37 16.97
CA TYR D 188 55.75 16.85 17.60
C TYR D 188 56.37 17.80 18.65
N THR D 189 56.18 19.11 18.48
CA THR D 189 56.84 20.09 19.33
C THR D 189 55.91 20.81 20.30
N THR D 190 54.70 20.31 20.47
CA THR D 190 53.74 20.95 21.38
C THR D 190 53.38 20.05 22.57
N ASP D 191 53.07 20.70 23.69
CA ASP D 191 52.67 20.03 24.90
C ASP D 191 51.16 20.00 25.04
N ARG D 192 50.44 20.68 24.15
CA ARG D 192 48.98 20.78 24.26
C ARG D 192 48.27 19.54 23.73
N VAL D 193 48.98 18.75 22.91
CA VAL D 193 48.40 17.57 22.30
C VAL D 193 49.31 16.37 22.48
N MET D 194 48.79 15.32 23.10
CA MET D 194 49.56 14.09 23.33
C MET D 194 49.13 12.94 22.41
N THR D 195 50.09 12.40 21.68
CA THR D 195 49.78 11.41 20.65
C THR D 195 50.24 10.01 21.07
N VAL D 196 49.27 9.17 21.41
CA VAL D 196 49.53 7.80 21.85
C VAL D 196 49.18 6.81 20.74
N SER D 197 50.08 5.87 20.47
CA SER D 197 49.93 4.97 19.33
C SER D 197 50.44 3.55 19.56
N PHE D 198 49.60 2.58 19.24
CA PHE D 198 49.89 1.16 19.40
C PHE D 198 49.91 0.50 18.03
N HIS D 199 51.04 -0.07 17.65
CA HIS D 199 51.25 -0.48 16.27
C HIS D 199 52.29 -1.54 16.11
N LYS D 200 52.24 -2.23 14.98
CA LYS D 200 53.30 -3.13 14.60
C LYS D 200 54.55 -2.32 14.34
N TYR D 201 55.71 -2.93 14.54
CA TYR D 201 56.97 -2.27 14.30
C TYR D 201 58.05 -3.27 13.87
N GLY D 202 58.88 -2.90 12.92
CA GLY D 202 59.93 -3.78 12.42
C GLY D 202 59.57 -4.39 11.09
N GLU D 203 60.15 -3.86 10.02
CA GLU D 203 59.79 -4.24 8.64
C GLU D 203 58.31 -3.99 8.39
N TYR D 204 57.90 -2.74 8.59
CA TYR D 204 56.50 -2.36 8.47
C TYR D 204 56.42 -0.86 8.28
N PHE D 205 55.31 -0.41 7.72
CA PHE D 205 55.16 1.00 7.45
C PHE D 205 54.59 1.67 8.70
N PRO D 206 54.98 2.93 8.96
CA PRO D 206 55.82 3.83 8.18
C PRO D 206 57.31 3.88 8.57
N GLY D 207 57.75 2.93 9.38
CA GLY D 207 59.15 2.86 9.83
C GLY D 207 59.42 3.68 11.09
N THR D 208 58.40 4.37 11.58
CA THR D 208 58.52 5.27 12.70
C THR D 208 57.66 4.85 13.86
N GLY D 209 57.96 5.39 15.03
CA GLY D 209 57.16 5.14 16.23
C GLY D 209 57.65 4.02 17.13
N ASP D 210 58.97 3.92 17.28
CA ASP D 210 59.55 2.93 18.19
C ASP D 210 59.50 3.49 19.62
N LEU D 211 59.94 2.66 20.57
CA LEU D 211 59.92 2.97 22.01
C LEU D 211 60.54 4.32 22.30
N ARG D 212 61.65 4.60 21.62
CA ARG D 212 62.41 5.83 21.85
C ARG D 212 61.90 7.08 21.13
N ASP D 213 60.75 6.97 20.44
CA ASP D 213 60.14 8.14 19.79
C ASP D 213 59.27 8.86 20.82
N ILE D 214 59.83 9.90 21.44
CA ILE D 214 59.23 10.52 22.63
C ILE D 214 58.72 11.94 22.34
N GLY D 215 59.11 12.50 21.21
CA GLY D 215 58.78 13.89 20.88
C GLY D 215 60.01 14.76 20.79
N ALA D 216 59.81 16.07 20.85
CA ALA D 216 60.91 17.06 20.86
C ALA D 216 60.47 18.44 21.39
N GLY D 217 61.40 19.12 22.06
CA GLY D 217 61.18 20.48 22.55
C GLY D 217 60.16 20.51 23.65
N LYS D 218 59.16 21.39 23.52
CA LYS D 218 57.99 21.34 24.37
C LYS D 218 57.19 20.05 24.24
N GLY D 219 57.27 19.40 23.07
CA GLY D 219 56.57 18.15 22.83
C GLY D 219 57.25 16.89 23.32
N LYS D 220 58.39 17.02 24.01
CA LYS D 220 59.08 15.86 24.55
C LYS D 220 58.38 15.35 25.79
N TYR D 221 58.22 14.03 25.84
CA TYR D 221 57.40 13.30 26.83
C TYR D 221 55.90 13.47 26.58
N TYR D 222 55.55 13.85 25.36
CA TYR D 222 54.16 13.98 24.97
C TYR D 222 53.81 13.18 23.72
N ALA D 223 54.74 12.38 23.22
CA ALA D 223 54.43 11.43 22.16
C ALA D 223 54.69 10.05 22.68
N VAL D 224 53.62 9.35 23.01
CA VAL D 224 53.70 7.98 23.55
C VAL D 224 53.57 7.01 22.38
N ASN D 225 54.33 5.93 22.42
CA ASN D 225 54.26 4.90 21.41
C ASN D 225 54.36 3.53 22.06
N TYR D 226 53.66 2.56 21.50
CA TYR D 226 53.80 1.18 21.92
C TYR D 226 54.10 0.31 20.70
N PRO D 227 55.38 -0.03 20.49
CA PRO D 227 55.73 -0.91 19.37
C PRO D 227 55.38 -2.35 19.66
N LEU D 228 54.96 -3.10 18.63
CA LEU D 228 54.45 -4.47 18.80
C LEU D 228 54.87 -5.37 17.66
N ARG D 229 55.04 -6.64 17.95
CA ARG D 229 55.24 -7.66 16.92
C ARG D 229 53.90 -8.26 16.50
N ASP D 230 53.97 -9.29 15.65
CA ASP D 230 52.78 -9.93 15.10
C ASP D 230 51.93 -10.68 16.11
N GLY D 231 50.68 -10.92 15.72
CA GLY D 231 49.80 -11.88 16.39
C GLY D 231 49.22 -11.53 17.73
N ILE D 232 49.10 -10.24 18.04
CA ILE D 232 48.60 -9.81 19.35
C ILE D 232 47.12 -10.16 19.60
N ASP D 233 46.84 -10.71 20.79
CA ASP D 233 45.49 -11.12 21.16
C ASP D 233 44.70 -9.92 21.62
N ASP D 234 43.41 -10.14 21.78
CA ASP D 234 42.53 -9.21 22.50
C ASP D 234 42.97 -9.11 23.94
N GLU D 235 43.34 -10.26 24.50
CA GLU D 235 43.73 -10.38 25.89
C GLU D 235 45.03 -9.62 26.19
N SER D 236 46.09 -9.91 25.44
CA SER D 236 47.33 -9.12 25.51
C SER D 236 47.09 -7.62 25.26
N TYR D 237 46.34 -7.27 24.21
CA TYR D 237 46.10 -5.86 23.88
C TYR D 237 45.35 -5.15 24.99
N GLU D 238 44.25 -5.74 25.44
CA GLU D 238 43.50 -5.15 26.56
C GLU D 238 44.43 -4.92 27.77
N ALA D 239 45.21 -5.94 28.12
CA ALA D 239 46.07 -5.90 29.29
C ALA D 239 47.21 -4.88 29.18
N ILE D 240 47.46 -4.34 28.00
CA ILE D 240 48.44 -3.26 27.86
C ILE D 240 47.83 -1.92 27.45
N PHE D 241 46.56 -1.88 27.08
CA PHE D 241 45.93 -0.63 26.67
C PHE D 241 45.36 0.14 27.86
N LYS D 242 44.56 -0.56 28.66
CA LYS D 242 43.93 0.03 29.85
C LYS D 242 44.94 0.61 30.83
N PRO D 243 45.98 -0.17 31.21
CA PRO D 243 46.97 0.39 32.16
C PRO D 243 47.53 1.69 31.65
N VAL D 244 48.06 1.69 30.42
CA VAL D 244 48.72 2.85 29.80
C VAL D 244 47.78 4.04 29.64
N MET D 245 46.56 3.81 29.18
CA MET D 245 45.62 4.91 28.97
C MET D 245 45.13 5.53 30.28
N SER D 246 44.97 4.72 31.32
CA SER D 246 44.61 5.25 32.64
C SER D 246 45.69 6.14 33.23
N LYS D 247 46.94 5.80 32.96
CA LYS D 247 48.06 6.64 33.33
C LYS D 247 48.03 7.90 32.49
N VAL D 248 47.91 7.73 31.19
CA VAL D 248 47.81 8.87 30.30
C VAL D 248 46.75 9.86 30.81
N MET D 249 45.52 9.43 30.98
CA MET D 249 44.49 10.31 31.55
C MET D 249 44.99 10.88 32.85
N GLU D 250 45.50 10.02 33.73
CA GLU D 250 45.99 10.44 35.03
C GLU D 250 46.94 11.63 34.86
N MET D 251 47.95 11.48 33.99
CA MET D 251 48.99 12.50 33.82
C MET D 251 48.60 13.64 32.90
N PHE D 252 48.27 13.35 31.64
CA PHE D 252 47.97 14.35 30.61
C PHE D 252 46.60 15.05 30.76
N GLN D 253 45.72 14.49 31.59
CA GLN D 253 44.46 15.17 32.02
C GLN D 253 43.71 15.94 30.92
N PRO D 254 43.41 15.28 29.80
CA PRO D 254 42.90 16.01 28.64
C PRO D 254 41.47 16.46 28.81
N SER D 255 41.01 17.34 27.93
CA SER D 255 39.63 17.83 27.94
C SER D 255 38.86 17.53 26.64
N ALA D 256 39.47 16.74 25.78
CA ALA D 256 38.82 16.27 24.56
C ALA D 256 39.67 15.16 23.96
N VAL D 257 39.03 14.05 23.61
CA VAL D 257 39.74 12.89 23.09
C VAL D 257 39.44 12.74 21.63
N VAL D 258 40.43 12.31 20.87
CA VAL D 258 40.20 11.94 19.49
C VAL D 258 40.76 10.55 19.27
N LEU D 259 39.87 9.58 19.11
CA LEU D 259 40.23 8.18 18.98
C LEU D 259 40.17 7.78 17.52
N GLN D 260 41.32 7.44 16.96
CA GLN D 260 41.34 6.92 15.60
C GLN D 260 41.15 5.41 15.71
N CYS D 261 40.08 4.90 15.11
CA CYS D 261 39.68 3.51 15.28
C CYS D 261 40.02 2.67 14.07
N GLY D 262 41.31 2.64 13.73
CA GLY D 262 41.80 1.95 12.55
C GLY D 262 41.43 0.49 12.65
N SER D 263 40.87 -0.05 11.59
CA SER D 263 40.36 -1.41 11.63
C SER D 263 41.28 -2.43 10.94
N ASP D 264 42.49 -2.03 10.58
CA ASP D 264 43.47 -2.97 10.01
C ASP D 264 44.27 -3.67 11.08
N SER D 265 44.06 -3.25 12.34
CA SER D 265 44.53 -4.00 13.52
C SER D 265 43.69 -5.24 13.87
N LEU D 266 42.61 -5.48 13.14
CA LEU D 266 41.79 -6.69 13.32
C LEU D 266 42.46 -7.87 12.69
N SER D 267 41.97 -9.05 13.07
CA SER D 267 42.46 -10.32 12.56
C SER D 267 42.04 -10.47 11.11
N GLY D 268 42.83 -11.23 10.37
CA GLY D 268 42.56 -11.50 8.96
C GLY D 268 42.45 -10.27 8.07
N ASP D 269 43.18 -9.20 8.40
CA ASP D 269 43.24 -8.07 7.51
C ASP D 269 44.15 -8.42 6.36
N ARG D 270 43.99 -7.70 5.27
CA ARG D 270 44.71 -7.98 4.06
C ARG D 270 46.13 -7.49 4.26
N LEU D 271 46.29 -6.30 4.85
CA LEU D 271 47.62 -5.69 5.08
C LEU D 271 48.14 -5.91 6.50
N GLY D 272 47.22 -5.92 7.46
CA GLY D 272 47.56 -6.11 8.88
C GLY D 272 47.97 -7.52 9.25
N CYS D 273 48.66 -7.65 10.37
CA CYS D 273 49.08 -8.94 10.91
C CYS D 273 48.94 -8.96 12.46
N PHE D 274 47.79 -8.50 12.94
CA PHE D 274 47.40 -8.60 14.34
C PHE D 274 46.24 -9.55 14.43
N ASN D 275 45.92 -10.00 15.64
CA ASN D 275 44.90 -11.04 15.82
C ASN D 275 43.77 -10.58 16.75
N LEU D 276 43.26 -9.38 16.47
CA LEU D 276 42.19 -8.80 17.27
C LEU D 276 40.82 -9.11 16.68
N THR D 277 39.85 -9.24 17.59
CA THR D 277 38.45 -9.41 17.23
C THR D 277 37.78 -8.07 17.39
N ILE D 278 36.63 -7.94 16.73
CA ILE D 278 35.81 -6.75 16.87
C ILE D 278 35.61 -6.49 18.35
N LYS D 279 35.34 -7.54 19.11
CA LYS D 279 35.09 -7.39 20.52
C LYS D 279 36.27 -6.71 21.20
N GLY D 280 37.46 -7.27 21.01
CA GLY D 280 38.65 -6.71 21.64
C GLY D 280 38.90 -5.28 21.19
N HIS D 281 38.89 -5.10 19.86
CA HIS D 281 39.07 -3.79 19.25
C HIS D 281 38.14 -2.77 19.89
N ALA D 282 36.86 -3.11 20.01
CA ALA D 282 35.86 -2.19 20.58
C ALA D 282 36.04 -1.92 22.07
N LYS D 283 36.51 -2.92 22.82
CA LYS D 283 36.79 -2.76 24.25
C LYS D 283 37.62 -1.49 24.50
N CYS D 284 38.44 -1.11 23.53
CA CYS D 284 39.23 0.10 23.62
C CYS D 284 38.35 1.33 23.51
N VAL D 285 37.47 1.35 22.52
CA VAL D 285 36.51 2.45 22.35
C VAL D 285 35.64 2.62 23.60
N GLU D 286 35.21 1.50 24.17
CA GLU D 286 34.35 1.51 25.34
C GLU D 286 35.10 2.07 26.54
N PHE D 287 36.37 1.68 26.67
CA PHE D 287 37.22 2.15 27.77
C PHE D 287 37.44 3.65 27.72
N VAL D 288 37.71 4.14 26.51
CA VAL D 288 37.89 5.56 26.27
C VAL D 288 36.60 6.29 26.61
N LYS D 289 35.52 5.90 25.94
CA LYS D 289 34.20 6.50 26.19
C LYS D 289 33.92 6.64 27.68
N SER D 290 34.33 5.63 28.47
CA SER D 290 34.10 5.59 29.94
C SER D 290 34.65 6.82 30.67
N PHE D 291 35.76 7.36 30.17
CA PHE D 291 36.34 8.61 30.68
C PHE D 291 35.54 9.85 30.30
N ASN D 292 34.32 9.67 29.81
CA ASN D 292 33.35 10.75 29.72
C ASN D 292 33.95 12.09 29.31
N LEU D 293 34.69 12.10 28.22
CA LEU D 293 35.20 13.35 27.69
C LEU D 293 34.58 13.53 26.31
N PRO D 294 34.44 14.78 25.85
CA PRO D 294 34.06 15.00 24.47
C PRO D 294 34.95 14.15 23.58
N MET D 295 34.33 13.32 22.74
CA MET D 295 35.04 12.29 22.02
C MET D 295 34.75 12.37 20.53
N LEU D 296 35.77 12.14 19.73
CA LEU D 296 35.64 12.23 18.29
C LEU D 296 36.20 10.99 17.62
N MET D 297 35.32 10.05 17.33
CA MET D 297 35.70 8.80 16.71
C MET D 297 35.88 8.95 15.21
N LEU D 298 37.06 8.56 14.74
CA LEU D 298 37.34 8.51 13.32
C LEU D 298 37.71 7.11 12.91
N GLY D 299 37.68 6.83 11.66
CA GLY D 299 38.11 5.55 11.21
C GLY D 299 39.54 5.67 10.81
N GLY D 300 39.92 5.15 9.66
CA GLY D 300 41.32 4.93 9.35
C GLY D 300 41.50 3.72 8.44
N GLY D 301 42.62 3.04 8.59
CA GLY D 301 42.87 1.80 7.87
C GLY D 301 41.86 0.68 8.13
N GLY D 302 42.01 -0.38 7.33
CA GLY D 302 41.11 -1.54 7.32
C GLY D 302 41.00 -2.02 5.89
N TYR D 303 41.37 -3.26 5.61
CA TYR D 303 41.44 -3.75 4.22
C TYR D 303 40.80 -5.10 3.89
N THR D 304 40.19 -5.74 4.88
CA THR D 304 39.22 -6.83 4.67
C THR D 304 37.83 -6.25 4.95
N ILE D 305 37.30 -5.56 3.95
CA ILE D 305 36.17 -4.60 4.16
C ILE D 305 34.93 -5.19 4.85
N ARG D 306 34.68 -6.47 4.62
CA ARG D 306 33.59 -7.16 5.30
C ARG D 306 33.69 -6.95 6.81
N ASN D 307 34.92 -7.06 7.33
CA ASN D 307 35.18 -6.87 8.77
C ASN D 307 35.28 -5.41 9.18
N VAL D 308 35.81 -4.58 8.30
CA VAL D 308 35.81 -3.14 8.52
C VAL D 308 34.37 -2.68 8.78
N ALA D 309 33.48 -3.12 7.90
CA ALA D 309 32.04 -2.85 8.04
C ALA D 309 31.54 -3.29 9.39
N ARG D 310 31.75 -4.57 9.69
CA ARG D 310 31.36 -5.14 11.00
C ARG D 310 31.86 -4.28 12.14
N CYS D 311 33.17 -4.05 12.17
CA CYS D 311 33.81 -3.34 13.28
C CYS D 311 33.17 -2.00 13.63
N TRP D 312 33.18 -1.10 12.65
CA TRP D 312 32.72 0.25 12.88
C TRP D 312 31.22 0.30 13.11
N THR D 313 30.49 -0.66 12.56
CA THR D 313 29.08 -0.82 12.89
C THR D 313 28.98 -1.12 14.39
N TYR D 314 29.73 -2.13 14.84
CA TYR D 314 29.71 -2.49 16.25
C TYR D 314 30.15 -1.32 17.11
N GLU D 315 31.29 -0.74 16.77
CA GLU D 315 31.81 0.35 17.57
C GLU D 315 30.88 1.58 17.61
N THR D 316 30.02 1.71 16.61
CA THR D 316 29.02 2.76 16.67
C THR D 316 28.02 2.42 17.75
N ALA D 317 27.54 1.17 17.77
CA ALA D 317 26.68 0.73 18.86
C ALA D 317 27.28 1.07 20.23
N VAL D 318 28.58 0.88 20.37
CA VAL D 318 29.25 1.11 21.63
C VAL D 318 29.13 2.56 22.06
N ALA D 319 29.18 3.47 21.11
CA ALA D 319 29.02 4.89 21.40
C ALA D 319 27.60 5.22 21.83
N LEU D 320 26.65 4.41 21.38
CA LEU D 320 25.24 4.50 21.80
C LEU D 320 24.92 3.53 22.95
N ASP D 321 25.93 2.82 23.43
CA ASP D 321 25.73 1.81 24.45
C ASP D 321 24.37 1.12 24.27
N THR D 322 24.11 0.65 23.05
CA THR D 322 22.98 -0.24 22.77
C THR D 322 23.49 -1.60 22.29
N GLU D 323 22.71 -2.63 22.56
CA GLU D 323 23.09 -3.98 22.19
C GLU D 323 22.66 -4.23 20.74
N ILE D 324 23.45 -5.00 19.99
CA ILE D 324 22.98 -5.49 18.69
C ILE D 324 23.26 -6.98 18.57
N PRO D 325 22.37 -7.70 17.87
CA PRO D 325 22.56 -9.13 17.69
C PRO D 325 23.69 -9.47 16.73
N ASN D 326 24.21 -10.69 16.88
CA ASN D 326 25.27 -11.18 16.03
C ASN D 326 24.70 -11.43 14.63
N GLU D 327 23.40 -11.71 14.57
CA GLU D 327 22.67 -11.83 13.31
C GLU D 327 22.76 -10.50 12.54
N LEU D 328 23.46 -10.51 11.41
CA LEU D 328 23.51 -9.33 10.56
C LEU D 328 22.14 -9.09 9.92
N PRO D 329 21.67 -7.83 9.91
CA PRO D 329 20.41 -7.56 9.28
C PRO D 329 20.56 -7.55 7.77
N TYR D 330 19.49 -7.91 7.07
CA TYR D 330 19.52 -7.85 5.62
C TYR D 330 19.91 -6.45 5.19
N ASN D 331 20.60 -6.39 4.06
CA ASN D 331 20.97 -5.10 3.48
C ASN D 331 21.40 -5.31 2.06
N ASP D 332 21.59 -4.20 1.35
CA ASP D 332 21.99 -4.27 -0.05
C ASP D 332 23.24 -5.13 -0.25
N TYR D 333 24.14 -5.15 0.73
CA TYR D 333 25.39 -5.89 0.58
C TYR D 333 25.45 -7.11 1.47
N PHE D 334 24.29 -7.56 1.94
CA PHE D 334 24.18 -8.72 2.83
C PHE D 334 24.98 -9.92 2.35
N GLU D 335 25.00 -10.11 1.04
CA GLU D 335 25.59 -11.29 0.45
C GLU D 335 27.11 -11.23 0.56
N TYR D 336 27.65 -10.04 0.81
CA TYR D 336 29.09 -9.91 1.03
C TYR D 336 29.58 -10.73 2.22
N PHE D 337 28.74 -10.94 3.23
CA PHE D 337 29.20 -11.49 4.51
C PHE D 337 29.19 -13.01 4.64
N GLY D 338 30.04 -13.66 3.86
CA GLY D 338 30.32 -15.08 4.00
C GLY D 338 29.09 -15.96 4.01
N PRO D 339 29.28 -17.26 4.34
CA PRO D 339 28.15 -18.19 4.55
C PRO D 339 27.43 -17.94 5.88
N ASP D 340 28.15 -17.32 6.82
CA ASP D 340 27.69 -17.11 8.21
C ASP D 340 26.71 -15.94 8.45
N PHE D 341 26.97 -14.80 7.79
CA PHE D 341 26.17 -13.58 7.98
C PHE D 341 26.07 -13.20 9.44
N LYS D 342 27.21 -13.25 10.12
CA LYS D 342 27.31 -12.79 11.49
C LYS D 342 28.16 -11.56 11.63
N LEU D 343 27.94 -10.85 12.73
CA LEU D 343 28.64 -9.60 13.02
C LEU D 343 30.06 -9.79 13.50
N HIS D 344 30.25 -10.77 14.36
CA HIS D 344 31.53 -10.95 15.04
C HIS D 344 32.48 -11.80 14.25
N ILE D 345 33.77 -11.60 14.53
CA ILE D 345 34.82 -12.49 14.06
C ILE D 345 35.54 -13.05 15.29
N SER D 346 36.11 -14.26 15.13
CA SER D 346 36.90 -14.93 16.17
C SER D 346 38.37 -14.85 15.77
N PRO D 347 39.29 -15.04 16.73
CA PRO D 347 40.72 -14.92 16.40
C PRO D 347 41.26 -16.16 15.68
N SER D 348 42.37 -16.02 14.96
CA SER D 348 42.96 -17.16 14.23
C SER D 348 43.96 -17.97 15.09
N ASN D 349 44.39 -19.13 14.58
CA ASN D 349 45.41 -19.97 15.29
C ASN D 349 46.77 -19.26 15.31
N MET D 350 46.89 -18.17 14.60
CA MET D 350 48.09 -17.39 14.50
C MET D 350 48.75 -17.13 15.81
N THR D 351 50.08 -17.20 15.80
CA THR D 351 50.92 -17.23 17.00
C THR D 351 51.29 -15.83 17.51
N ASN D 352 50.99 -15.56 18.76
CA ASN D 352 51.25 -14.24 19.34
C ASN D 352 52.69 -14.07 19.78
N GLN D 353 53.50 -13.39 18.97
CA GLN D 353 54.93 -13.20 19.26
C GLN D 353 55.22 -12.02 20.19
N ASN D 354 54.22 -11.64 20.99
CA ASN D 354 54.38 -10.61 22.01
C ASN D 354 54.38 -11.22 23.41
N THR D 355 55.51 -11.81 23.77
CA THR D 355 55.63 -12.49 25.05
C THR D 355 55.42 -11.51 26.17
N ASN D 356 54.89 -11.99 27.28
CA ASN D 356 54.64 -11.16 28.46
C ASN D 356 55.87 -10.36 28.88
N GLU D 357 57.05 -10.95 28.74
CA GLU D 357 58.31 -10.28 29.10
C GLU D 357 58.52 -9.05 28.22
N TYR D 358 58.27 -9.19 26.93
CA TYR D 358 58.49 -8.09 26.00
C TYR D 358 57.53 -6.91 26.17
N LEU D 359 56.28 -7.20 26.55
CA LEU D 359 55.25 -6.18 26.74
C LEU D 359 55.46 -5.40 28.04
N GLU D 360 55.86 -6.11 29.10
CA GLU D 360 56.17 -5.48 30.40
C GLU D 360 57.43 -4.63 30.40
N LYS D 361 58.44 -5.02 29.63
CA LYS D 361 59.61 -4.15 29.45
C LYS D 361 59.14 -2.80 28.92
N ILE D 362 58.42 -2.83 27.80
CA ILE D 362 57.97 -1.59 27.15
C ILE D 362 57.02 -0.79 28.03
N LYS D 363 56.01 -1.47 28.56
CA LYS D 363 55.08 -0.84 29.48
C LYS D 363 55.82 0.00 30.52
N GLN D 364 56.74 -0.63 31.24
CA GLN D 364 57.47 0.08 32.27
C GLN D 364 58.16 1.32 31.70
N ARG D 365 58.86 1.18 30.58
CA ARG D 365 59.56 2.34 29.98
C ARG D 365 58.61 3.50 29.75
N LEU D 366 57.36 3.19 29.36
CA LEU D 366 56.35 4.21 29.06
C LEU D 366 55.82 4.86 30.33
N PHE D 367 55.62 4.04 31.35
CA PHE D 367 55.18 4.52 32.66
C PHE D 367 56.18 5.52 33.25
N GLU D 368 57.46 5.29 32.99
CA GLU D 368 58.50 6.25 33.34
C GLU D 368 58.34 7.54 32.54
N ASN D 369 58.23 7.40 31.22
CA ASN D 369 58.05 8.57 30.38
C ASN D 369 56.87 9.38 30.87
N LEU D 370 55.73 8.75 31.10
CA LEU D 370 54.56 9.50 31.53
C LEU D 370 54.74 10.15 32.89
N ARG D 371 55.50 9.53 33.79
CA ARG D 371 55.72 10.14 35.10
C ARG D 371 56.43 11.51 35.03
N MET D 372 57.19 11.74 33.96
CA MET D 372 57.93 12.98 33.77
C MET D 372 57.04 14.23 33.61
N LEU D 373 55.77 14.02 33.30
CA LEU D 373 54.81 15.11 33.21
C LEU D 373 54.51 15.71 34.58
N PRO D 374 54.02 16.96 34.61
CA PRO D 374 53.67 17.58 35.88
C PRO D 374 52.37 17.02 36.48
N HIS D 375 52.32 16.95 37.81
CA HIS D 375 51.16 16.43 38.55
C HIS D 375 51.24 16.90 40.00
N ALA D 376 50.37 16.41 40.88
CA ALA D 376 50.43 16.78 42.32
C ALA D 376 50.18 15.57 43.22
N ARG E 8 -26.27 23.94 1.35
CA ARG E 8 -26.62 22.69 0.58
C ARG E 8 -27.05 21.53 1.49
N ARG E 9 -28.14 20.87 1.10
CA ARG E 9 -28.85 19.94 1.96
C ARG E 9 -27.91 18.84 2.47
N LYS E 10 -28.13 18.35 3.69
CA LYS E 10 -27.34 17.26 4.24
C LYS E 10 -28.02 15.92 3.96
N VAL E 11 -27.24 14.95 3.50
CA VAL E 11 -27.78 13.65 3.07
C VAL E 11 -27.26 12.47 3.93
N CYS E 12 -28.16 11.56 4.29
CA CYS E 12 -27.79 10.34 5.03
C CYS E 12 -28.10 9.10 4.23
N TYR E 13 -27.10 8.26 4.07
CA TYR E 13 -27.24 7.12 3.19
C TYR E 13 -27.19 5.86 4.01
N TYR E 14 -28.17 4.97 3.81
CA TYR E 14 -28.26 3.72 4.57
C TYR E 14 -28.00 2.51 3.69
N TYR E 15 -27.12 1.61 4.14
CA TYR E 15 -26.71 0.45 3.35
C TYR E 15 -26.15 -0.67 4.24
N ASP E 16 -26.57 -1.91 3.97
CA ASP E 16 -25.94 -3.08 4.62
C ASP E 16 -25.42 -4.00 3.54
N GLY E 17 -24.11 -4.25 3.61
CA GLY E 17 -23.39 -5.03 2.62
C GLY E 17 -24.04 -6.33 2.22
N ASP E 18 -24.76 -6.94 3.16
CA ASP E 18 -25.42 -8.24 2.92
C ASP E 18 -26.51 -8.18 1.84
N VAL E 19 -27.14 -7.00 1.68
CA VAL E 19 -28.34 -6.81 0.83
C VAL E 19 -28.16 -7.20 -0.64
N GLY E 20 -26.99 -6.97 -1.19
CA GLY E 20 -26.71 -7.39 -2.56
C GLY E 20 -26.67 -8.91 -2.74
N ASN E 21 -26.45 -9.64 -1.64
CA ASN E 21 -26.18 -11.09 -1.66
C ASN E 21 -27.38 -11.97 -1.48
N TYR E 22 -28.49 -11.41 -0.99
CA TYR E 22 -29.76 -12.14 -0.92
C TYR E 22 -30.33 -12.32 -2.33
N TYR E 23 -30.92 -13.48 -2.59
CA TYR E 23 -31.27 -13.88 -3.94
C TYR E 23 -32.70 -14.40 -3.99
N TYR E 24 -33.47 -13.91 -4.95
CA TYR E 24 -34.90 -14.21 -5.05
C TYR E 24 -35.21 -15.55 -5.67
N GLY E 25 -34.36 -15.97 -6.60
CA GLY E 25 -34.52 -17.30 -7.17
C GLY E 25 -34.21 -17.30 -8.64
N GLN E 26 -33.85 -18.47 -9.14
CA GLN E 26 -33.55 -18.62 -10.55
C GLN E 26 -34.72 -18.10 -11.37
N GLY E 27 -34.40 -17.34 -12.41
CA GLY E 27 -35.40 -16.83 -13.35
C GLY E 27 -36.22 -15.66 -12.87
N HIS E 28 -35.97 -15.22 -11.64
CA HIS E 28 -36.72 -14.12 -11.02
C HIS E 28 -36.11 -12.74 -11.33
N PRO E 29 -36.95 -11.76 -11.69
CA PRO E 29 -36.44 -10.47 -12.17
C PRO E 29 -35.91 -9.55 -11.06
N MET E 30 -36.57 -9.53 -9.92
CA MET E 30 -36.09 -8.77 -8.78
C MET E 30 -34.73 -9.28 -8.35
N LYS E 31 -33.73 -8.42 -8.47
CA LYS E 31 -32.37 -8.80 -8.13
C LYS E 31 -31.73 -7.79 -7.18
N PRO E 32 -31.67 -8.13 -5.86
CA PRO E 32 -31.20 -7.16 -4.87
C PRO E 32 -29.79 -6.66 -5.15
N HIS E 33 -29.05 -7.40 -5.96
CA HIS E 33 -27.66 -7.06 -6.26
C HIS E 33 -27.48 -5.67 -6.85
N ARG E 34 -28.54 -5.14 -7.45
CA ARG E 34 -28.52 -3.83 -8.08
C ARG E 34 -28.20 -2.68 -7.09
N ILE E 35 -28.50 -2.89 -5.81
CA ILE E 35 -28.21 -1.92 -4.76
C ILE E 35 -26.71 -1.89 -4.45
N ARG E 36 -26.11 -3.06 -4.43
CA ARG E 36 -24.67 -3.21 -4.27
C ARG E 36 -23.94 -2.54 -5.42
N MET E 37 -24.51 -2.63 -6.62
CA MET E 37 -23.92 -2.00 -7.81
C MET E 37 -23.89 -0.49 -7.71
N THR E 38 -25.01 0.04 -7.23
CA THR E 38 -25.17 1.45 -6.93
C THR E 38 -24.17 1.88 -5.87
N HIS E 39 -24.25 1.24 -4.70
CA HIS E 39 -23.33 1.47 -3.60
C HIS E 39 -21.92 1.64 -4.13
N ASN E 40 -21.48 0.67 -4.92
CA ASN E 40 -20.12 0.65 -5.43
C ASN E 40 -19.82 1.80 -6.38
N LEU E 41 -20.80 2.21 -7.20
CA LEU E 41 -20.58 3.35 -8.08
C LEU E 41 -20.42 4.60 -7.25
N LEU E 42 -21.33 4.77 -6.30
CA LEU E 42 -21.29 5.91 -5.38
C LEU E 42 -19.90 6.10 -4.76
N LEU E 43 -19.26 5.01 -4.35
CA LEU E 43 -17.92 5.07 -3.78
C LEU E 43 -16.90 5.56 -4.78
N ASN E 44 -16.97 5.01 -5.99
CA ASN E 44 -16.04 5.36 -7.04
C ASN E 44 -16.35 6.67 -7.77
N TYR E 45 -17.58 7.14 -7.70
CA TYR E 45 -17.86 8.47 -8.21
C TYR E 45 -17.51 9.52 -7.15
N GLY E 46 -17.08 9.10 -5.97
CA GLY E 46 -16.64 10.01 -4.90
C GLY E 46 -17.78 10.63 -4.09
N LEU E 47 -18.99 10.11 -4.29
CA LEU E 47 -20.18 10.65 -3.67
C LEU E 47 -20.30 10.11 -2.24
N TYR E 48 -20.04 8.80 -2.08
CA TYR E 48 -20.00 8.13 -0.77
C TYR E 48 -19.35 9.04 0.26
N ARG E 49 -18.12 9.40 -0.07
CA ARG E 49 -17.34 10.37 0.66
C ARG E 49 -18.21 11.51 1.23
N LYS E 50 -19.07 12.10 0.39
CA LYS E 50 -19.78 13.34 0.70
C LYS E 50 -21.08 13.22 1.48
N MET E 51 -21.45 12.04 1.92
CA MET E 51 -22.68 11.94 2.71
C MET E 51 -22.51 11.04 3.91
N GLU E 52 -23.40 11.16 4.87
CA GLU E 52 -23.29 10.42 6.13
C GLU E 52 -23.77 8.97 5.96
N ILE E 53 -22.83 8.03 6.05
CA ILE E 53 -23.11 6.61 5.75
C ILE E 53 -23.43 5.76 6.99
N TYR E 54 -24.64 5.19 7.04
CA TYR E 54 -25.09 4.40 8.20
C TYR E 54 -25.39 2.96 7.80
N ARG E 55 -24.97 2.02 8.65
CA ARG E 55 -25.41 0.62 8.57
C ARG E 55 -26.66 0.53 9.41
N PRO E 56 -27.75 0.07 8.81
CA PRO E 56 -29.00 -0.11 9.56
C PRO E 56 -29.04 -1.44 10.30
N HIS E 57 -29.25 -1.38 11.60
CA HIS E 57 -29.50 -2.56 12.37
C HIS E 57 -30.78 -3.19 11.85
N LYS E 58 -30.95 -4.46 12.16
CA LYS E 58 -32.08 -5.27 11.70
C LYS E 58 -33.37 -4.84 12.39
N ALA E 59 -34.42 -4.59 11.62
CA ALA E 59 -35.71 -4.26 12.21
C ALA E 59 -36.35 -5.53 12.73
N ASN E 60 -36.77 -5.53 13.99
CA ASN E 60 -37.37 -6.73 14.59
C ASN E 60 -38.87 -6.74 14.40
N ALA E 61 -39.46 -7.92 14.56
CA ALA E 61 -40.90 -8.12 14.45
C ALA E 61 -41.71 -7.09 15.23
N GLU E 62 -41.13 -6.61 16.33
CA GLU E 62 -41.68 -5.54 17.17
C GLU E 62 -42.24 -4.36 16.38
N GLU E 63 -41.40 -3.80 15.50
CA GLU E 63 -41.76 -2.61 14.73
C GLU E 63 -42.38 -2.91 13.35
N MET E 64 -42.13 -4.08 12.79
CA MET E 64 -42.86 -4.53 11.60
C MET E 64 -44.35 -4.77 11.86
N THR E 65 -44.71 -5.17 13.10
CA THR E 65 -46.10 -5.40 13.49
C THR E 65 -46.81 -4.11 13.89
N LYS E 66 -46.07 -3.00 13.95
CA LYS E 66 -46.67 -1.69 14.10
C LYS E 66 -47.66 -1.38 12.95
N TYR E 67 -47.54 -2.09 11.83
CA TYR E 67 -48.53 -2.05 10.76
C TYR E 67 -49.06 -3.44 10.41
N HIS E 68 -48.16 -4.42 10.27
CA HIS E 68 -48.56 -5.77 9.84
C HIS E 68 -49.13 -6.66 10.94
N SER E 69 -49.78 -7.74 10.50
CA SER E 69 -50.41 -8.73 11.36
C SER E 69 -49.39 -9.37 12.29
N ASP E 70 -49.77 -9.60 13.54
CA ASP E 70 -48.88 -10.26 14.48
C ASP E 70 -48.56 -11.67 14.00
N ASP E 71 -49.43 -12.23 13.16
CA ASP E 71 -49.28 -13.60 12.66
C ASP E 71 -48.87 -13.69 11.18
N TYR E 72 -48.74 -12.54 10.53
CA TYR E 72 -48.18 -12.48 9.17
C TYR E 72 -46.67 -12.39 9.28
N ILE E 73 -46.20 -11.52 10.16
CA ILE E 73 -44.78 -11.39 10.46
C ILE E 73 -44.32 -12.69 11.11
N LYS E 74 -45.10 -13.21 12.06
CA LYS E 74 -44.80 -14.48 12.71
C LYS E 74 -44.52 -15.53 11.64
N PHE E 75 -45.42 -15.61 10.67
CA PHE E 75 -45.27 -16.51 9.52
C PHE E 75 -43.93 -16.31 8.81
N LEU E 76 -43.57 -15.04 8.54
CA LEU E 76 -42.33 -14.69 7.82
C LEU E 76 -41.09 -15.01 8.63
N ARG E 77 -41.14 -14.71 9.92
CA ARG E 77 -40.04 -15.01 10.81
C ARG E 77 -39.78 -16.50 10.77
N SER E 78 -40.85 -17.28 10.69
CA SER E 78 -40.80 -18.73 10.79
C SER E 78 -40.46 -19.44 9.45
N ILE E 79 -41.19 -19.10 8.39
CA ILE E 79 -41.05 -19.80 7.09
C ILE E 79 -39.60 -19.95 6.65
N ARG E 80 -39.30 -21.06 6.01
CA ARG E 80 -38.01 -21.32 5.38
C ARG E 80 -38.28 -22.15 4.10
N PRO E 81 -37.23 -22.42 3.31
CA PRO E 81 -37.32 -23.46 2.26
C PRO E 81 -37.30 -24.88 2.81
N ASP E 82 -36.90 -25.05 4.07
CA ASP E 82 -36.97 -26.35 4.74
C ASP E 82 -38.45 -26.67 4.88
N ASN E 83 -39.12 -25.93 5.77
CA ASN E 83 -40.49 -26.21 6.17
C ASN E 83 -41.48 -25.64 5.15
N MET E 84 -41.10 -25.68 3.88
CA MET E 84 -41.90 -25.10 2.81
C MET E 84 -43.12 -25.95 2.49
N SER E 85 -42.96 -27.27 2.48
CA SER E 85 -44.10 -28.17 2.25
C SER E 85 -44.99 -28.34 3.50
N GLU E 86 -44.44 -28.09 4.70
CA GLU E 86 -45.23 -28.12 5.96
C GLU E 86 -46.21 -26.93 6.10
N TYR E 87 -45.81 -25.76 5.61
CA TYR E 87 -46.58 -24.51 5.78
C TYR E 87 -47.61 -24.21 4.69
N SER E 88 -47.52 -24.92 3.56
CA SER E 88 -48.23 -24.56 2.32
C SER E 88 -49.67 -24.04 2.53
N LYS E 89 -50.32 -24.51 3.58
CA LYS E 89 -51.58 -23.95 4.07
C LYS E 89 -51.51 -22.43 4.15
N GLN E 90 -50.64 -21.95 5.05
CA GLN E 90 -50.42 -20.51 5.25
C GLN E 90 -49.77 -19.80 4.06
N MET E 91 -48.99 -20.52 3.27
CA MET E 91 -48.40 -19.91 2.10
C MET E 91 -49.45 -19.31 1.16
N GLN E 92 -50.56 -20.02 0.95
CA GLN E 92 -51.59 -19.56 0.03
C GLN E 92 -52.38 -18.38 0.59
N ARG E 93 -52.66 -18.40 1.89
CA ARG E 93 -53.33 -17.29 2.55
C ARG E 93 -52.51 -15.99 2.49
N PHE E 94 -51.19 -16.10 2.35
CA PHE E 94 -50.28 -14.94 2.40
C PHE E 94 -49.60 -14.56 1.08
N ASN E 95 -49.93 -15.26 -0.01
CA ASN E 95 -49.47 -14.87 -1.36
C ASN E 95 -48.00 -15.21 -1.69
N VAL E 96 -47.39 -16.09 -0.93
CA VAL E 96 -45.96 -16.41 -1.13
C VAL E 96 -45.74 -17.53 -2.14
N GLY E 97 -45.42 -17.20 -3.39
CA GLY E 97 -45.21 -18.23 -4.41
C GLY E 97 -44.84 -17.72 -5.81
N GLU E 98 -45.75 -17.94 -6.78
CA GLU E 98 -45.44 -17.79 -8.21
C GLU E 98 -44.46 -16.66 -8.56
N ASP E 99 -44.83 -15.43 -8.21
CA ASP E 99 -43.93 -14.31 -8.42
C ASP E 99 -43.44 -13.67 -7.10
N CYS E 100 -43.76 -14.25 -5.95
CA CYS E 100 -43.07 -13.86 -4.70
C CYS E 100 -42.44 -15.08 -4.03
N PRO E 101 -41.26 -15.54 -4.51
CA PRO E 101 -40.82 -16.83 -3.98
C PRO E 101 -40.48 -16.79 -2.52
N VAL E 102 -40.35 -17.98 -1.94
CA VAL E 102 -39.67 -18.15 -0.67
C VAL E 102 -38.20 -18.26 -1.08
N PHE E 103 -37.29 -17.83 -0.23
CA PHE E 103 -35.86 -17.95 -0.54
C PHE E 103 -35.01 -17.73 0.70
N ASP E 104 -33.83 -18.34 0.71
CA ASP E 104 -33.02 -18.36 1.92
C ASP E 104 -32.55 -16.95 2.29
N GLY E 105 -32.88 -16.55 3.52
CA GLY E 105 -32.55 -15.22 4.04
C GLY E 105 -33.69 -14.22 3.94
N LEU E 106 -34.78 -14.60 3.25
CA LEU E 106 -35.91 -13.70 3.02
C LEU E 106 -36.21 -12.75 4.18
N PHE E 107 -36.35 -13.27 5.39
CA PHE E 107 -36.69 -12.41 6.51
C PHE E 107 -35.55 -11.46 6.88
N GLU E 108 -34.32 -11.92 6.72
CA GLU E 108 -33.16 -11.05 6.89
C GLU E 108 -33.27 -9.88 5.91
N PHE E 109 -33.56 -10.18 4.66
CA PHE E 109 -33.72 -9.17 3.62
C PHE E 109 -34.73 -8.09 4.02
N CYS E 110 -35.89 -8.52 4.50
CA CYS E 110 -36.93 -7.59 4.92
C CYS E 110 -36.47 -6.70 6.07
N GLN E 111 -35.73 -7.27 7.00
CA GLN E 111 -35.30 -6.53 8.16
C GLN E 111 -34.38 -5.38 7.78
N LEU E 112 -33.54 -5.61 6.77
CA LEU E 112 -32.59 -4.60 6.33
C LEU E 112 -33.30 -3.47 5.56
N SER E 113 -34.22 -3.88 4.68
CA SER E 113 -34.97 -2.91 3.90
C SER E 113 -35.80 -2.01 4.81
N THR E 114 -36.42 -2.63 5.81
CA THR E 114 -37.29 -1.91 6.75
C THR E 114 -36.46 -1.10 7.74
N GLY E 115 -35.35 -1.65 8.20
CA GLY E 115 -34.46 -0.95 9.12
C GLY E 115 -33.93 0.34 8.54
N GLY E 116 -33.58 0.30 7.26
CA GLY E 116 -33.06 1.47 6.56
C GLY E 116 -34.05 2.61 6.49
N SER E 117 -35.28 2.29 6.12
CA SER E 117 -36.34 3.27 6.01
C SER E 117 -36.74 3.87 7.36
N VAL E 118 -36.81 3.02 8.40
CA VAL E 118 -37.26 3.45 9.73
C VAL E 118 -36.21 4.31 10.41
N ALA E 119 -34.97 3.81 10.39
CA ALA E 119 -33.86 4.54 10.96
C ALA E 119 -33.82 5.94 10.36
N SER E 120 -33.98 6.01 9.04
CA SER E 120 -33.91 7.30 8.33
C SER E 120 -35.08 8.23 8.70
N ALA E 121 -36.28 7.67 8.76
CA ALA E 121 -37.44 8.42 9.24
C ALA E 121 -37.17 9.06 10.60
N VAL E 122 -36.64 8.28 11.52
CA VAL E 122 -36.28 8.79 12.82
C VAL E 122 -35.31 9.97 12.61
N LYS E 123 -34.23 9.70 11.90
CA LYS E 123 -33.24 10.69 11.54
C LYS E 123 -33.87 12.00 11.04
N LEU E 124 -34.93 11.86 10.23
CA LEU E 124 -35.64 13.03 9.73
C LEU E 124 -36.45 13.71 10.84
N ASN E 125 -37.15 12.90 11.65
CA ASN E 125 -37.90 13.43 12.77
C ASN E 125 -36.99 14.08 13.77
N LYS E 126 -35.89 13.44 14.08
CA LYS E 126 -34.88 14.01 14.99
C LYS E 126 -34.22 15.25 14.41
N GLN E 127 -34.54 15.60 13.16
CA GLN E 127 -34.15 16.87 12.58
C GLN E 127 -32.64 17.00 12.40
N GLN E 128 -31.97 15.86 12.25
CA GLN E 128 -30.51 15.80 12.12
C GLN E 128 -30.12 15.36 10.70
N THR E 129 -31.05 15.49 9.76
CA THR E 129 -30.73 15.42 8.34
C THR E 129 -31.76 16.24 7.57
N ASP E 130 -31.49 16.50 6.30
CA ASP E 130 -32.49 17.07 5.40
C ASP E 130 -33.01 16.01 4.47
N ILE E 131 -32.10 15.20 3.95
CA ILE E 131 -32.46 14.11 3.07
C ILE E 131 -31.87 12.84 3.65
N ALA E 132 -32.57 11.74 3.42
CA ALA E 132 -32.13 10.45 3.83
C ALA E 132 -32.46 9.47 2.73
N VAL E 133 -31.51 8.60 2.40
CA VAL E 133 -31.60 7.72 1.25
C VAL E 133 -31.43 6.25 1.65
N ASN E 134 -32.37 5.41 1.21
CA ASN E 134 -32.29 3.98 1.41
C ASN E 134 -32.79 3.24 0.17
N TRP E 135 -31.87 2.91 -0.72
CA TRP E 135 -32.22 2.27 -1.99
C TRP E 135 -32.79 0.85 -1.84
N ALA E 136 -32.45 0.20 -0.73
CA ALA E 136 -32.99 -1.13 -0.43
C ALA E 136 -34.47 -1.08 -0.26
N GLY E 137 -34.93 -0.03 0.42
CA GLY E 137 -36.34 0.16 0.69
C GLY E 137 -37.15 0.47 -0.55
N GLY E 138 -38.35 1.00 -0.30
CA GLY E 138 -39.31 1.39 -1.35
C GLY E 138 -40.30 0.32 -1.78
N LEU E 139 -40.33 -0.81 -1.09
CA LEU E 139 -41.09 -1.97 -1.53
C LEU E 139 -42.60 -1.80 -1.25
N HIS E 140 -43.29 -1.30 -2.26
CA HIS E 140 -44.57 -0.61 -2.10
C HIS E 140 -45.86 -1.41 -2.40
N HIS E 141 -45.74 -2.68 -2.82
CA HIS E 141 -46.91 -3.52 -3.12
C HIS E 141 -47.40 -4.36 -1.94
N ALA E 142 -46.61 -4.39 -0.88
CA ALA E 142 -46.94 -5.18 0.29
C ALA E 142 -48.25 -4.72 0.93
N LYS E 143 -48.98 -5.66 1.52
CA LYS E 143 -50.23 -5.38 2.21
C LYS E 143 -50.09 -5.79 3.66
N LYS E 144 -51.08 -5.40 4.46
CA LYS E 144 -51.09 -5.64 5.90
C LYS E 144 -50.93 -7.12 6.25
N SER E 145 -51.63 -7.98 5.52
CA SER E 145 -51.71 -9.40 5.84
C SER E 145 -51.31 -10.31 4.68
N GLU E 146 -50.60 -9.77 3.69
CA GLU E 146 -50.11 -10.59 2.58
C GLU E 146 -49.01 -9.90 1.78
N ALA E 147 -48.10 -10.72 1.25
CA ALA E 147 -47.07 -10.24 0.35
C ALA E 147 -47.67 -10.03 -1.03
N SER E 148 -47.06 -9.17 -1.85
CA SER E 148 -47.51 -8.93 -3.24
C SER E 148 -46.48 -8.19 -4.06
N GLY E 149 -46.37 -8.53 -5.34
CA GLY E 149 -45.42 -7.89 -6.25
C GLY E 149 -44.01 -7.73 -5.68
N PHE E 150 -43.42 -8.86 -5.30
CA PHE E 150 -42.05 -8.92 -4.82
C PHE E 150 -41.84 -8.25 -3.47
N CYS E 151 -42.89 -7.66 -2.90
CA CYS E 151 -42.79 -6.94 -1.64
C CYS E 151 -43.37 -7.81 -0.52
N TYR E 152 -42.64 -7.94 0.58
CA TYR E 152 -43.06 -8.75 1.71
C TYR E 152 -43.45 -7.84 2.88
N VAL E 153 -42.57 -6.90 3.21
CA VAL E 153 -42.86 -5.88 4.22
C VAL E 153 -42.91 -4.52 3.54
N ASN E 154 -43.92 -3.73 3.87
CA ASN E 154 -44.04 -2.37 3.35
C ASN E 154 -43.33 -1.38 4.23
N ASP E 155 -42.03 -1.28 3.98
CA ASP E 155 -41.16 -0.39 4.74
C ASP E 155 -41.64 1.04 4.68
N ILE E 156 -42.36 1.36 3.61
CA ILE E 156 -42.78 2.73 3.34
C ILE E 156 -43.82 3.18 4.37
N VAL E 157 -44.83 2.33 4.55
CA VAL E 157 -45.86 2.61 5.51
C VAL E 157 -45.21 2.84 6.88
N LEU E 158 -44.44 1.85 7.34
CA LEU E 158 -43.76 1.90 8.65
C LEU E 158 -42.95 3.18 8.83
N ALA E 159 -42.25 3.53 7.76
CA ALA E 159 -41.48 4.76 7.73
C ALA E 159 -42.40 5.95 7.95
N ILE E 160 -43.48 5.97 7.18
CA ILE E 160 -44.44 7.08 7.25
C ILE E 160 -45.09 7.17 8.63
N LEU E 161 -45.39 6.01 9.23
CA LEU E 161 -46.02 5.95 10.54
C LEU E 161 -45.15 6.61 11.62
N GLU E 162 -43.85 6.46 11.49
CA GLU E 162 -42.92 7.15 12.40
C GLU E 162 -42.91 8.64 12.15
N LEU E 163 -42.98 9.06 10.89
CA LEU E 163 -42.95 10.47 10.55
C LEU E 163 -44.19 11.20 11.07
N LEU E 164 -45.32 10.52 11.06
CA LEU E 164 -46.56 11.11 11.58
C LEU E 164 -46.44 11.53 13.05
N LYS E 165 -45.47 10.95 13.75
CA LYS E 165 -45.21 11.30 15.15
C LYS E 165 -44.76 12.75 15.29
N TYR E 166 -44.13 13.30 14.25
CA TYR E 166 -43.70 14.70 14.26
C TYR E 166 -44.28 15.55 13.13
N HIS E 167 -44.87 14.91 12.13
CA HIS E 167 -45.36 15.63 10.96
C HIS E 167 -46.85 15.42 10.78
N GLN E 168 -47.59 16.54 10.75
CA GLN E 168 -49.04 16.54 10.58
C GLN E 168 -49.45 15.93 9.25
N ARG E 169 -48.81 16.41 8.19
CA ARG E 169 -49.10 15.99 6.83
C ARG E 169 -47.85 15.43 6.16
N VAL E 170 -47.95 14.18 5.73
CA VAL E 170 -46.86 13.48 5.04
C VAL E 170 -47.29 13.22 3.62
N LEU E 171 -46.51 13.71 2.66
CA LEU E 171 -46.82 13.49 1.25
C LEU E 171 -46.07 12.27 0.78
N TYR E 172 -46.76 11.39 0.05
CA TYR E 172 -46.08 10.27 -0.55
C TYR E 172 -46.14 10.29 -2.07
N ILE E 173 -44.99 10.45 -2.71
CA ILE E 173 -44.91 10.46 -4.17
C ILE E 173 -44.27 9.16 -4.68
N ASP E 174 -44.82 8.63 -5.77
CA ASP E 174 -44.46 7.32 -6.27
C ASP E 174 -44.28 7.37 -7.80
N ILE E 175 -43.02 7.30 -8.26
CA ILE E 175 -42.67 7.38 -9.70
C ILE E 175 -42.67 6.02 -10.41
N ASP E 176 -42.51 4.98 -9.59
CA ASP E 176 -42.44 3.59 -10.07
C ASP E 176 -43.48 3.44 -11.16
N ILE E 177 -43.15 2.67 -12.19
CA ILE E 177 -44.14 2.40 -13.23
C ILE E 177 -45.39 1.70 -12.68
N HIS E 178 -45.25 0.86 -11.65
CA HIS E 178 -46.39 0.15 -11.06
C HIS E 178 -47.10 0.99 -9.98
N HIS E 179 -48.44 0.99 -9.99
CA HIS E 179 -49.23 1.75 -9.01
C HIS E 179 -48.97 1.34 -7.56
N GLY E 180 -48.64 2.33 -6.74
CA GLY E 180 -48.23 2.11 -5.33
C GLY E 180 -49.42 1.85 -4.43
N ASP E 181 -50.07 0.72 -4.68
CA ASP E 181 -51.30 0.31 -4.01
C ASP E 181 -51.12 -0.10 -2.52
N GLY E 182 -49.93 -0.54 -2.15
CA GLY E 182 -49.66 -0.89 -0.77
C GLY E 182 -49.71 0.35 0.08
N VAL E 183 -48.99 1.38 -0.36
CA VAL E 183 -48.92 2.59 0.43
C VAL E 183 -50.27 3.29 0.35
N GLU E 184 -50.98 3.11 -0.75
CA GLU E 184 -52.29 3.72 -0.90
C GLU E 184 -53.30 3.09 0.05
N GLU E 185 -53.44 1.78 -0.05
CA GLU E 185 -54.43 1.05 0.75
C GLU E 185 -54.24 1.22 2.26
N ALA E 186 -52.99 1.28 2.69
CA ALA E 186 -52.65 1.43 4.10
C ALA E 186 -53.13 2.78 4.64
N PHE E 187 -53.17 3.80 3.79
CA PHE E 187 -53.55 5.14 4.21
C PHE E 187 -54.82 5.63 3.53
N TYR E 188 -55.60 4.69 3.01
CA TYR E 188 -56.78 5.02 2.19
C TYR E 188 -57.84 5.89 2.89
N THR E 189 -57.94 5.79 4.21
CA THR E 189 -59.00 6.46 4.96
C THR E 189 -58.51 7.63 5.80
N THR E 190 -57.28 8.08 5.59
CA THR E 190 -56.74 9.20 6.37
C THR E 190 -56.46 10.44 5.51
N ASP E 191 -56.58 11.59 6.15
CA ASP E 191 -56.32 12.86 5.49
C ASP E 191 -54.92 13.36 5.81
N ARG E 192 -54.20 12.66 6.69
CA ARG E 192 -52.87 13.13 7.10
C ARG E 192 -51.80 12.77 6.11
N VAL E 193 -52.08 11.80 5.24
CA VAL E 193 -51.10 11.33 4.27
C VAL E 193 -51.72 11.28 2.88
N MET E 194 -51.12 12.01 1.93
CA MET E 194 -51.61 12.03 0.55
C MET E 194 -50.72 11.23 -0.40
N THR E 195 -51.33 10.28 -1.10
CA THR E 195 -50.56 9.35 -1.93
C THR E 195 -50.75 9.64 -3.42
N VAL E 196 -49.72 10.19 -4.03
CA VAL E 196 -49.73 10.54 -5.45
C VAL E 196 -48.91 9.55 -6.26
N SER E 197 -49.48 9.05 -7.37
CA SER E 197 -48.85 7.98 -8.12
C SER E 197 -49.05 8.07 -9.64
N PHE E 198 -47.95 7.96 -10.37
CA PHE E 198 -47.92 8.02 -11.83
C PHE E 198 -47.46 6.69 -12.39
N HIS E 199 -48.32 6.04 -13.17
CA HIS E 199 -48.08 4.65 -13.53
C HIS E 199 -48.79 4.24 -14.78
N LYS E 200 -48.31 3.15 -15.37
CA LYS E 200 -49.01 2.51 -16.47
C LYS E 200 -50.32 1.98 -15.95
N TYR E 201 -51.31 1.88 -16.82
CA TYR E 201 -52.61 1.35 -16.45
C TYR E 201 -53.28 0.68 -17.64
N GLY E 202 -53.95 -0.45 -17.41
CA GLY E 202 -54.61 -1.19 -18.48
C GLY E 202 -53.81 -2.41 -18.90
N GLU E 203 -54.23 -3.58 -18.44
CA GLU E 203 -53.49 -4.82 -18.64
C GLU E 203 -52.10 -4.72 -18.05
N TYR E 204 -52.06 -4.42 -16.75
CA TYR E 204 -50.80 -4.20 -16.05
C TYR E 204 -51.04 -4.35 -14.57
N PHE E 205 -49.98 -4.62 -13.83
CA PHE E 205 -50.09 -4.84 -12.41
C PHE E 205 -50.01 -3.48 -11.73
N PRO E 206 -50.74 -3.30 -10.60
CA PRO E 206 -51.57 -4.27 -9.87
C PRO E 206 -53.07 -4.25 -10.19
N GLY E 207 -53.46 -3.56 -11.27
CA GLY E 207 -54.86 -3.46 -11.67
C GLY E 207 -55.60 -2.30 -11.03
N THR E 208 -54.91 -1.57 -10.17
CA THR E 208 -55.51 -0.51 -9.38
C THR E 208 -54.86 0.82 -9.68
N GLY E 209 -55.54 1.89 -9.30
CA GLY E 209 -55.00 3.25 -9.42
C GLY E 209 -55.41 3.99 -10.69
N ASP E 210 -56.66 3.82 -11.11
CA ASP E 210 -57.18 4.56 -12.24
C ASP E 210 -57.59 5.97 -11.79
N LEU E 211 -58.03 6.77 -12.76
CA LEU E 211 -58.41 8.17 -12.55
C LEU E 211 -59.39 8.31 -11.39
N ARG E 212 -60.35 7.40 -11.33
CA ARG E 212 -61.42 7.45 -10.34
C ARG E 212 -61.07 6.87 -8.96
N ASP E 213 -59.80 6.49 -8.74
CA ASP E 213 -59.36 6.01 -7.43
C ASP E 213 -58.94 7.23 -6.60
N ILE E 214 -59.86 7.71 -5.76
CA ILE E 214 -59.71 9.01 -5.09
C ILE E 214 -59.49 8.87 -3.59
N GLY E 215 -59.75 7.67 -3.05
CA GLY E 215 -59.69 7.44 -1.62
C GLY E 215 -61.05 7.07 -1.05
N ALA E 216 -61.18 7.19 0.28
CA ALA E 216 -62.45 6.94 0.98
C ALA E 216 -62.50 7.58 2.39
N GLY E 217 -63.69 8.01 2.79
CA GLY E 217 -63.92 8.54 4.13
C GLY E 217 -63.21 9.86 4.33
N LYS E 218 -62.45 9.98 5.41
CA LYS E 218 -61.53 11.10 5.59
C LYS E 218 -60.43 11.14 4.53
N GLY E 219 -60.10 9.99 3.95
CA GLY E 219 -59.07 9.91 2.92
C GLY E 219 -59.53 10.20 1.50
N LYS E 220 -60.79 10.60 1.32
CA LYS E 220 -61.29 10.96 -0.01
C LYS E 220 -60.79 12.33 -0.41
N TYR E 221 -60.35 12.40 -1.67
CA TYR E 221 -59.62 13.55 -2.25
C TYR E 221 -58.19 13.67 -1.72
N TYR E 222 -57.67 12.56 -1.19
CA TYR E 222 -56.30 12.52 -0.72
C TYR E 222 -55.49 11.38 -1.34
N ALA E 223 -56.07 10.67 -2.30
CA ALA E 223 -55.30 9.71 -3.07
C ALA E 223 -55.34 10.14 -4.52
N VAL E 224 -54.23 10.72 -4.97
CA VAL E 224 -54.10 11.20 -6.34
C VAL E 224 -53.48 10.08 -7.18
N ASN E 225 -53.95 9.95 -8.41
CA ASN E 225 -53.41 8.96 -9.33
C ASN E 225 -53.32 9.56 -10.73
N TYR E 226 -52.30 9.18 -11.48
CA TYR E 226 -52.20 9.54 -12.88
C TYR E 226 -51.99 8.27 -13.70
N PRO E 227 -53.07 7.76 -14.32
CA PRO E 227 -52.94 6.60 -15.18
C PRO E 227 -52.32 6.94 -16.52
N LEU E 228 -51.51 6.03 -17.07
CA LEU E 228 -50.74 6.31 -18.30
C LEU E 228 -50.65 5.09 -19.20
N ARG E 229 -50.58 5.32 -20.50
CA ARG E 229 -50.29 4.27 -21.46
C ARG E 229 -48.78 4.17 -21.71
N ASP E 230 -48.40 3.33 -22.66
CA ASP E 230 -47.01 3.06 -22.97
C ASP E 230 -46.26 4.24 -23.57
N GLY E 231 -44.94 4.17 -23.50
CA GLY E 231 -44.02 5.02 -24.27
C GLY E 231 -43.87 6.47 -23.88
N ILE E 232 -44.14 6.80 -22.62
CA ILE E 232 -44.07 8.19 -22.17
C ILE E 232 -42.65 8.80 -22.20
N ASP E 233 -42.53 10.01 -22.74
CA ASP E 233 -41.24 10.69 -22.84
C ASP E 233 -40.89 11.33 -21.53
N ASP E 234 -39.65 11.81 -21.45
CA ASP E 234 -39.22 12.70 -20.40
C ASP E 234 -39.99 14.01 -20.50
N GLU E 235 -40.18 14.45 -21.74
CA GLU E 235 -40.85 15.70 -22.02
C GLU E 235 -42.32 15.69 -21.61
N SER E 236 -43.09 14.71 -22.09
CA SER E 236 -44.45 14.48 -21.61
C SER E 236 -44.53 14.32 -20.08
N TYR E 237 -43.67 13.47 -19.51
CA TYR E 237 -43.69 13.22 -18.06
C TYR E 237 -43.42 14.49 -17.27
N GLU E 238 -42.35 15.18 -17.61
CA GLU E 238 -42.03 16.45 -16.95
C GLU E 238 -43.24 17.41 -17.02
N ALA E 239 -43.81 17.56 -18.21
CA ALA E 239 -44.92 18.49 -18.45
C ALA E 239 -46.19 18.12 -17.71
N ILE E 240 -46.29 16.91 -17.17
CA ILE E 240 -47.44 16.55 -16.34
C ILE E 240 -47.09 16.30 -14.86
N PHE E 241 -45.82 16.26 -14.51
CA PHE E 241 -45.44 16.02 -13.12
C PHE E 241 -45.36 17.31 -12.32
N LYS E 242 -44.62 18.28 -12.87
CA LYS E 242 -44.44 19.58 -12.23
C LYS E 242 -45.76 20.31 -11.96
N PRO E 243 -46.65 20.42 -12.98
CA PRO E 243 -47.92 21.11 -12.74
C PRO E 243 -48.65 20.49 -11.56
N VAL E 244 -48.85 19.17 -11.61
CA VAL E 244 -49.62 18.42 -10.59
C VAL E 244 -48.99 18.50 -9.21
N MET E 245 -47.66 18.34 -9.12
CA MET E 245 -46.99 18.37 -7.83
C MET E 245 -46.99 19.76 -7.19
N SER E 246 -46.87 20.82 -8.00
CA SER E 246 -46.97 22.18 -7.49
C SER E 246 -48.34 22.49 -6.92
N LYS E 247 -49.38 21.93 -7.52
CA LYS E 247 -50.72 22.04 -6.99
C LYS E 247 -50.79 21.24 -5.71
N VAL E 248 -50.34 20.00 -5.76
CA VAL E 248 -50.32 19.17 -4.57
C VAL E 248 -49.67 19.93 -3.40
N MET E 249 -48.45 20.40 -3.55
CA MET E 249 -47.82 21.19 -2.49
C MET E 249 -48.73 22.34 -2.13
N GLU E 250 -49.19 23.06 -3.14
CA GLU E 250 -50.07 24.22 -2.93
C GLU E 250 -51.21 23.83 -1.99
N MET E 251 -51.91 22.75 -2.31
CA MET E 251 -53.10 22.35 -1.56
C MET E 251 -52.80 21.54 -0.28
N PHE E 252 -52.14 20.40 -0.42
CA PHE E 252 -51.85 19.48 0.70
C PHE E 252 -50.76 19.96 1.67
N GLN E 253 -49.98 20.97 1.29
CA GLN E 253 -49.06 21.70 2.21
C GLN E 253 -48.28 20.82 3.20
N PRO E 254 -47.58 19.79 2.70
CA PRO E 254 -47.01 18.79 3.60
C PRO E 254 -45.80 19.31 4.35
N SER E 255 -45.38 18.57 5.37
CA SER E 255 -44.19 18.91 6.17
C SER E 255 -43.10 17.83 6.15
N ALA E 256 -43.29 16.84 5.28
CA ALA E 256 -42.28 15.82 5.06
C ALA E 256 -42.68 15.02 3.83
N VAL E 257 -41.72 14.82 2.92
CA VAL E 257 -42.00 14.14 1.66
C VAL E 257 -41.35 12.78 1.68
N VAL E 258 -42.00 11.81 1.09
CA VAL E 258 -41.38 10.52 0.87
C VAL E 258 -41.53 10.16 -0.60
N LEU E 259 -40.42 10.21 -1.32
CA LEU E 259 -40.39 9.99 -2.75
C LEU E 259 -39.91 8.59 -3.04
N GLN E 260 -40.78 7.76 -3.59
CA GLN E 260 -40.36 6.43 -4.02
C GLN E 260 -39.85 6.56 -5.44
N CYS E 261 -38.58 6.24 -5.65
CA CYS E 261 -37.91 6.50 -6.93
C CYS E 261 -37.75 5.22 -7.74
N GLY E 262 -38.88 4.59 -8.04
CA GLY E 262 -38.91 3.32 -8.75
C GLY E 262 -38.23 3.49 -10.09
N SER E 263 -37.33 2.58 -10.42
CA SER E 263 -36.54 2.74 -11.62
C SER E 263 -36.99 1.84 -12.77
N ASP E 264 -38.15 1.21 -12.65
CA ASP E 264 -38.72 0.40 -13.73
C ASP E 264 -39.56 1.25 -14.68
N SER E 265 -39.74 2.53 -14.30
CA SER E 265 -40.28 3.56 -15.22
C SER E 265 -39.27 4.09 -16.25
N LEU E 266 -38.02 3.63 -16.19
CA LEU E 266 -37.01 4.00 -17.18
C LEU E 266 -37.21 3.22 -18.45
N SER E 267 -36.55 3.69 -19.50
CA SER E 267 -36.59 3.07 -20.80
C SER E 267 -35.82 1.75 -20.76
N GLY E 268 -36.22 0.84 -21.65
CA GLY E 268 -35.57 -0.46 -21.75
C GLY E 268 -35.56 -1.29 -20.47
N ASP E 269 -36.58 -1.13 -19.63
CA ASP E 269 -36.71 -2.02 -18.48
C ASP E 269 -37.22 -3.35 -18.96
N ARG E 270 -36.97 -4.36 -18.15
CA ARG E 270 -37.32 -5.71 -18.50
C ARG E 270 -38.82 -5.85 -18.37
N LEU E 271 -39.39 -5.30 -17.30
CA LEU E 271 -40.84 -5.39 -17.01
C LEU E 271 -41.60 -4.14 -17.44
N GLY E 272 -40.97 -2.99 -17.30
CA GLY E 272 -41.57 -1.69 -17.66
C GLY E 272 -41.69 -1.44 -19.15
N CYS E 273 -42.58 -0.52 -19.51
CA CYS E 273 -42.79 -0.10 -20.89
C CYS E 273 -43.01 1.43 -20.99
N PHE E 274 -42.15 2.17 -20.31
CA PHE E 274 -42.08 3.63 -20.39
C PHE E 274 -40.77 3.97 -21.05
N ASN E 275 -40.64 5.23 -21.50
CA ASN E 275 -39.48 5.64 -22.29
C ASN E 275 -38.74 6.82 -21.64
N LEU E 276 -38.47 6.68 -20.34
CA LEU E 276 -37.78 7.71 -19.59
C LEU E 276 -36.28 7.48 -19.53
N THR E 277 -35.55 8.58 -19.49
CA THR E 277 -34.11 8.56 -19.30
C THR E 277 -33.83 8.90 -17.87
N ILE E 278 -32.62 8.54 -17.43
CA ILE E 278 -32.16 8.87 -16.10
C ILE E 278 -32.38 10.36 -15.89
N LYS E 279 -32.06 11.15 -16.91
CA LYS E 279 -32.19 12.58 -16.79
C LYS E 279 -33.61 12.96 -16.44
N GLY E 280 -34.55 12.49 -17.24
CA GLY E 280 -35.95 12.82 -17.02
C GLY E 280 -36.42 12.34 -15.67
N HIS E 281 -36.16 11.06 -15.40
CA HIS E 281 -36.50 10.43 -14.13
C HIS E 281 -36.01 11.27 -12.97
N ALA E 282 -34.75 11.70 -13.02
CA ALA E 282 -34.16 12.50 -11.93
C ALA E 282 -34.74 13.91 -11.80
N LYS E 283 -35.10 14.51 -12.93
CA LYS E 283 -35.74 15.84 -12.93
C LYS E 283 -36.89 15.90 -11.91
N CYS E 284 -37.53 14.76 -11.67
CA CYS E 284 -38.58 14.67 -10.67
C CYS E 284 -38.01 14.78 -9.27
N VAL E 285 -36.96 14.03 -8.98
CA VAL E 285 -36.29 14.10 -7.68
C VAL E 285 -35.80 15.52 -7.40
N GLU E 286 -35.25 16.16 -8.43
CA GLU E 286 -34.71 17.52 -8.29
C GLU E 286 -35.83 18.51 -8.00
N PHE E 287 -36.96 18.33 -8.68
CA PHE E 287 -38.13 19.20 -8.49
C PHE E 287 -38.69 19.09 -7.08
N VAL E 288 -38.79 17.87 -6.59
CA VAL E 288 -39.24 17.60 -5.24
C VAL E 288 -38.27 18.24 -4.25
N LYS E 289 -37.00 17.87 -4.33
CA LYS E 289 -35.96 18.43 -3.47
C LYS E 289 -36.07 19.94 -3.37
N SER E 290 -36.40 20.60 -4.49
CA SER E 290 -36.52 22.07 -4.58
C SER E 290 -37.50 22.67 -3.55
N PHE E 291 -38.56 21.91 -3.25
CA PHE E 291 -39.51 22.27 -2.20
C PHE E 291 -38.97 22.11 -0.79
N ASN E 292 -37.67 21.94 -0.65
CA ASN E 292 -36.99 22.09 0.63
C ASN E 292 -37.79 21.55 1.81
N LEU E 293 -38.24 20.32 1.73
CA LEU E 293 -38.88 19.69 2.86
C LEU E 293 -38.03 18.50 3.26
N PRO E 294 -38.09 18.10 4.54
CA PRO E 294 -37.47 16.85 4.93
C PRO E 294 -37.89 15.76 3.96
N MET E 295 -36.91 15.10 3.35
CA MET E 295 -37.18 14.22 2.22
C MET E 295 -36.58 12.85 2.46
N LEU E 296 -37.31 11.81 2.07
CA LEU E 296 -36.88 10.46 2.28
C LEU E 296 -36.96 9.66 0.99
N MET E 297 -35.82 9.57 0.30
CA MET E 297 -35.75 8.87 -0.97
C MET E 297 -35.61 7.38 -0.76
N LEU E 298 -36.51 6.63 -1.38
CA LEU E 298 -36.45 5.19 -1.40
C LEU E 298 -36.37 4.69 -2.82
N GLY E 299 -35.98 3.47 -3.00
CA GLY E 299 -35.98 2.93 -4.31
C GLY E 299 -37.26 2.20 -4.50
N GLY E 300 -37.23 0.99 -5.02
CA GLY E 300 -38.43 0.34 -5.54
C GLY E 300 -38.09 -0.58 -6.69
N GLY E 301 -39.03 -0.72 -7.62
CA GLY E 301 -38.80 -1.49 -8.84
C GLY E 301 -37.64 -1.00 -9.72
N GLY E 302 -37.34 -1.82 -10.73
CA GLY E 302 -36.20 -1.62 -11.64
C GLY E 302 -35.66 -2.99 -11.98
N TYR E 303 -35.66 -3.36 -13.26
CA TYR E 303 -35.29 -4.74 -13.64
C TYR E 303 -34.28 -4.91 -14.81
N THR E 304 -33.78 -3.81 -15.35
CA THR E 304 -32.56 -3.79 -16.17
C THR E 304 -31.45 -3.19 -15.30
N ILE E 305 -30.88 -4.03 -14.44
CA ILE E 305 -30.10 -3.54 -13.26
C ILE E 305 -28.94 -2.58 -13.59
N ARG E 306 -28.35 -2.74 -14.77
CA ARG E 306 -27.32 -1.84 -15.23
C ARG E 306 -27.81 -0.40 -15.15
N ASN E 307 -29.06 -0.18 -15.57
CA ASN E 307 -29.67 1.15 -15.54
C ASN E 307 -30.22 1.55 -14.17
N VAL E 308 -30.71 0.56 -13.43
CA VAL E 308 -31.11 0.80 -12.05
C VAL E 308 -29.93 1.39 -11.29
N ALA E 309 -28.76 0.76 -11.44
CA ALA E 309 -27.51 1.23 -10.87
C ALA E 309 -27.24 2.66 -11.27
N ARG E 310 -27.21 2.90 -12.57
CA ARG E 310 -27.00 4.24 -13.13
C ARG E 310 -27.94 5.24 -12.48
N CYS E 311 -29.24 4.96 -12.57
CA CYS E 311 -30.28 5.89 -12.09
C CYS E 311 -30.06 6.39 -10.67
N TRP E 312 -30.08 5.46 -9.74
CA TRP E 312 -30.01 5.80 -8.32
C TRP E 312 -28.66 6.37 -7.94
N THR E 313 -27.61 6.01 -8.69
CA THR E 313 -26.32 6.67 -8.53
C THR E 313 -26.50 8.15 -8.89
N TYR E 314 -27.06 8.40 -10.08
CA TYR E 314 -27.28 9.76 -10.52
C TYR E 314 -28.18 10.50 -9.54
N GLU E 315 -29.32 9.91 -9.22
CA GLU E 315 -30.26 10.57 -8.32
C GLU E 315 -29.68 10.83 -6.92
N THR E 316 -28.66 10.07 -6.52
CA THR E 316 -28.00 10.38 -5.29
C THR E 316 -27.22 11.66 -5.47
N ALA E 317 -26.47 11.79 -6.55
CA ALA E 317 -25.80 13.05 -6.87
C ALA E 317 -26.76 14.24 -6.75
N VAL E 318 -27.98 14.06 -7.25
CA VAL E 318 -28.96 15.13 -7.27
C VAL E 318 -29.28 15.60 -5.85
N ALA E 319 -29.33 14.66 -4.92
CA ALA E 319 -29.60 15.00 -3.52
C ALA E 319 -28.43 15.75 -2.90
N LEU E 320 -27.22 15.53 -3.44
CA LEU E 320 -26.02 16.28 -3.07
C LEU E 320 -25.75 17.47 -4.01
N ASP E 321 -26.65 17.69 -4.96
CA ASP E 321 -26.45 18.72 -5.96
C ASP E 321 -24.96 18.85 -6.29
N THR E 322 -24.32 17.72 -6.63
CA THR E 322 -22.98 17.73 -7.21
C THR E 322 -23.03 17.12 -8.61
N GLU E 323 -22.11 17.56 -9.45
CA GLU E 323 -22.06 17.10 -10.83
C GLU E 323 -21.26 15.79 -10.88
N ILE E 324 -21.65 14.86 -11.75
CA ILE E 324 -20.78 13.72 -12.04
C ILE E 324 -20.66 13.51 -13.54
N PRO E 325 -19.49 13.05 -13.99
CA PRO E 325 -19.28 12.81 -15.41
C PRO E 325 -20.05 11.61 -15.94
N ASN E 326 -20.28 11.62 -17.24
CA ASN E 326 -20.97 10.54 -17.91
C ASN E 326 -20.06 9.31 -17.94
N GLU E 327 -18.75 9.57 -17.91
CA GLU E 327 -17.74 8.51 -17.77
C GLU E 327 -17.97 7.75 -16.45
N LEU E 328 -18.36 6.49 -16.55
CA LEU E 328 -18.49 5.66 -15.36
C LEU E 328 -17.12 5.36 -14.77
N PRO E 329 -16.97 5.49 -13.44
CA PRO E 329 -15.69 5.18 -12.84
C PRO E 329 -15.50 3.68 -12.78
N TYR E 330 -14.24 3.25 -12.82
CA TYR E 330 -13.94 1.84 -12.67
C TYR E 330 -14.56 1.33 -11.38
N ASN E 331 -14.96 0.07 -11.40
CA ASN E 331 -15.48 -0.57 -10.22
C ASN E 331 -15.52 -2.06 -10.41
N ASP E 332 -15.79 -2.77 -9.34
CA ASP E 332 -15.83 -4.23 -9.40
C ASP E 332 -16.75 -4.73 -10.52
N TYR E 333 -17.82 -4.00 -10.81
CA TYR E 333 -18.80 -4.44 -11.81
C TYR E 333 -18.77 -3.61 -13.06
N PHE E 334 -17.67 -2.88 -13.26
CA PHE E 334 -17.50 -2.00 -14.42
C PHE E 334 -17.84 -2.67 -15.73
N GLU E 335 -17.51 -3.95 -15.84
CA GLU E 335 -17.66 -4.67 -17.09
C GLU E 335 -19.14 -4.92 -17.39
N TYR E 336 -19.99 -4.80 -16.37
CA TYR E 336 -21.43 -4.92 -16.59
C TYR E 336 -21.96 -3.90 -17.57
N PHE E 337 -21.35 -2.72 -17.65
CA PHE E 337 -21.96 -1.59 -18.37
C PHE E 337 -21.61 -1.47 -19.86
N GLY E 338 -22.08 -2.44 -20.64
CA GLY E 338 -22.03 -2.38 -22.08
C GLY E 338 -20.66 -2.08 -22.65
N PRO E 339 -20.60 -1.83 -23.97
CA PRO E 339 -19.38 -1.36 -24.64
C PRO E 339 -19.05 0.11 -24.31
N ASP E 340 -20.09 0.85 -23.94
CA ASP E 340 -20.04 2.32 -23.72
C ASP E 340 -19.45 2.79 -22.38
N PHE E 341 -19.81 2.11 -21.29
CA PHE E 341 -19.40 2.50 -19.94
C PHE E 341 -19.73 3.93 -19.62
N LYS E 342 -20.95 4.32 -19.99
CA LYS E 342 -21.46 5.63 -19.66
C LYS E 342 -22.59 5.57 -18.66
N LEU E 343 -22.81 6.70 -17.99
CA LEU E 343 -23.83 6.82 -16.95
C LEU E 343 -25.24 6.95 -17.50
N HIS E 344 -25.38 7.74 -18.56
CA HIS E 344 -26.70 8.08 -19.06
C HIS E 344 -27.22 7.09 -20.06
N ILE E 345 -28.54 7.04 -20.19
CA ILE E 345 -29.21 6.32 -21.27
C ILE E 345 -30.04 7.34 -22.05
N SER E 346 -30.26 7.05 -23.33
CA SER E 346 -31.07 7.85 -24.24
C SER E 346 -32.39 7.12 -24.48
N PRO E 347 -33.43 7.83 -24.95
CA PRO E 347 -34.74 7.17 -25.13
C PRO E 347 -34.78 6.34 -26.40
N SER E 348 -35.69 5.36 -26.49
CA SER E 348 -35.82 4.51 -27.69
C SER E 348 -36.76 5.09 -28.74
N ASN E 349 -36.78 4.50 -29.94
CA ASN E 349 -37.70 4.93 -31.03
C ASN E 349 -39.17 4.63 -30.68
N MET E 350 -39.36 3.92 -29.58
CA MET E 350 -40.66 3.55 -29.11
C MET E 350 -41.65 4.66 -29.09
N THR E 351 -42.88 4.34 -29.46
CA THR E 351 -43.95 5.31 -29.76
C THR E 351 -44.75 5.71 -28.52
N ASN E 352 -44.82 7.01 -28.26
CA ASN E 352 -45.50 7.52 -27.09
C ASN E 352 -47.01 7.59 -27.29
N GLN E 353 -47.74 6.62 -26.75
CA GLN E 353 -49.20 6.57 -26.92
C GLN E 353 -49.98 7.41 -25.90
N ASN E 354 -49.31 8.42 -25.35
CA ASN E 354 -49.94 9.38 -24.45
C ASN E 354 -50.12 10.73 -25.14
N THR E 355 -51.13 10.82 -26.00
CA THR E 355 -51.38 12.02 -26.76
C THR E 355 -51.67 13.17 -25.83
N ASN E 356 -51.30 14.37 -26.26
CA ASN E 356 -51.55 15.59 -25.48
C ASN E 356 -52.99 15.72 -25.00
N GLU E 357 -53.93 15.27 -25.84
CA GLU E 357 -55.35 15.34 -25.50
C GLU E 357 -55.65 14.45 -24.30
N TYR E 358 -55.09 13.24 -24.29
CA TYR E 358 -55.34 12.31 -23.21
C TYR E 358 -54.75 12.70 -21.86
N LEU E 359 -53.60 13.36 -21.88
CA LEU E 359 -52.92 13.82 -20.66
C LEU E 359 -53.60 15.02 -20.04
N GLU E 360 -54.06 15.96 -20.88
CA GLU E 360 -54.79 17.16 -20.44
C GLU E 360 -56.19 16.86 -19.91
N LYS E 361 -56.87 15.86 -20.46
CA LYS E 361 -58.13 15.41 -19.88
C LYS E 361 -57.89 15.02 -18.42
N ILE E 362 -56.95 14.11 -18.20
CA ILE E 362 -56.66 13.60 -16.87
C ILE E 362 -56.18 14.68 -15.92
N LYS E 363 -55.18 15.43 -16.38
CA LYS E 363 -54.65 16.55 -15.62
C LYS E 363 -55.80 17.40 -15.04
N GLN E 364 -56.67 17.87 -15.92
CA GLN E 364 -57.77 18.70 -15.46
C GLN E 364 -58.60 17.99 -14.38
N ARG E 365 -58.96 16.73 -14.60
CA ARG E 365 -59.76 16.00 -13.60
C ARG E 365 -59.08 16.02 -12.24
N LEU E 366 -57.75 15.94 -12.23
CA LEU E 366 -56.97 15.89 -10.97
C LEU E 366 -56.92 17.25 -10.30
N PHE E 367 -56.77 18.28 -11.12
CA PHE E 367 -56.78 19.67 -10.65
C PHE E 367 -58.08 20.01 -9.94
N GLU E 368 -59.17 19.45 -10.45
CA GLU E 368 -60.46 19.55 -9.77
C GLU E 368 -60.44 18.82 -8.43
N ASN E 369 -60.01 17.57 -8.46
CA ASN E 369 -59.91 16.80 -7.22
C ASN E 369 -59.11 17.56 -6.19
N LEU E 370 -57.95 18.05 -6.57
CA LEU E 370 -57.11 18.76 -5.60
C LEU E 370 -57.75 20.05 -5.09
N ARG E 371 -58.53 20.72 -5.92
CA ARG E 371 -59.18 21.95 -5.48
C ARG E 371 -60.17 21.73 -4.31
N MET E 372 -60.69 20.51 -4.19
CA MET E 372 -61.65 20.14 -3.13
C MET E 372 -61.07 20.23 -1.71
N LEU E 373 -59.74 20.22 -1.60
CA LEU E 373 -59.07 20.38 -0.30
C LEU E 373 -59.26 21.79 0.25
N PRO E 374 -59.10 21.94 1.57
CA PRO E 374 -59.21 23.26 2.18
C PRO E 374 -57.99 24.14 1.90
N HIS E 375 -58.23 25.45 1.74
CA HIS E 375 -57.18 26.44 1.46
C HIS E 375 -57.71 27.84 1.80
N ALA E 376 -56.97 28.90 1.47
CA ALA E 376 -57.45 30.28 1.72
C ALA E 376 -57.13 31.21 0.54
C1 IHP F . 38.73 -10.27 -4.09
C2 IHP F . 37.30 -9.79 -4.20
C3 IHP F . 37.21 -8.31 -3.88
C4 IHP F . 38.09 -7.48 -4.82
C5 IHP F . 39.52 -8.00 -4.83
C6 IHP F . 39.62 -9.51 -5.08
O11 IHP F . 38.75 -11.69 -4.28
P1 IHP F . 39.18 -12.65 -3.05
O21 IHP F . 38.37 -12.19 -1.86
O31 IHP F . 40.65 -12.35 -2.91
O41 IHP F . 38.83 -14.02 -3.58
O12 IHP F . 36.49 -10.53 -3.28
P2 IHP F . 35.27 -11.40 -3.85
O22 IHP F . 34.38 -11.69 -2.65
O32 IHP F . 34.69 -10.45 -4.89
O42 IHP F . 35.94 -12.64 -4.45
O13 IHP F . 37.52 -8.07 -2.49
P3 IHP F . 36.41 -7.43 -1.47
O23 IHP F . 35.21 -8.32 -1.70
O33 IHP F . 36.99 -7.54 -0.05
O43 IHP F . 36.22 -6.03 -2.01
O14 IHP F . 38.03 -6.09 -4.42
P4 IHP F . 37.59 -4.92 -5.44
O24 IHP F . 38.76 -4.86 -6.39
O34 IHP F . 36.31 -5.44 -6.02
O44 IHP F . 37.41 -3.65 -4.64
O15 IHP F . 40.26 -7.29 -5.83
P5 IHP F . 41.60 -6.48 -5.44
O25 IHP F . 42.58 -7.57 -5.01
O35 IHP F . 41.92 -5.73 -6.71
O45 IHP F . 41.21 -5.58 -4.28
O16 IHP F . 40.98 -9.92 -4.93
P6 IHP F . 41.84 -10.50 -6.17
O26 IHP F . 43.18 -10.82 -5.55
O36 IHP F . 41.04 -11.70 -6.66
O46 IHP F . 41.90 -9.35 -7.14
C1 IHP G . -29.26 -12.21 -18.82
C2 IHP G . -28.00 -11.96 -18.02
C3 IHP G . -28.34 -11.62 -16.58
C4 IHP G . -29.15 -12.74 -15.92
C5 IHP G . -30.37 -13.10 -16.76
C6 IHP G . -30.04 -13.38 -18.22
O11 IHP G . -28.88 -12.41 -20.19
P1 IHP G . -29.35 -11.33 -21.30
O21 IHP G . -28.97 -9.98 -20.75
O31 IHP G . -30.84 -11.54 -21.36
O41 IHP G . -28.56 -11.77 -22.52
O12 IHP G . -27.27 -10.89 -18.61
P2 IHP G . -25.78 -11.16 -19.14
O22 IHP G . -25.15 -9.79 -19.29
O32 IHP G . -25.22 -12.03 -18.01
O42 IHP G . -25.97 -11.91 -20.45
O13 IHP G . -29.01 -10.34 -16.52
P3 IHP G . -28.35 -9.08 -15.71
O23 IHP G . -26.95 -9.03 -16.27
O33 IHP G . -29.20 -7.84 -16.03
O43 IHP G . -28.38 -9.55 -14.26
O14 IHP G . -29.51 -12.33 -14.58
P4 IHP G . -29.15 -13.19 -13.27
O24 IHP G . -30.04 -14.40 -13.43
O34 IHP G . -27.68 -13.46 -13.44
O44 IHP G . -29.46 -12.37 -12.05
O15 IHP G . -31.01 -14.24 -16.18
P5 IHP G . -32.56 -14.17 -15.71
O25 IHP G . -33.31 -14.00 -17.03
O35 IHP G . -32.74 -15.47 -14.97
O45 IHP G . -32.66 -12.95 -14.83
O16 IHP G . -31.26 -13.57 -18.95
P6 IHP G . -31.66 -14.97 -19.63
O26 IHP G . -32.98 -14.69 -20.29
O36 IHP G . -30.50 -15.28 -20.57
O46 IHP G . -31.76 -15.92 -18.45
ZN ZN H . 46.83 1.15 9.05
K K I . 48.51 3.04 15.71
K K J . 53.39 15.92 20.98
ZN ZN K . -42.65 -1.29 -10.46
K K L . -46.22 4.79 -9.44
K K M . -55.13 8.85 1.60
#